data_7JH8
# 
_entry.id   7JH8 
# 
_audit_conform.dict_name       mmcif_pdbx.dic 
_audit_conform.dict_version    5.380 
_audit_conform.dict_location   http://mmcif.pdb.org/dictionaries/ascii/mmcif_pdbx.dic 
# 
loop_
_database_2.database_id 
_database_2.database_code 
_database_2.pdbx_database_accession 
_database_2.pdbx_DOI 
PDB   7JH8         pdb_00007jh8 10.2210/pdb7jh8/pdb 
WWPDB D_1000250245 ?            ?                   
# 
_pdbx_database_status.status_code                     REL 
_pdbx_database_status.status_code_sf                  REL 
_pdbx_database_status.status_code_mr                  ? 
_pdbx_database_status.entry_id                        7JH8 
_pdbx_database_status.recvd_initial_deposition_date   2020-07-20 
_pdbx_database_status.SG_entry                        N 
_pdbx_database_status.deposit_site                    RCSB 
_pdbx_database_status.process_site                    RCSB 
_pdbx_database_status.status_code_cs                  ? 
_pdbx_database_status.status_code_nmr_data            ? 
_pdbx_database_status.methods_development_category    ? 
_pdbx_database_status.pdb_format_compatible           Y 
# 
loop_
_audit_author.name 
_audit_author.pdbx_ordinal 
_audit_author.identifier_ORCID 
'Simmons, C.R.'      1 0000-0002-2290-6132 
'MacCulloch, T.'     2 0000-0001-5875-3361 
'Stephanopoulos, N.' 3 0000-0001-7859-410X 
'Yan, H.'            4 0000-0001-7397-9852 
# 
_citation.abstract                  ? 
_citation.abstract_id_CAS           ? 
_citation.book_id_ISBN              ? 
_citation.book_publisher            ? 
_citation.book_publisher_city       ? 
_citation.book_title                ? 
_citation.coordinate_linkage        ? 
_citation.country                   UK 
_citation.database_id_Medline       ? 
_citation.details                   ? 
_citation.id                        primary 
_citation.journal_abbrev            'Nat Commun' 
_citation.journal_id_ASTM           ? 
_citation.journal_id_CSD            ? 
_citation.journal_id_ISSN           2041-1723 
_citation.journal_full              ? 
_citation.journal_issue             ? 
_citation.journal_volume            13 
_citation.language                  ? 
_citation.page_first                3112 
_citation.page_last                 3112 
_citation.title                     'The influence of Holliday junction sequence and dynamics on DNA crystal self-assembly.' 
_citation.year                      2022 
_citation.database_id_CSD           ? 
_citation.pdbx_database_id_DOI      10.1038/s41467-022-30779-6 
_citation.pdbx_database_id_PubMed   35662248 
_citation.unpublished_flag          ? 
# 
loop_
_citation_author.citation_id 
_citation_author.name 
_citation_author.ordinal 
_citation_author.identifier_ORCID 
primary 'Simmons, C.R.'      1  ?                   
primary 'MacCulloch, T.'     2  ?                   
primary 'Krepl, M.'          3  0000-0002-9833-4281 
primary 'Matthies, M.'       4  ?                   
primary 'Buchberger, A.'     5  ?                   
primary 'Crawford, I.'       6  ?                   
primary 'Sponer, J.'         7  0000-0001-6558-6186 
primary 'Sulc, P.'           8  0000-0003-1565-6769 
primary 'Stephanopoulos, N.' 9  0000-0001-7859-410X 
primary 'Yan, H.'            10 0000-0001-7397-9852 
# 
_cell.angle_alpha                  90.000 
_cell.angle_alpha_esd              ? 
_cell.angle_beta                   90.000 
_cell.angle_beta_esd               ? 
_cell.angle_gamma                  120.000 
_cell.angle_gamma_esd              ? 
_cell.entry_id                     7JH8 
_cell.details                      ? 
_cell.formula_units_Z              ? 
_cell.length_a                     68.074 
_cell.length_a_esd                 ? 
_cell.length_b                     68.074 
_cell.length_b_esd                 ? 
_cell.length_c                     56.063 
_cell.length_c_esd                 ? 
_cell.volume                       ? 
_cell.volume_esd                   ? 
_cell.Z_PDB                        3 
_cell.reciprocal_angle_alpha       ? 
_cell.reciprocal_angle_beta        ? 
_cell.reciprocal_angle_gamma       ? 
_cell.reciprocal_angle_alpha_esd   ? 
_cell.reciprocal_angle_beta_esd    ? 
_cell.reciprocal_angle_gamma_esd   ? 
_cell.reciprocal_length_a          ? 
_cell.reciprocal_length_b          ? 
_cell.reciprocal_length_c          ? 
_cell.reciprocal_length_a_esd      ? 
_cell.reciprocal_length_b_esd      ? 
_cell.reciprocal_length_c_esd      ? 
_cell.pdbx_unique_axis             ? 
# 
_symmetry.entry_id                         7JH8 
_symmetry.cell_setting                     ? 
_symmetry.Int_Tables_number                145 
_symmetry.space_group_name_Hall            ? 
_symmetry.space_group_name_H-M             'P 32' 
_symmetry.pdbx_full_space_group_name_H-M   ? 
# 
loop_
_entity.id 
_entity.type 
_entity.src_method 
_entity.pdbx_description 
_entity.formula_weight 
_entity.pdbx_number_of_molecules 
_entity.pdbx_ec 
_entity.pdbx_mutation 
_entity.pdbx_fragment 
_entity.details 
1 polymer syn 
;DNA (5'-D(*GP*AP*GP*CP*AP*GP*AP*CP*GP*TP*GP*A)-3')
;
3736.455 1 ? ? ? ? 
2 polymer syn 
;DNA (5'-D(P*CP*GP*AP*GP*AP*CP*TP*CP*A)-3')
;
2724.813 1 ? ? ? ? 
3 polymer syn 
;DNA (5'-D(P*TP*CP*AP*TP*CP*G)-3')
;
1784.204 1 ? ? ? ? 
4 polymer syn 
;DNA (5'-D(*TP*CP*TP*GP*AP*GP*TP*CP*GP*GP*TP*CP*TP*GP*C)-3')
;
4591.969 1 ? ? ? ? 
# 
loop_
_entity_poly.entity_id 
_entity_poly.type 
_entity_poly.nstd_linkage 
_entity_poly.nstd_monomer 
_entity_poly.pdbx_seq_one_letter_code 
_entity_poly.pdbx_seq_one_letter_code_can 
_entity_poly.pdbx_strand_id 
_entity_poly.pdbx_target_identifier 
1 polydeoxyribonucleotide no no '(DG)(DA)(DG)(DC)(DA)(DG)(DA)(DC)(DG)(DT)(DG)(DA)'             GAGCAGACGTGA    A ? 
2 polydeoxyribonucleotide no no '(DC)(DG)(DA)(DG)(DA)(DC)(DT)(DC)(DA)'                         CGAGACTCA       B ? 
3 polydeoxyribonucleotide no no '(DT)(DC)(DA)(DT)(DC)(DG)'                                     TCATCG          C ? 
4 polydeoxyribonucleotide no no '(DT)(DC)(DT)(DG)(DA)(DG)(DT)(DC)(DG)(DG)(DT)(DC)(DT)(DG)(DC)' TCTGAGTCGGTCTGC D ? 
# 
loop_
_entity_poly_seq.entity_id 
_entity_poly_seq.num 
_entity_poly_seq.mon_id 
_entity_poly_seq.hetero 
1 1  DG n 
1 2  DA n 
1 3  DG n 
1 4  DC n 
1 5  DA n 
1 6  DG n 
1 7  DA n 
1 8  DC n 
1 9  DG n 
1 10 DT n 
1 11 DG n 
1 12 DA n 
2 1  DC n 
2 2  DG n 
2 3  DA n 
2 4  DG n 
2 5  DA n 
2 6  DC n 
2 7  DT n 
2 8  DC n 
2 9  DA n 
3 1  DT n 
3 2  DC n 
3 3  DA n 
3 4  DT n 
3 5  DC n 
3 6  DG n 
4 1  DT n 
4 2  DC n 
4 3  DT n 
4 4  DG n 
4 5  DA n 
4 6  DG n 
4 7  DT n 
4 8  DC n 
4 9  DG n 
4 10 DG n 
4 11 DT n 
4 12 DC n 
4 13 DT n 
4 14 DG n 
4 15 DC n 
# 
loop_
_pdbx_entity_src_syn.entity_id 
_pdbx_entity_src_syn.pdbx_src_id 
_pdbx_entity_src_syn.pdbx_alt_source_flag 
_pdbx_entity_src_syn.pdbx_beg_seq_num 
_pdbx_entity_src_syn.pdbx_end_seq_num 
_pdbx_entity_src_syn.organism_scientific 
_pdbx_entity_src_syn.organism_common_name 
_pdbx_entity_src_syn.ncbi_taxonomy_id 
_pdbx_entity_src_syn.details 
1 1 sample 1 12 'synthetic construct' ? 32630 ? 
2 1 sample 1 9  'synthetic construct' ? 32630 ? 
3 1 sample 1 6  'synthetic construct' ? 32630 ? 
4 1 sample 1 15 'synthetic construct' ? 32630 ? 
# 
loop_
_struct_ref.id 
_struct_ref.db_name 
_struct_ref.db_code 
_struct_ref.pdbx_db_accession 
_struct_ref.pdbx_db_isoform 
_struct_ref.entity_id 
_struct_ref.pdbx_seq_one_letter_code 
_struct_ref.pdbx_align_begin 
1 PDB 7JH8 7JH8 ? 1 ? 1 
2 PDB 7JH8 7JH8 ? 2 ? 1 
3 PDB 7JH8 7JH8 ? 3 ? 1 
4 PDB 7JH8 7JH8 ? 4 ? 1 
# 
loop_
_struct_ref_seq.align_id 
_struct_ref_seq.ref_id 
_struct_ref_seq.pdbx_PDB_id_code 
_struct_ref_seq.pdbx_strand_id 
_struct_ref_seq.seq_align_beg 
_struct_ref_seq.pdbx_seq_align_beg_ins_code 
_struct_ref_seq.seq_align_end 
_struct_ref_seq.pdbx_seq_align_end_ins_code 
_struct_ref_seq.pdbx_db_accession 
_struct_ref_seq.db_align_beg 
_struct_ref_seq.pdbx_db_align_beg_ins_code 
_struct_ref_seq.db_align_end 
_struct_ref_seq.pdbx_db_align_end_ins_code 
_struct_ref_seq.pdbx_auth_seq_align_beg 
_struct_ref_seq.pdbx_auth_seq_align_end 
1 1 7JH8 A 1 ? 12 ? 7JH8 1  ? 12 ? 1  12 
2 2 7JH8 B 1 ? 9  ? 7JH8 12 ? 20 ? 12 20 
3 3 7JH8 C 1 ? 6  ? 7JH8 0  ? 5  ? 0  5  
4 4 7JH8 D 1 ? 15 ? 7JH8 2  ? 16 ? 2  16 
# 
loop_
_chem_comp.id 
_chem_comp.type 
_chem_comp.mon_nstd_flag 
_chem_comp.name 
_chem_comp.pdbx_synonyms 
_chem_comp.formula 
_chem_comp.formula_weight 
DA 'DNA linking' y "2'-DEOXYADENOSINE-5'-MONOPHOSPHATE" ? 'C10 H14 N5 O6 P' 331.222 
DC 'DNA linking' y "2'-DEOXYCYTIDINE-5'-MONOPHOSPHATE"  ? 'C9 H14 N3 O7 P'  307.197 
DG 'DNA linking' y "2'-DEOXYGUANOSINE-5'-MONOPHOSPHATE" ? 'C10 H14 N5 O7 P' 347.221 
DT 'DNA linking' y "THYMIDINE-5'-MONOPHOSPHATE"         ? 'C10 H15 N2 O8 P' 322.208 
# 
_exptl.absorpt_coefficient_mu     ? 
_exptl.absorpt_correction_T_max   ? 
_exptl.absorpt_correction_T_min   ? 
_exptl.absorpt_correction_type    ? 
_exptl.absorpt_process_details    ? 
_exptl.entry_id                   7JH8 
_exptl.crystals_number            1 
_exptl.details                    ? 
_exptl.method                     'X-RAY DIFFRACTION' 
_exptl.method_details             ? 
# 
_exptl_crystal.colour                      ? 
_exptl_crystal.density_diffrn              ? 
_exptl_crystal.density_Matthews            5.84 
_exptl_crystal.density_method              ? 
_exptl_crystal.density_percent_sol         78.95 
_exptl_crystal.description                 ? 
_exptl_crystal.F_000                       ? 
_exptl_crystal.id                          1 
_exptl_crystal.preparation                 ? 
_exptl_crystal.size_max                    ? 
_exptl_crystal.size_mid                    ? 
_exptl_crystal.size_min                    ? 
_exptl_crystal.size_rad                    ? 
_exptl_crystal.colour_lustre               ? 
_exptl_crystal.colour_modifier             ? 
_exptl_crystal.colour_primary              ? 
_exptl_crystal.density_meas                ? 
_exptl_crystal.density_meas_esd            ? 
_exptl_crystal.density_meas_gt             ? 
_exptl_crystal.density_meas_lt             ? 
_exptl_crystal.density_meas_temp           ? 
_exptl_crystal.density_meas_temp_esd       ? 
_exptl_crystal.density_meas_temp_gt        ? 
_exptl_crystal.density_meas_temp_lt        ? 
_exptl_crystal.pdbx_crystal_image_url      ? 
_exptl_crystal.pdbx_crystal_image_format   ? 
_exptl_crystal.pdbx_mosaicity              ? 
_exptl_crystal.pdbx_mosaicity_esd          ? 
# 
_exptl_crystal_grow.apparatus       ? 
_exptl_crystal_grow.atmosphere      ? 
_exptl_crystal_grow.crystal_id      1 
_exptl_crystal_grow.details         ? 
_exptl_crystal_grow.method          'VAPOR DIFFUSION, SITTING DROP' 
_exptl_crystal_grow.method_ref      ? 
_exptl_crystal_grow.pH              ? 
_exptl_crystal_grow.pressure        ? 
_exptl_crystal_grow.pressure_esd    ? 
_exptl_crystal_grow.seeding         ? 
_exptl_crystal_grow.seeding_ref     ? 
_exptl_crystal_grow.temp            298 
_exptl_crystal_grow.temp_details    'temperature gradient generated from 60 to 25 C at 0.3 degrees per hour' 
_exptl_crystal_grow.temp_esd        ? 
_exptl_crystal_grow.time            ? 
_exptl_crystal_grow.pdbx_details    
;0.5 mL of 0.05 M Cacodylate pH 6.5 with 30 mM MgCl2, 1.0 mM spermine, and 1.3 M Li2SO4 was added to the reservoir with 2 uL added to the drop containing 4 uL of DNA stock
;
_exptl_crystal_grow.pdbx_pH_range   ? 
# 
_diffrn.ambient_environment              ? 
_diffrn.ambient_temp                     100 
_diffrn.ambient_temp_details             ? 
_diffrn.ambient_temp_esd                 ? 
_diffrn.crystal_id                       1 
_diffrn.crystal_support                  ? 
_diffrn.crystal_treatment                ? 
_diffrn.details                          ? 
_diffrn.id                               1 
_diffrn.ambient_pressure                 ? 
_diffrn.ambient_pressure_esd             ? 
_diffrn.ambient_pressure_gt              ? 
_diffrn.ambient_pressure_lt              ? 
_diffrn.ambient_temp_gt                  ? 
_diffrn.ambient_temp_lt                  ? 
_diffrn.pdbx_serial_crystal_experiment   N 
# 
_diffrn_detector.details                      ? 
_diffrn_detector.detector                     CCD 
_diffrn_detector.diffrn_id                    1 
_diffrn_detector.type                         'ADSC QUANTUM 210r' 
_diffrn_detector.area_resol_mean              ? 
_diffrn_detector.dtime                        ? 
_diffrn_detector.pdbx_frames_total            ? 
_diffrn_detector.pdbx_collection_time_total   ? 
_diffrn_detector.pdbx_collection_date         2017-12-15 
_diffrn_detector.pdbx_frequency               ? 
# 
_diffrn_radiation.collimation                      ? 
_diffrn_radiation.diffrn_id                        1 
_diffrn_radiation.filter_edge                      ? 
_diffrn_radiation.inhomogeneity                    ? 
_diffrn_radiation.monochromator                    ? 
_diffrn_radiation.polarisn_norm                    ? 
_diffrn_radiation.polarisn_ratio                   ? 
_diffrn_radiation.probe                            ? 
_diffrn_radiation.type                             ? 
_diffrn_radiation.xray_symbol                      ? 
_diffrn_radiation.wavelength_id                    1 
_diffrn_radiation.pdbx_monochromatic_or_laue_m_l   M 
_diffrn_radiation.pdbx_wavelength_list             ? 
_diffrn_radiation.pdbx_wavelength                  ? 
_diffrn_radiation.pdbx_diffrn_protocol             'SINGLE WAVELENGTH' 
_diffrn_radiation.pdbx_analyzer                    ? 
_diffrn_radiation.pdbx_scattering_type             x-ray 
# 
_diffrn_radiation_wavelength.id           1 
_diffrn_radiation_wavelength.wavelength   1 
_diffrn_radiation_wavelength.wt           1.0 
# 
_diffrn_source.current                     ? 
_diffrn_source.details                     ? 
_diffrn_source.diffrn_id                   1 
_diffrn_source.power                       ? 
_diffrn_source.size                        ? 
_diffrn_source.source                      SYNCHROTRON 
_diffrn_source.target                      ? 
_diffrn_source.type                        'APS BEAMLINE 19-BM' 
_diffrn_source.voltage                     ? 
_diffrn_source.take-off_angle              ? 
_diffrn_source.pdbx_wavelength_list        1 
_diffrn_source.pdbx_wavelength             ? 
_diffrn_source.pdbx_synchrotron_beamline   19-BM 
_diffrn_source.pdbx_synchrotron_site       APS 
# 
_reflns.B_iso_Wilson_estimate            88.470 
_reflns.entry_id                         7JH8 
_reflns.data_reduction_details           ? 
_reflns.data_reduction_method            ? 
_reflns.d_resolution_high                3.087 
_reflns.d_resolution_low                 50.000 
_reflns.details                          ? 
_reflns.limit_h_max                      ? 
_reflns.limit_h_min                      ? 
_reflns.limit_k_max                      ? 
_reflns.limit_k_min                      ? 
_reflns.limit_l_max                      ? 
_reflns.limit_l_min                      ? 
_reflns.number_all                       ? 
_reflns.number_obs                       4830 
_reflns.observed_criterion               ? 
_reflns.observed_criterion_F_max         ? 
_reflns.observed_criterion_F_min         ? 
_reflns.observed_criterion_I_max         ? 
_reflns.observed_criterion_I_min         ? 
_reflns.observed_criterion_sigma_F       ? 
_reflns.observed_criterion_sigma_I       ? 
_reflns.percent_possible_obs             90.300 
_reflns.R_free_details                   ? 
_reflns.Rmerge_F_all                     ? 
_reflns.Rmerge_F_obs                     ? 
_reflns.Friedel_coverage                 ? 
_reflns.number_gt                        ? 
_reflns.threshold_expression             ? 
_reflns.pdbx_redundancy                  7.100 
_reflns.pdbx_Rmerge_I_obs                0.068 
_reflns.pdbx_Rmerge_I_all                ? 
_reflns.pdbx_Rsym_value                  ? 
_reflns.pdbx_netI_over_av_sigmaI         ? 
_reflns.pdbx_netI_over_sigmaI            11.500 
_reflns.pdbx_res_netI_over_av_sigmaI_2   ? 
_reflns.pdbx_res_netI_over_sigmaI_2      ? 
_reflns.pdbx_chi_squared                 1.787 
_reflns.pdbx_scaling_rejects             ? 
_reflns.pdbx_d_res_high_opt              ? 
_reflns.pdbx_d_res_low_opt               ? 
_reflns.pdbx_d_res_opt_method            ? 
_reflns.phase_calculation_details        ? 
_reflns.pdbx_Rrim_I_all                  0.073 
_reflns.pdbx_Rpim_I_all                  0.026 
_reflns.pdbx_d_opt                       ? 
_reflns.pdbx_number_measured_all         ? 
_reflns.pdbx_diffrn_id                   1 
_reflns.pdbx_ordinal                     1 
_reflns.pdbx_CC_half                     0.993 
_reflns.pdbx_CC_star                     ? 
_reflns.pdbx_R_split                     ? 
# 
loop_
_reflns_shell.d_res_high 
_reflns_shell.d_res_low 
_reflns_shell.meanI_over_sigI_all 
_reflns_shell.meanI_over_sigI_obs 
_reflns_shell.number_measured_all 
_reflns_shell.number_measured_obs 
_reflns_shell.number_possible 
_reflns_shell.number_unique_all 
_reflns_shell.number_unique_obs 
_reflns_shell.percent_possible_all 
_reflns_shell.percent_possible_obs 
_reflns_shell.Rmerge_F_all 
_reflns_shell.Rmerge_F_obs 
_reflns_shell.Rmerge_I_all 
_reflns_shell.Rmerge_I_obs 
_reflns_shell.meanI_over_sigI_gt 
_reflns_shell.meanI_over_uI_all 
_reflns_shell.meanI_over_uI_gt 
_reflns_shell.number_measured_gt 
_reflns_shell.number_unique_gt 
_reflns_shell.percent_possible_gt 
_reflns_shell.Rmerge_F_gt 
_reflns_shell.Rmerge_I_gt 
_reflns_shell.pdbx_redundancy 
_reflns_shell.pdbx_Rsym_value 
_reflns_shell.pdbx_chi_squared 
_reflns_shell.pdbx_netI_over_sigmaI_all 
_reflns_shell.pdbx_netI_over_sigmaI_obs 
_reflns_shell.pdbx_Rrim_I_all 
_reflns_shell.pdbx_Rpim_I_all 
_reflns_shell.pdbx_rejects 
_reflns_shell.pdbx_ordinal 
_reflns_shell.pdbx_diffrn_id 
_reflns_shell.pdbx_CC_half 
_reflns_shell.pdbx_CC_star 
_reflns_shell.pdbx_R_split 
3.100 3.150  ? ? ? ? ? ? 172 62.500  ? ? ? ? 0.373 ? ? ? ? ? ? ? ? 5.600 ? 1.552 ? ? 0.403 0.148 ? 1  1 0.958 ? ? 
3.150 3.210  ? ? ? ? ? ? 173 69.200  ? ? ? ? 0.139 ? ? ? ? ? ? ? ? 6.500 ? 1.936 ? ? 0.148 0.051 ? 2  1 0.995 ? ? 
3.210 3.270  ? ? ? ? ? ? 220 74.300  ? ? ? ? 0.104 ? ? ? ? ? ? ? ? 6.000 ? 2.423 ? ? 0.111 0.038 ? 3  1 0.996 ? ? 
3.270 3.340  ? ? ? ? ? ? 184 76.700  ? ? ? ? 0.130 ? ? ? ? ? ? ? ? 6.000 ? 1.861 ? ? 0.139 0.050 ? 4  1 0.996 ? ? 
3.340 3.410  ? ? ? ? ? ? 237 83.700  ? ? ? ? 0.104 ? ? ? ? ? ? ? ? 6.700 ? 2.057 ? ? 0.111 0.038 ? 5  1 0.997 ? ? 
3.410 3.490  ? ? ? ? ? ? 208 82.200  ? ? ? ? 0.174 ? ? ? ? ? ? ? ? 6.300 ? 1.634 ? ? 0.186 0.066 ? 6  1 0.992 ? ? 
3.490 3.580  ? ? ? ? ? ? 241 88.300  ? ? ? ? 0.144 ? ? ? ? ? ? ? ? 6.700 ? 1.670 ? ? 0.154 0.054 ? 7  1 0.996 ? ? 
3.580 3.680  ? ? ? ? ? ? 239 90.500  ? ? ? ? 0.239 ? ? ? ? ? ? ? ? 6.700 ? 1.526 ? ? 0.257 0.092 ? 8  1 0.984 ? ? 
3.680 3.780  ? ? ? ? ? ? 254 90.700  ? ? ? ? 0.243 ? ? ? ? ? ? ? ? 7.000 ? 1.735 ? ? 0.261 0.093 ? 9  1 0.979 ? ? 
3.780 3.910  ? ? ? ? ? ? 222 92.900  ? ? ? ? 0.313 ? ? ? ? ? ? ? ? 6.800 ? 1.479 ? ? 0.337 0.122 ? 10 1 0.974 ? ? 
3.910 4.040  ? ? ? ? ? ? 281 97.600  ? ? ? ? 0.250 ? ? ? ? ? ? ? ? 7.200 ? 2.332 ? ? 0.269 0.096 ? 11 1 0.973 ? ? 
4.040 4.210  ? ? ? ? ? ? 266 100.000 ? ? ? ? 0.165 ? ? ? ? ? ? ? ? 7.500 ? 1.387 ? ? 0.177 0.064 ? 12 1 0.992 ? ? 
4.210 4.400  ? ? ? ? ? ? 273 100.000 ? ? ? ? 0.193 ? ? ? ? ? ? ? ? 7.600 ? 1.768 ? ? 0.207 0.074 ? 13 1 0.992 ? ? 
4.400 4.630  ? ? ? ? ? ? 261 100.000 ? ? ? ? 0.198 ? ? ? ? ? ? ? ? 7.700 ? 1.636 ? ? 0.212 0.076 ? 14 1 0.984 ? ? 
4.630 4.920  ? ? ? ? ? ? 278 100.000 ? ? ? ? 0.139 ? ? ? ? ? ? ? ? 7.700 ? 1.524 ? ? 0.150 0.054 ? 15 1 0.993 ? ? 
4.920 5.300  ? ? ? ? ? ? 260 100.000 ? ? ? ? 0.079 ? ? ? ? ? ? ? ? 7.800 ? 1.562 ? ? 0.085 0.030 ? 16 1 0.998 ? ? 
5.300 5.830  ? ? ? ? ? ? 253 100.000 ? ? ? ? 0.061 ? ? ? ? ? ? ? ? 7.800 ? 1.577 ? ? 0.065 0.023 ? 17 1 0.998 ? ? 
5.830 6.670  ? ? ? ? ? ? 279 100.000 ? ? ? ? 0.049 ? ? ? ? ? ? ? ? 7.700 ? 1.440 ? ? 0.052 0.019 ? 18 1 0.999 ? ? 
6.670 8.400  ? ? ? ? ? ? 260 100.000 ? ? ? ? 0.031 ? ? ? ? ? ? ? ? 7.700 ? 1.445 ? ? 0.033 0.012 ? 19 1 1.000 ? ? 
8.400 50.000 ? ? ? ? ? ? 269 97.800  ? ? ? ? 0.032 ? ? ? ? ? ? ? ? 7.300 ? 3.341 ? ? 0.035 0.013 ? 20 1 0.998 ? ? 
# 
_refine.aniso_B[1][1]                            ? 
_refine.aniso_B[1][2]                            ? 
_refine.aniso_B[1][3]                            ? 
_refine.aniso_B[2][2]                            ? 
_refine.aniso_B[2][3]                            ? 
_refine.aniso_B[3][3]                            ? 
_refine.B_iso_max                                168.830 
_refine.B_iso_mean                               100.9652 
_refine.B_iso_min                                47.590 
_refine.correlation_coeff_Fo_to_Fc               ? 
_refine.correlation_coeff_Fo_to_Fc_free          ? 
_refine.details                                  ? 
_refine.diff_density_max                         ? 
_refine.diff_density_max_esd                     ? 
_refine.diff_density_min                         ? 
_refine.diff_density_min_esd                     ? 
_refine.diff_density_rms                         ? 
_refine.diff_density_rms_esd                     ? 
_refine.entry_id                                 7JH8 
_refine.pdbx_refine_id                           'X-RAY DIFFRACTION' 
_refine.ls_abs_structure_details                 ? 
_refine.ls_abs_structure_Flack                   ? 
_refine.ls_abs_structure_Flack_esd               ? 
_refine.ls_abs_structure_Rogers                  ? 
_refine.ls_abs_structure_Rogers_esd              ? 
_refine.ls_d_res_high                            3.0870 
_refine.ls_d_res_low                             34.0370 
_refine.ls_extinction_coef                       ? 
_refine.ls_extinction_coef_esd                   ? 
_refine.ls_extinction_expression                 ? 
_refine.ls_extinction_method                     ? 
_refine.ls_goodness_of_fit_all                   ? 
_refine.ls_goodness_of_fit_all_esd               ? 
_refine.ls_goodness_of_fit_obs                   ? 
_refine.ls_goodness_of_fit_obs_esd               ? 
_refine.ls_hydrogen_treatment                    ? 
_refine.ls_matrix_type                           ? 
_refine.ls_number_constraints                    ? 
_refine.ls_number_parameters                     ? 
_refine.ls_number_reflns_all                     ? 
_refine.ls_number_reflns_obs                     4596 
_refine.ls_number_reflns_R_free                  438 
_refine.ls_number_reflns_R_work                  4158 
_refine.ls_number_restraints                     ? 
_refine.ls_percent_reflns_obs                    86.0700 
_refine.ls_percent_reflns_R_free                 9.5300 
_refine.ls_R_factor_all                          ? 
_refine.ls_R_factor_obs                          0.2487 
_refine.ls_R_factor_R_free                       0.2724 
_refine.ls_R_factor_R_free_error                 ? 
_refine.ls_R_factor_R_free_error_details         ? 
_refine.ls_R_factor_R_work                       0.2461 
_refine.ls_R_Fsqd_factor_obs                     ? 
_refine.ls_R_I_factor_obs                        ? 
_refine.ls_redundancy_reflns_all                 ? 
_refine.ls_redundancy_reflns_obs                 ? 
_refine.ls_restrained_S_all                      ? 
_refine.ls_restrained_S_obs                      ? 
_refine.ls_shift_over_esd_max                    ? 
_refine.ls_shift_over_esd_mean                   ? 
_refine.ls_structure_factor_coef                 ? 
_refine.ls_weighting_details                     ? 
_refine.ls_weighting_scheme                      ? 
_refine.ls_wR_factor_all                         ? 
_refine.ls_wR_factor_obs                         ? 
_refine.ls_wR_factor_R_free                      ? 
_refine.ls_wR_factor_R_work                      ? 
_refine.occupancy_max                            ? 
_refine.occupancy_min                            ? 
_refine.solvent_model_details                    'FLAT BULK SOLVENT MODEL' 
_refine.solvent_model_param_bsol                 ? 
_refine.solvent_model_param_ksol                 ? 
_refine.pdbx_R_complete                          ? 
_refine.ls_R_factor_gt                           ? 
_refine.ls_goodness_of_fit_gt                    ? 
_refine.ls_goodness_of_fit_ref                   ? 
_refine.ls_shift_over_su_max                     ? 
_refine.ls_shift_over_su_max_lt                  ? 
_refine.ls_shift_over_su_mean                    ? 
_refine.ls_shift_over_su_mean_lt                 ? 
_refine.pdbx_ls_sigma_I                          ? 
_refine.pdbx_ls_sigma_F                          1.980 
_refine.pdbx_ls_sigma_Fsqd                       ? 
_refine.pdbx_data_cutoff_high_absF               ? 
_refine.pdbx_data_cutoff_high_rms_absF           ? 
_refine.pdbx_data_cutoff_low_absF                ? 
_refine.pdbx_isotropic_thermal_model             ? 
_refine.pdbx_ls_cross_valid_method               THROUGHOUT 
_refine.pdbx_method_to_determine_struct          'MOLECULAR REPLACEMENT' 
_refine.pdbx_starting_model                      6XNA 
_refine.pdbx_stereochemistry_target_values       ML 
_refine.pdbx_R_Free_selection_details            ? 
_refine.pdbx_stereochem_target_val_spec_case     ? 
_refine.pdbx_overall_ESU_R                       ? 
_refine.pdbx_overall_ESU_R_Free                  ? 
_refine.pdbx_solvent_vdw_probe_radii             1.1100 
_refine.pdbx_solvent_ion_probe_radii             ? 
_refine.pdbx_solvent_shrinkage_radii             0.9000 
_refine.pdbx_real_space_R                        ? 
_refine.pdbx_density_correlation                 ? 
_refine.pdbx_pd_number_of_powder_patterns        ? 
_refine.pdbx_pd_number_of_points                 ? 
_refine.pdbx_pd_meas_number_of_points            ? 
_refine.pdbx_pd_proc_ls_prof_R_factor            ? 
_refine.pdbx_pd_proc_ls_prof_wR_factor           ? 
_refine.pdbx_pd_Marquardt_correlation_coeff      ? 
_refine.pdbx_pd_Fsqrd_R_factor                   ? 
_refine.pdbx_pd_ls_matrix_band_width             ? 
_refine.pdbx_overall_phase_error                 44.3600 
_refine.pdbx_overall_SU_R_free_Cruickshank_DPI   ? 
_refine.pdbx_overall_SU_R_free_Blow_DPI          ? 
_refine.pdbx_overall_SU_R_Blow_DPI               ? 
_refine.pdbx_TLS_residual_ADP_flag               ? 
_refine.pdbx_diffrn_id                           1 
_refine.overall_SU_B                             ? 
_refine.overall_SU_ML                            0.6300 
_refine.overall_SU_R_Cruickshank_DPI             ? 
_refine.overall_SU_R_free                        ? 
_refine.overall_FOM_free_R_set                   ? 
_refine.overall_FOM_work_R_set                   ? 
_refine.pdbx_average_fsc_overall                 ? 
_refine.pdbx_average_fsc_work                    ? 
_refine.pdbx_average_fsc_free                    ? 
# 
_refine_hist.pdbx_refine_id                   'X-RAY DIFFRACTION' 
_refine_hist.cycle_id                         final 
_refine_hist.details                          ? 
_refine_hist.d_res_high                       3.0870 
_refine_hist.d_res_low                        34.0370 
_refine_hist.number_atoms_solvent             0 
_refine_hist.number_atoms_total               858 
_refine_hist.number_reflns_all                ? 
_refine_hist.number_reflns_obs                ? 
_refine_hist.number_reflns_R_free             ? 
_refine_hist.number_reflns_R_work             ? 
_refine_hist.R_factor_all                     ? 
_refine_hist.R_factor_obs                     ? 
_refine_hist.R_factor_R_free                  ? 
_refine_hist.R_factor_R_work                  ? 
_refine_hist.pdbx_number_residues_total       42 
_refine_hist.pdbx_B_iso_mean_ligand           ? 
_refine_hist.pdbx_B_iso_mean_solvent          ? 
_refine_hist.pdbx_number_atoms_protein        0 
_refine_hist.pdbx_number_atoms_nucleic_acid   858 
_refine_hist.pdbx_number_atoms_ligand         0 
_refine_hist.pdbx_number_atoms_lipid          ? 
_refine_hist.pdbx_number_atoms_carb           ? 
_refine_hist.pdbx_pseudo_atom_details         ? 
# 
loop_
_refine_ls_restr.pdbx_refine_id 
_refine_ls_restr.criterion 
_refine_ls_restr.dev_ideal 
_refine_ls_restr.dev_ideal_target 
_refine_ls_restr.number 
_refine_ls_restr.rejects 
_refine_ls_restr.type 
_refine_ls_restr.weight 
_refine_ls_restr.pdbx_restraint_function 
'X-RAY DIFFRACTION' ? 0.006  ? 960  ? f_bond_d           ? ? 
'X-RAY DIFFRACTION' ? 0.663  ? 1474 ? f_angle_d          ? ? 
'X-RAY DIFFRACTION' ? 0.035  ? 166  ? f_chiral_restr     ? ? 
'X-RAY DIFFRACTION' ? 0.003  ? 42   ? f_plane_restr      ? ? 
'X-RAY DIFFRACTION' ? 33.541 ? 406  ? f_dihedral_angle_d ? ? 
# 
loop_
_refine_ls_shell.pdbx_refine_id 
_refine_ls_shell.d_res_high 
_refine_ls_shell.d_res_low 
_refine_ls_shell.number_reflns_all 
_refine_ls_shell.number_reflns_obs 
_refine_ls_shell.number_reflns_R_free 
_refine_ls_shell.number_reflns_R_work 
_refine_ls_shell.percent_reflns_obs 
_refine_ls_shell.percent_reflns_R_free 
_refine_ls_shell.R_factor_all 
_refine_ls_shell.R_factor_obs 
_refine_ls_shell.R_factor_R_free 
_refine_ls_shell.R_factor_R_free_error 
_refine_ls_shell.R_factor_R_work 
_refine_ls_shell.redundancy_reflns_all 
_refine_ls_shell.redundancy_reflns_obs 
_refine_ls_shell.wR_factor_all 
_refine_ls_shell.wR_factor_obs 
_refine_ls_shell.wR_factor_R_free 
_refine_ls_shell.wR_factor_R_work 
_refine_ls_shell.pdbx_R_complete 
_refine_ls_shell.pdbx_total_number_of_bins_used 
_refine_ls_shell.pdbx_phase_error 
_refine_ls_shell.pdbx_fsc_work 
_refine_ls_shell.pdbx_fsc_free 
'X-RAY DIFFRACTION' 3.087  3.5332 . . 95  1069 65.0000 . . . 0.4088 0.0000 0.4219 . . . . . . . . . . . 
'X-RAY DIFFRACTION' 3.5332 4.4499 . . 160 1491 94.0000 . . . 0.4339 0.0000 0.3687 . . . . . . . . . . . 
'X-RAY DIFFRACTION' 4.4499 34.037 . . 183 1598 99.0000 . . . 0.2008 0.0000 0.1711 . . . . . . . . . . . 
# 
_struct.entry_id                     7JH8 
_struct.title                        
'Self-assembly of a 3D DNA crystal lattice (4x6 junction version) containing the J20 immobile Holliday junction' 
_struct.pdbx_model_details           ? 
_struct.pdbx_formula_weight          ? 
_struct.pdbx_formula_weight_method   ? 
_struct.pdbx_model_type_details      ? 
_struct.pdbx_CASP_flag               N 
# 
_struct_keywords.entry_id        7JH8 
_struct_keywords.text            
'Structural DNA nanotechnology, immobile Holliday junctions, 3D DNA self-assembly, designer DNA crystals, DNA' 
_struct_keywords.pdbx_keywords   DNA 
# 
loop_
_struct_asym.id 
_struct_asym.pdbx_blank_PDB_chainid_flag 
_struct_asym.pdbx_modified 
_struct_asym.entity_id 
_struct_asym.details 
A N N 1 ? 
B N N 2 ? 
C N N 3 ? 
D N N 4 ? 
# 
loop_
_struct_conn.id 
_struct_conn.conn_type_id 
_struct_conn.pdbx_leaving_atom_flag 
_struct_conn.pdbx_PDB_id 
_struct_conn.ptnr1_label_asym_id 
_struct_conn.ptnr1_label_comp_id 
_struct_conn.ptnr1_label_seq_id 
_struct_conn.ptnr1_label_atom_id 
_struct_conn.pdbx_ptnr1_label_alt_id 
_struct_conn.pdbx_ptnr1_PDB_ins_code 
_struct_conn.pdbx_ptnr1_standard_comp_id 
_struct_conn.ptnr1_symmetry 
_struct_conn.ptnr2_label_asym_id 
_struct_conn.ptnr2_label_comp_id 
_struct_conn.ptnr2_label_seq_id 
_struct_conn.ptnr2_label_atom_id 
_struct_conn.pdbx_ptnr2_label_alt_id 
_struct_conn.pdbx_ptnr2_PDB_ins_code 
_struct_conn.ptnr1_auth_asym_id 
_struct_conn.ptnr1_auth_comp_id 
_struct_conn.ptnr1_auth_seq_id 
_struct_conn.ptnr2_auth_asym_id 
_struct_conn.ptnr2_auth_comp_id 
_struct_conn.ptnr2_auth_seq_id 
_struct_conn.ptnr2_symmetry 
_struct_conn.pdbx_ptnr3_label_atom_id 
_struct_conn.pdbx_ptnr3_label_seq_id 
_struct_conn.pdbx_ptnr3_label_comp_id 
_struct_conn.pdbx_ptnr3_label_asym_id 
_struct_conn.pdbx_ptnr3_label_alt_id 
_struct_conn.pdbx_ptnr3_PDB_ins_code 
_struct_conn.details 
_struct_conn.pdbx_dist_value 
_struct_conn.pdbx_value_order 
_struct_conn.pdbx_role 
hydrog1  hydrog ? ? A DG 3  N1 ? ? ? 1_555 D DC 15 N3 ? ? A DG 3  D DC 16 1_555 ? ? ? ? ? ? WATSON-CRICK    ? ? ? 
hydrog2  hydrog ? ? A DG 3  N2 ? ? ? 1_555 D DC 15 O2 ? ? A DG 3  D DC 16 1_555 ? ? ? ? ? ? WATSON-CRICK    ? ? ? 
hydrog3  hydrog ? ? A DG 3  O6 ? ? ? 1_555 D DC 15 N4 ? ? A DG 3  D DC 16 1_555 ? ? ? ? ? ? WATSON-CRICK    ? ? ? 
hydrog4  hydrog ? ? A DC 4  N3 ? ? ? 1_555 D DG 14 N1 ? ? A DC 4  D DG 15 1_555 ? ? ? ? ? ? WATSON-CRICK    ? ? ? 
hydrog5  hydrog ? ? A DC 4  N4 ? ? ? 1_555 D DG 14 O6 ? ? A DC 4  D DG 15 1_555 ? ? ? ? ? ? WATSON-CRICK    ? ? ? 
hydrog6  hydrog ? ? A DC 4  O2 ? ? ? 1_555 D DG 14 N2 ? ? A DC 4  D DG 15 1_555 ? ? ? ? ? ? WATSON-CRICK    ? ? ? 
hydrog7  hydrog ? ? A DA 5  N6 ? ? ? 1_555 D DT 13 O4 ? ? A DA 5  D DT 14 1_555 ? ? ? ? ? ? 'DA-DT PAIR'    ? ? ? 
hydrog8  hydrog ? ? A DG 6  N1 ? ? ? 1_555 D DC 12 N3 ? ? A DG 6  D DC 13 1_555 ? ? ? ? ? ? WATSON-CRICK    ? ? ? 
hydrog9  hydrog ? ? A DG 6  N2 ? ? ? 1_555 D DC 12 O2 ? ? A DG 6  D DC 13 1_555 ? ? ? ? ? ? WATSON-CRICK    ? ? ? 
hydrog10 hydrog ? ? A DG 6  O6 ? ? ? 1_555 D DC 12 N4 ? ? A DG 6  D DC 13 1_555 ? ? ? ? ? ? WATSON-CRICK    ? ? ? 
hydrog11 hydrog ? ? A DA 7  N1 ? ? ? 1_555 D DT 11 N3 ? ? A DA 7  D DT 12 1_555 ? ? ? ? ? ? WATSON-CRICK    ? ? ? 
hydrog12 hydrog ? ? A DA 7  N6 ? ? ? 1_555 D DT 11 O4 ? ? A DA 7  D DT 12 1_555 ? ? ? ? ? ? WATSON-CRICK    ? ? ? 
hydrog13 hydrog ? ? A DC 8  N3 ? ? ? 1_555 D DG 10 N1 ? ? A DC 8  D DG 11 1_555 ? ? ? ? ? ? WATSON-CRICK    ? ? ? 
hydrog14 hydrog ? ? A DC 8  N4 ? ? ? 1_555 D DG 10 O6 ? ? A DC 8  D DG 11 1_555 ? ? ? ? ? ? WATSON-CRICK    ? ? ? 
hydrog15 hydrog ? ? A DC 8  O2 ? ? ? 1_555 D DG 10 N2 ? ? A DC 8  D DG 11 1_555 ? ? ? ? ? ? WATSON-CRICK    ? ? ? 
hydrog16 hydrog ? ? A DG 9  O6 ? ? ? 1_555 D DG 9  N1 ? ? A DG 9  D DG 10 1_555 ? ? ? ? ? ? 'DG-DG MISPAIR' ? ? ? 
hydrog17 hydrog ? ? A DT 10 N3 ? ? ? 1_555 C DA 3  N1 ? ? A DT 10 C DA 2  1_555 ? ? ? ? ? ? WATSON-CRICK    ? ? ? 
hydrog18 hydrog ? ? A DT 10 O4 ? ? ? 1_555 C DA 3  N6 ? ? A DT 10 C DA 2  1_555 ? ? ? ? ? ? WATSON-CRICK    ? ? ? 
hydrog19 hydrog ? ? A DG 11 N1 ? ? ? 1_555 C DC 2  N3 ? ? A DG 11 C DC 1  1_555 ? ? ? ? ? ? WATSON-CRICK    ? ? ? 
hydrog20 hydrog ? ? A DG 11 N2 ? ? ? 1_555 C DC 2  O2 ? ? A DG 11 C DC 1  1_555 ? ? ? ? ? ? WATSON-CRICK    ? ? ? 
hydrog21 hydrog ? ? A DG 11 O6 ? ? ? 1_555 C DC 2  N4 ? ? A DG 11 C DC 1  1_555 ? ? ? ? ? ? WATSON-CRICK    ? ? ? 
hydrog22 hydrog ? ? A DA 12 N1 ? ? ? 1_555 C DT 1  N3 ? ? A DA 12 C DT 0  1_555 ? ? ? ? ? ? WATSON-CRICK    ? ? ? 
hydrog23 hydrog ? ? A DA 12 N6 ? ? ? 1_555 C DT 1  O4 ? ? A DA 12 C DT 0  1_555 ? ? ? ? ? ? WATSON-CRICK    ? ? ? 
hydrog24 hydrog ? ? B DC 1  N3 ? ? ? 1_555 C DG 6  N1 ? ? B DC 12 C DG 5  1_555 ? ? ? ? ? ? WATSON-CRICK    ? ? ? 
hydrog25 hydrog ? ? B DC 1  N4 ? ? ? 1_555 C DG 6  O6 ? ? B DC 12 C DG 5  1_555 ? ? ? ? ? ? WATSON-CRICK    ? ? ? 
hydrog26 hydrog ? ? B DC 1  O2 ? ? ? 1_555 C DG 6  N2 ? ? B DC 12 C DG 5  1_555 ? ? ? ? ? ? WATSON-CRICK    ? ? ? 
hydrog27 hydrog ? ? B DG 2  N1 ? ? ? 1_555 C DC 5  N3 ? ? B DG 13 C DC 4  1_555 ? ? ? ? ? ? WATSON-CRICK    ? ? ? 
hydrog28 hydrog ? ? B DG 2  N2 ? ? ? 1_555 C DC 5  O2 ? ? B DG 13 C DC 4  1_555 ? ? ? ? ? ? WATSON-CRICK    ? ? ? 
hydrog29 hydrog ? ? B DG 2  O6 ? ? ? 1_555 C DC 5  N4 ? ? B DG 13 C DC 4  1_555 ? ? ? ? ? ? WATSON-CRICK    ? ? ? 
hydrog30 hydrog ? ? B DA 3  N1 ? ? ? 1_555 C DT 4  N3 ? ? B DA 14 C DT 3  1_555 ? ? ? ? ? ? WATSON-CRICK    ? ? ? 
hydrog31 hydrog ? ? B DA 3  N6 ? ? ? 1_555 C DT 4  O4 ? ? B DA 14 C DT 3  1_555 ? ? ? ? ? ? WATSON-CRICK    ? ? ? 
hydrog32 hydrog ? ? B DG 4  N1 ? ? ? 1_555 D DC 8  N3 ? ? B DG 15 D DC 9  1_555 ? ? ? ? ? ? WATSON-CRICK    ? ? ? 
hydrog33 hydrog ? ? B DG 4  N2 ? ? ? 1_555 D DC 8  O2 ? ? B DG 15 D DC 9  1_555 ? ? ? ? ? ? WATSON-CRICK    ? ? ? 
hydrog34 hydrog ? ? B DG 4  O6 ? ? ? 1_555 D DC 8  N4 ? ? B DG 15 D DC 9  1_555 ? ? ? ? ? ? WATSON-CRICK    ? ? ? 
hydrog35 hydrog ? ? B DA 5  N1 ? ? ? 1_555 D DT 7  N3 ? ? B DA 16 D DT 8  1_555 ? ? ? ? ? ? WATSON-CRICK    ? ? ? 
hydrog36 hydrog ? ? B DA 5  N6 ? ? ? 1_555 D DT 7  O4 ? ? B DA 16 D DT 8  1_555 ? ? ? ? ? ? WATSON-CRICK    ? ? ? 
hydrog37 hydrog ? ? B DC 6  N3 ? ? ? 1_555 D DG 6  N1 ? ? B DC 17 D DG 7  1_555 ? ? ? ? ? ? WATSON-CRICK    ? ? ? 
hydrog38 hydrog ? ? B DC 6  N4 ? ? ? 1_555 D DG 6  O6 ? ? B DC 17 D DG 7  1_555 ? ? ? ? ? ? WATSON-CRICK    ? ? ? 
hydrog39 hydrog ? ? B DC 6  O2 ? ? ? 1_555 D DG 6  N2 ? ? B DC 17 D DG 7  1_555 ? ? ? ? ? ? WATSON-CRICK    ? ? ? 
hydrog40 hydrog ? ? B DT 7  N3 ? ? ? 1_555 D DA 5  N1 ? ? B DT 18 D DA 6  1_555 ? ? ? ? ? ? WATSON-CRICK    ? ? ? 
hydrog41 hydrog ? ? B DT 7  O4 ? ? ? 1_555 D DA 5  N6 ? ? B DT 18 D DA 6  1_555 ? ? ? ? ? ? WATSON-CRICK    ? ? ? 
hydrog42 hydrog ? ? B DC 8  N3 ? ? ? 1_555 D DG 4  N1 ? ? B DC 19 D DG 5  1_555 ? ? ? ? ? ? WATSON-CRICK    ? ? ? 
hydrog43 hydrog ? ? B DC 8  N4 ? ? ? 1_555 D DG 4  O6 ? ? B DC 19 D DG 5  1_555 ? ? ? ? ? ? WATSON-CRICK    ? ? ? 
hydrog44 hydrog ? ? B DC 8  O2 ? ? ? 1_555 D DG 4  N2 ? ? B DC 19 D DG 5  1_555 ? ? ? ? ? ? WATSON-CRICK    ? ? ? 
# 
_struct_conn_type.id          hydrog 
_struct_conn_type.criteria    ? 
_struct_conn_type.reference   ? 
# 
_atom_sites.entry_id                    7JH8 
_atom_sites.Cartn_transf_matrix[1][1]   ? 
_atom_sites.Cartn_transf_matrix[1][2]   ? 
_atom_sites.Cartn_transf_matrix[1][3]   ? 
_atom_sites.Cartn_transf_matrix[2][1]   ? 
_atom_sites.Cartn_transf_matrix[2][2]   ? 
_atom_sites.Cartn_transf_matrix[2][3]   ? 
_atom_sites.Cartn_transf_matrix[3][1]   ? 
_atom_sites.Cartn_transf_matrix[3][2]   ? 
_atom_sites.Cartn_transf_matrix[3][3]   ? 
_atom_sites.Cartn_transf_vector[1]      ? 
_atom_sites.Cartn_transf_vector[2]      ? 
_atom_sites.Cartn_transf_vector[3]      ? 
_atom_sites.fract_transf_matrix[1][1]   0.00288262 
_atom_sites.fract_transf_matrix[1][2]   0.00662097 
_atom_sites.fract_transf_matrix[1][3]   0.01534851 
_atom_sites.fract_transf_matrix[2][1]   0.00122426 
_atom_sites.fract_transf_matrix[2][2]   0.01681181 
_atom_sites.fract_transf_matrix[2][3]   0.00189042 
_atom_sites.fract_transf_matrix[3][1]   -0.01757557 
_atom_sites.fract_transf_matrix[3][2]   0.00095504 
_atom_sites.fract_transf_matrix[3][3]   0.00288890 
_atom_sites.fract_transf_vector[1]      1.152333 
_atom_sites.fract_transf_vector[2]      0.806274 
_atom_sites.fract_transf_vector[3]      -0.104165 
_atom_sites.solution_primary            ? 
_atom_sites.solution_secondary          ? 
_atom_sites.solution_hydrogens          ? 
_atom_sites.special_details             ? 
# 
loop_
_atom_type.symbol 
C 
N 
O 
P 
# 
loop_
_atom_site.group_PDB 
_atom_site.id 
_atom_site.type_symbol 
_atom_site.label_atom_id 
_atom_site.label_alt_id 
_atom_site.label_comp_id 
_atom_site.label_asym_id 
_atom_site.label_entity_id 
_atom_site.label_seq_id 
_atom_site.pdbx_PDB_ins_code 
_atom_site.Cartn_x 
_atom_site.Cartn_y 
_atom_site.Cartn_z 
_atom_site.occupancy 
_atom_site.B_iso_or_equiv 
_atom_site.pdbx_formal_charge 
_atom_site.auth_seq_id 
_atom_site.auth_comp_id 
_atom_site.auth_asym_id 
_atom_site.auth_atom_id 
_atom_site.pdbx_PDB_model_num 
ATOM 1   O "O5'" . DG A 1 1  ? -18.503 -2.001  -16.848 1.00 139.55 ? 1  DG A "O5'" 1 
ATOM 2   C "C5'" . DG A 1 1  ? -17.140 -2.184  -16.466 1.00 139.68 ? 1  DG A "C5'" 1 
ATOM 3   C "C4'" . DG A 1 1  ? -16.282 -2.543  -17.670 1.00 134.46 ? 1  DG A "C4'" 1 
ATOM 4   O "O4'" . DG A 1 1  ? -16.466 -1.547  -18.703 1.00 127.83 ? 1  DG A "O4'" 1 
ATOM 5   C "C3'" . DG A 1 1  ? -14.785 -2.619  -17.387 1.00 134.49 ? 1  DG A "C3'" 1 
ATOM 6   O "O3'" . DG A 1 1  ? -14.396 -3.985  -17.260 1.00 137.00 ? 1  DG A "O3'" 1 
ATOM 7   C "C2'" . DG A 1 1  ? -14.131 -1.973  -18.607 1.00 131.55 ? 1  DG A "C2'" 1 
ATOM 8   C "C1'" . DG A 1 1  ? -15.225 -1.064  -19.163 1.00 125.30 ? 1  DG A "C1'" 1 
ATOM 9   N N9    . DG A 1 1  ? -15.105 0.346   -18.788 1.00 123.10 ? 1  DG A N9    1 
ATOM 10  C C8    . DG A 1 1  ? -16.103 1.150   -18.288 1.00 123.09 ? 1  DG A C8    1 
ATOM 11  N N7    . DG A 1 1  ? -15.723 2.373   -18.059 1.00 120.88 ? 1  DG A N7    1 
ATOM 12  C C5    . DG A 1 1  ? -14.387 2.393   -18.441 1.00 122.60 ? 1  DG A C5    1 
ATOM 13  C C6    . DG A 1 1  ? -13.456 3.453   -18.418 1.00 124.62 ? 1  DG A C6    1 
ATOM 14  O O6    . DG A 1 1  ? -13.631 4.621   -18.048 1.00 124.23 ? 1  DG A O6    1 
ATOM 15  N N1    . DG A 1 1  ? -12.205 3.049   -18.886 1.00 125.39 ? 1  DG A N1    1 
ATOM 16  C C2    . DG A 1 1  ? -11.900 1.781   -19.318 1.00 126.04 ? 1  DG A C2    1 
ATOM 17  N N2    . DG A 1 1  ? -10.639 1.583   -19.739 1.00 123.59 ? 1  DG A N2    1 
ATOM 18  N N3    . DG A 1 1  ? -12.767 0.778   -19.351 1.00 127.96 ? 1  DG A N3    1 
ATOM 19  C C4    . DG A 1 1  ? -13.991 1.156   -18.895 1.00 125.38 ? 1  DG A C4    1 
ATOM 20  P P     . DA A 1 2  ? -12.969 -4.372  -16.632 1.00 131.24 ? 2  DA A P     1 
ATOM 21  O OP1   . DA A 1 2  ? -12.962 -5.837  -16.428 1.00 130.03 ? 2  DA A OP1   1 
ATOM 22  O OP2   . DA A 1 2  ? -12.707 -3.459  -15.496 1.00 132.47 ? 2  DA A OP2   1 
ATOM 23  O "O5'" . DA A 1 2  ? -11.923 -4.025  -17.790 1.00 123.23 ? 2  DA A "O5'" 1 
ATOM 24  C "C5'" . DA A 1 2  ? -10.539 -4.209  -17.563 1.00 125.88 ? 2  DA A "C5'" 1 
ATOM 25  C "C4'" . DA A 1 2  ? -9.851  -2.881  -17.309 1.00 130.33 ? 2  DA A "C4'" 1 
ATOM 26  O "O4'" . DA A 1 2  ? -10.827 -1.826  -17.220 1.00 128.01 ? 2  DA A "O4'" 1 
ATOM 27  C "C3'" . DA A 1 2  ? -9.043  -2.804  -16.010 1.00 129.82 ? 2  DA A "C3'" 1 
ATOM 28  O "O3'" . DA A 1 2  ? -7.654  -2.829  -16.307 1.00 130.07 ? 2  DA A "O3'" 1 
ATOM 29  C "C2'" . DA A 1 2  ? -9.464  -1.467  -15.370 1.00 127.59 ? 2  DA A "C2'" 1 
ATOM 30  C "C1'" . DA A 1 2  ? -10.255 -0.785  -16.479 1.00 129.49 ? 2  DA A "C1'" 1 
ATOM 31  N N9    . DA A 1 2  ? -11.322 0.089   -15.998 1.00 129.42 ? 2  DA A N9    1 
ATOM 32  C C8    . DA A 1 2  ? -12.593 -0.276  -15.648 1.00 132.64 ? 2  DA A C8    1 
ATOM 33  N N7    . DA A 1 2  ? -13.342 0.728   -15.254 1.00 132.12 ? 2  DA A N7    1 
ATOM 34  C C5    . DA A 1 2  ? -12.506 1.827   -15.355 1.00 130.72 ? 2  DA A C5    1 
ATOM 35  C C6    . DA A 1 2  ? -12.702 3.195   -15.084 1.00 129.50 ? 2  DA A C6    1 
ATOM 36  N N6    . DA A 1 2  ? -13.858 3.699   -14.638 1.00 127.47 ? 2  DA A N6    1 
ATOM 37  N N1    . DA A 1 2  ? -11.660 4.029   -15.290 1.00 131.81 ? 2  DA A N1    1 
ATOM 38  C C2    . DA A 1 2  ? -10.505 3.520   -15.739 1.00 131.20 ? 2  DA A C2    1 
ATOM 39  N N3    . DA A 1 2  ? -10.200 2.255   -16.028 1.00 130.52 ? 2  DA A N3    1 
ATOM 40  C C4    . DA A 1 2  ? -11.256 1.452   -15.813 1.00 130.61 ? 2  DA A C4    1 
ATOM 41  P P     . DG A 1 3  ? -6.573  -2.972  -15.126 1.00 132.63 ? 3  DG A P     1 
ATOM 42  O OP1   . DG A 1 3  ? -5.352  -3.576  -15.706 1.00 132.40 ? 3  DG A OP1   1 
ATOM 43  O OP2   . DG A 1 3  ? -7.240  -3.615  -13.971 1.00 134.39 ? 3  DG A OP2   1 
ATOM 44  O "O5'" . DG A 1 3  ? -6.254  -1.461  -14.730 1.00 124.82 ? 3  DG A "O5'" 1 
ATOM 45  C "C5'" . DG A 1 3  ? -5.911  -0.532  -15.744 1.00 126.98 ? 3  DG A "C5'" 1 
ATOM 46  C "C4'" . DG A 1 3  ? -5.627  0.833   -15.150 1.00 131.10 ? 3  DG A "C4'" 1 
ATOM 47  O "O4'" . DG A 1 3  ? -6.872  1.545   -14.942 1.00 127.97 ? 3  DG A "O4'" 1 
ATOM 48  C "C3'" . DG A 1 3  ? -4.911  0.813   -13.801 1.00 129.89 ? 3  DG A "C3'" 1 
ATOM 49  O "O3'" . DG A 1 3  ? -3.871  1.779   -13.800 1.00 131.59 ? 3  DG A "O3'" 1 
ATOM 50  C "C2'" . DG A 1 3  ? -6.018  1.162   -12.804 1.00 128.55 ? 3  DG A "C2'" 1 
ATOM 51  C "C1'" . DG A 1 3  ? -6.906  2.069   -13.637 1.00 128.22 ? 3  DG A "C1'" 1 
ATOM 52  N N9    . DG A 1 3  ? -8.294  2.089   -13.204 1.00 128.82 ? 3  DG A N9    1 
ATOM 53  C C8    . DG A 1 3  ? -9.147  1.016   -13.123 1.00 131.04 ? 3  DG A C8    1 
ATOM 54  N N7    . DG A 1 3  ? -10.345 1.333   -12.719 1.00 135.19 ? 3  DG A N7    1 
ATOM 55  C C5    . DG A 1 3  ? -10.284 2.708   -12.523 1.00 134.90 ? 3  DG A C5    1 
ATOM 56  C C6    . DG A 1 3  ? -11.282 3.611   -12.088 1.00 132.50 ? 3  DG A C6    1 
ATOM 57  O O6    . DG A 1 3  ? -12.456 3.366   -11.777 1.00 132.85 ? 3  DG A O6    1 
ATOM 58  N N1    . DG A 1 3  ? -10.802 4.920   -12.028 1.00 134.11 ? 3  DG A N1    1 
ATOM 59  C C2    . DG A 1 3  ? -9.520  5.303   -12.350 1.00 133.63 ? 3  DG A C2    1 
ATOM 60  N N2    . DG A 1 3  ? -9.241  6.611   -12.229 1.00 131.13 ? 3  DG A N2    1 
ATOM 61  N N3    . DG A 1 3  ? -8.575  4.465   -12.761 1.00 130.63 ? 3  DG A N3    1 
ATOM 62  C C4    . DG A 1 3  ? -9.027  3.188   -12.822 1.00 132.86 ? 3  DG A C4    1 
ATOM 63  P P     . DC A 1 4  ? -2.881  1.906   -12.544 1.00 138.24 ? 4  DC A P     1 
ATOM 64  O OP1   . DC A 1 4  ? -1.571  2.380   -13.051 1.00 137.14 ? 4  DC A OP1   1 
ATOM 65  O OP2   . DC A 1 4  ? -2.964  0.640   -11.780 1.00 138.22 ? 4  DC A OP2   1 
ATOM 66  O "O5'" . DC A 1 4  ? -3.543  3.059   -11.663 1.00 132.83 ? 4  DC A "O5'" 1 
ATOM 67  C "C5'" . DC A 1 4  ? -3.945  4.279   -12.274 1.00 130.66 ? 4  DC A "C5'" 1 
ATOM 68  C "C4'" . DC A 1 4  ? -4.397  5.271   -11.221 1.00 129.63 ? 4  DC A "C4'" 1 
ATOM 69  O "O4'" . DC A 1 4  ? -5.833  5.151   -11.024 1.00 131.65 ? 4  DC A "O4'" 1 
ATOM 70  C "C3'" . DC A 1 4  ? -3.760  5.060   -9.851  1.00 134.95 ? 4  DC A "C3'" 1 
ATOM 71  O "O3'" . DC A 1 4  ? -3.447  6.310   -9.260  1.00 137.74 ? 4  DC A "O3'" 1 
ATOM 72  C "C2'" . DC A 1 4  ? -4.850  4.327   -9.075  1.00 136.07 ? 4  DC A "C2'" 1 
ATOM 73  C "C1'" . DC A 1 4  ? -6.107  4.954   -9.655  1.00 133.42 ? 4  DC A "C1'" 1 
ATOM 74  N N1    . DC A 1 4  ? -7.319  4.086   -9.532  1.00 136.41 ? 4  DC A N1    1 
ATOM 75  C C2    . DC A 1 4  ? -8.550  4.656   -9.173  1.00 138.72 ? 4  DC A C2    1 
ATOM 76  O O2    . DC A 1 4  ? -8.614  5.876   -8.967  1.00 138.25 ? 4  DC A O2    1 
ATOM 77  N N3    . DC A 1 4  ? -9.640  3.851   -9.065  1.00 138.51 ? 4  DC A N3    1 
ATOM 78  C C4    . DC A 1 4  ? -9.531  2.539   -9.296  1.00 137.69 ? 4  DC A C4    1 
ATOM 79  N N4    . DC A 1 4  ? -10.633 1.788   -9.178  1.00 132.63 ? 4  DC A N4    1 
ATOM 80  C C5    . DC A 1 4  ? -8.286  1.942   -9.659  1.00 138.59 ? 4  DC A C5    1 
ATOM 81  C C6    . DC A 1 4  ? -7.218  2.743   -9.764  1.00 135.08 ? 4  DC A C6    1 
ATOM 82  P P     . DA A 1 5  ? -2.085  6.484   -8.426  1.00 145.38 ? 5  DA A P     1 
ATOM 83  O OP1   . DA A 1 5  ? -1.097  7.142   -9.311  1.00 142.44 ? 5  DA A OP1   1 
ATOM 84  O OP2   . DA A 1 5  ? -1.766  5.177   -7.808  1.00 146.71 ? 5  DA A OP2   1 
ATOM 85  O "O5'" . DA A 1 5  ? -2.481  7.496   -7.256  1.00 136.76 ? 5  DA A "O5'" 1 
ATOM 86  C "C5'" . DA A 1 5  ? -2.902  8.809   -7.576  1.00 138.75 ? 5  DA A "C5'" 1 
ATOM 87  C "C4'" . DA A 1 5  ? -4.048  9.244   -6.682  1.00 144.27 ? 5  DA A "C4'" 1 
ATOM 88  O "O4'" . DA A 1 5  ? -5.173  8.335   -6.837  1.00 133.88 ? 5  DA A "O4'" 1 
ATOM 89  C "C3'" . DA A 1 5  ? -3.727  9.281   -5.190  1.00 147.39 ? 5  DA A "C3'" 1 
ATOM 90  O "O3'" . DA A 1 5  ? -4.241  10.483  -4.626  1.00 155.54 ? 5  DA A "O3'" 1 
ATOM 91  C "C2'" . DA A 1 5  ? -4.435  8.038   -4.638  1.00 140.69 ? 5  DA A "C2'" 1 
ATOM 92  C "C1'" . DA A 1 5  ? -5.631  7.919   -5.568  1.00 134.13 ? 5  DA A "C1'" 1 
ATOM 93  N N9    . DA A 1 5  ? -6.142  6.557   -5.702  1.00 130.85 ? 5  DA A N9    1 
ATOM 94  C C8    . DA A 1 5  ? -5.428  5.444   -6.038  1.00 129.26 ? 5  DA A C8    1 
ATOM 95  N N7    . DA A 1 5  ? -6.150  4.350   -6.105  1.00 130.97 ? 5  DA A N7    1 
ATOM 96  C C5    . DA A 1 5  ? -7.430  4.775   -5.792  1.00 133.77 ? 5  DA A C5    1 
ATOM 97  C C6    . DA A 1 5  ? -8.662  4.092   -5.688  1.00 131.21 ? 5  DA A C6    1 
ATOM 98  N N6    . DA A 1 5  ? -8.797  2.778   -5.902  1.00 129.19 ? 5  DA A N6    1 
ATOM 99  N N1    . DA A 1 5  ? -9.751  4.816   -5.357  1.00 127.50 ? 5  DA A N1    1 
ATOM 100 C C2    . DA A 1 5  ? -9.612  6.130   -5.143  1.00 129.83 ? 5  DA A C2    1 
ATOM 101 N N3    . DA A 1 5  ? -8.512  6.881   -5.210  1.00 132.61 ? 5  DA A N3    1 
ATOM 102 C C4    . DA A 1 5  ? -7.445  6.136   -5.542  1.00 134.17 ? 5  DA A C4    1 
ATOM 103 P P     . DG A 1 6  ? -3.940  10.863  -3.096  1.00 158.93 ? 6  DG A P     1 
ATOM 104 O OP1   . DG A 1 6  ? -3.881  12.338  -2.998  1.00 156.11 ? 6  DG A OP1   1 
ATOM 105 O OP2   . DG A 1 6  ? -2.783  10.051  -2.657  1.00 155.80 ? 6  DG A OP2   1 
ATOM 106 O "O5'" . DG A 1 6  ? -5.245  10.351  -2.325  1.00 143.53 ? 6  DG A "O5'" 1 
ATOM 107 C "C5'" . DG A 1 6  ? -6.524  10.499  -2.932  1.00 137.45 ? 6  DG A "C5'" 1 
ATOM 108 C "C4'" . DG A 1 6  ? -7.606  9.943   -2.033  1.00 134.05 ? 6  DG A "C4'" 1 
ATOM 109 O "O4'" . DG A 1 6  ? -8.001  8.620   -2.488  1.00 133.30 ? 6  DG A "O4'" 1 
ATOM 110 C "C3'" . DG A 1 6  ? -7.200  9.779   -0.565  1.00 137.27 ? 6  DG A "C3'" 1 
ATOM 111 O "O3'" . DG A 1 6  ? -8.236  10.259  0.257   1.00 145.71 ? 6  DG A "O3'" 1 
ATOM 112 C "C2'" . DG A 1 6  ? -7.035  8.268   -0.419  1.00 134.88 ? 6  DG A "C2'" 1 
ATOM 113 C "C1'" . DG A 1 6  ? -8.113  7.783   -1.364  1.00 132.90 ? 6  DG A "C1'" 1 
ATOM 114 N N9    . DG A 1 6  ? -7.965  6.392   -1.782  1.00 131.48 ? 6  DG A N9    1 
ATOM 115 C C8    . DG A 1 6  ? -6.811  5.756   -2.175  1.00 132.74 ? 6  DG A C8    1 
ATOM 116 N N7    . DG A 1 6  ? -6.994  4.504   -2.497  1.00 130.53 ? 6  DG A N7    1 
ATOM 117 C C5    . DG A 1 6  ? -8.356  4.298   -2.308  1.00 130.50 ? 6  DG A C5    1 
ATOM 118 C C6    . DG A 1 6  ? -9.141  3.135   -2.499  1.00 128.12 ? 6  DG A C6    1 
ATOM 119 O O6    . DG A 1 6  ? -8.774  2.014   -2.883  1.00 126.44 ? 6  DG A O6    1 
ATOM 120 N N1    . DG A 1 6  ? -10.482 3.362   -2.189  1.00 126.49 ? 6  DG A N1    1 
ATOM 121 C C2    . DG A 1 6  ? -10.999 4.560   -1.754  1.00 128.85 ? 6  DG A C2    1 
ATOM 122 N N2    . DG A 1 6  ? -12.317 4.586   -1.505  1.00 127.25 ? 6  DG A N2    1 
ATOM 123 N N3    . DG A 1 6  ? -10.274 5.656   -1.573  1.00 131.36 ? 6  DG A N3    1 
ATOM 124 C C4    . DG A 1 6  ? -8.966  5.451   -1.868  1.00 130.78 ? 6  DG A C4    1 
ATOM 125 P P     . DA A 1 7  ? -7.957  10.623  1.795   1.00 155.44 ? 7  DA A P     1 
ATOM 126 O OP1   . DA A 1 7  ? -7.065  11.807  1.824   1.00 151.54 ? 7  DA A OP1   1 
ATOM 127 O OP2   . DA A 1 7  ? -7.556  9.382   2.495   1.00 146.17 ? 7  DA A OP2   1 
ATOM 128 O "O5'" . DA A 1 7  ? -9.406  11.024  2.338   1.00 144.47 ? 7  DA A "O5'" 1 
ATOM 129 C "C5'" . DA A 1 7  ? -10.560 10.718  1.558   1.00 135.72 ? 7  DA A "C5'" 1 
ATOM 130 C "C4'" . DA A 1 7  ? -11.427 9.685   2.253   1.00 129.33 ? 7  DA A "C4'" 1 
ATOM 131 O "O4'" . DA A 1 7  ? -11.212 8.372   1.666   1.00 127.98 ? 7  DA A "O4'" 1 
ATOM 132 C "C3'" . DA A 1 7  ? -11.170 9.528   3.750   1.00 132.59 ? 7  DA A "C3'" 1 
ATOM 133 O "O3'" . DA A 1 7  ? -12.426 9.433   4.428   1.00 140.22 ? 7  DA A "O3'" 1 
ATOM 134 C "C2'" . DA A 1 7  ? -10.362 8.228   3.825   1.00 133.14 ? 7  DA A "C2'" 1 
ATOM 135 C "C1'" . DA A 1 7  ? -10.992 7.432   2.698   1.00 131.44 ? 7  DA A "C1'" 1 
ATOM 136 N N9    . DA A 1 7  ? -10.148 6.358   2.172   1.00 132.85 ? 7  DA A N9    1 
ATOM 137 C C8    . DA A 1 7  ? -8.801  6.404   1.931   1.00 131.66 ? 7  DA A C8    1 
ATOM 138 N N7    . DA A 1 7  ? -8.311  5.288   1.437   1.00 125.35 ? 7  DA A N7    1 
ATOM 139 C C5    . DA A 1 7  ? -9.413  4.453   1.342   1.00 126.67 ? 7  DA A C5    1 
ATOM 140 C C6    . DA A 1 7  ? -9.564  3.125   0.890   1.00 121.68 ? 7  DA A C6    1 
ATOM 141 N N6    . DA A 1 7  ? -8.548  2.382   0.433   1.00 115.01 ? 7  DA A N6    1 
ATOM 142 N N1    . DA A 1 7  ? -10.803 2.588   0.928   1.00 121.70 ? 7  DA A N1    1 
ATOM 143 C C2    . DA A 1 7  ? -11.818 3.334   1.388   1.00 122.49 ? 7  DA A C2    1 
ATOM 144 N N3    . DA A 1 7  ? -11.801 4.590   1.837   1.00 124.55 ? 7  DA A N3    1 
ATOM 145 C C4    . DA A 1 7  ? -10.556 5.097   1.787   1.00 128.75 ? 7  DA A C4    1 
ATOM 146 P P     . DC A 1 8  ? -12.554 8.718   5.863   1.00 148.79 ? 8  DC A P     1 
ATOM 147 O OP1   . DC A 1 8  ? -13.864 9.111   6.426   1.00 146.14 ? 8  DC A OP1   1 
ATOM 148 O OP2   . DC A 1 8  ? -11.316 8.965   6.639   1.00 136.95 ? 8  DC A OP2   1 
ATOM 149 O "O5'" . DC A 1 8  ? -12.631 7.164   5.509   1.00 135.27 ? 8  DC A "O5'" 1 
ATOM 150 C "C5'" . DC A 1 8  ? -13.796 6.621   4.902   1.00 129.74 ? 8  DC A "C5'" 1 
ATOM 151 C "C4'" . DC A 1 8  ? -13.995 5.194   5.362   1.00 125.82 ? 8  DC A "C4'" 1 
ATOM 152 O "O4'" . DC A 1 8  ? -13.043 4.332   4.678   1.00 123.05 ? 8  DC A "O4'" 1 
ATOM 153 C "C3'" . DC A 1 8  ? -13.747 4.981   6.855   1.00 123.40 ? 8  DC A "C3'" 1 
ATOM 154 O "O3'" . DC A 1 8  ? -14.628 4.005   7.365   1.00 121.60 ? 8  DC A "O3'" 1 
ATOM 155 C "C2'" . DC A 1 8  ? -12.312 4.484   6.882   1.00 120.64 ? 8  DC A "C2'" 1 
ATOM 156 C "C1'" . DC A 1 8  ? -12.297 3.620   5.639   1.00 118.78 ? 8  DC A "C1'" 1 
ATOM 157 N N1    . DC A 1 8  ? -10.933 3.378   5.123   1.00 120.92 ? 8  DC A N1    1 
ATOM 158 C C2    . DC A 1 8  ? -10.662 2.209   4.407   1.00 116.47 ? 8  DC A C2    1 
ATOM 159 O O2    . DC A 1 8  ? -11.580 1.404   4.195   1.00 111.34 ? 8  DC A O2    1 
ATOM 160 N N3    . DC A 1 8  ? -9.401  2.000   3.955   1.00 114.13 ? 8  DC A N3    1 
ATOM 161 C C4    . DC A 1 8  ? -8.440  2.896   4.206   1.00 116.24 ? 8  DC A C4    1 
ATOM 162 N N4    . DC A 1 8  ? -7.211  2.646   3.740   1.00 118.56 ? 8  DC A N4    1 
ATOM 163 C C5    . DC A 1 8  ? -8.699  4.086   4.945   1.00 117.22 ? 8  DC A C5    1 
ATOM 164 C C6    . DC A 1 8  ? -9.944  4.281   5.384   1.00 121.70 ? 8  DC A C6    1 
ATOM 165 P P     . DG A 1 9  ? -14.562 3.600   8.919   1.00 133.05 ? 9  DG A P     1 
ATOM 166 O OP1   . DG A 1 9  ? -14.836 4.829   9.699   1.00 139.56 ? 9  DG A OP1   1 
ATOM 167 O OP2   . DG A 1 9  ? -13.324 2.833   9.179   1.00 121.16 ? 9  DG A OP2   1 
ATOM 168 O "O5'" . DG A 1 9  ? -15.783 2.584   9.090   1.00 129.79 ? 9  DG A "O5'" 1 
ATOM 169 C "C5'" . DG A 1 9  ? -16.287 1.888   7.960   1.00 123.49 ? 9  DG A "C5'" 1 
ATOM 170 C "C4'" . DG A 1 9  ? -15.652 0.516   7.829   1.00 118.06 ? 9  DG A "C4'" 1 
ATOM 171 O "O4'" . DG A 1 9  ? -14.333 0.632   7.232   1.00 115.95 ? 9  DG A "O4'" 1 
ATOM 172 C "C3'" . DG A 1 9  ? -15.445 -0.258  9.152   1.00 113.43 ? 9  DG A "C3'" 1 
ATOM 173 O "O3'" . DG A 1 9  ? -15.959 -1.596  9.022   1.00 114.60 ? 9  DG A "O3'" 1 
ATOM 174 C "C2'" . DG A 1 9  ? -13.928 -0.261  9.302   1.00 111.38 ? 9  DG A "C2'" 1 
ATOM 175 C "C1'" . DG A 1 9  ? -13.536 -0.333  7.847   1.00 110.57 ? 9  DG A "C1'" 1 
ATOM 176 N N9    . DG A 1 9  ? -12.135 -0.076  7.594   1.00 108.65 ? 9  DG A N9    1 
ATOM 177 C C8    . DG A 1 9  ? -11.469 1.124   7.614   1.00 112.68 ? 9  DG A C8    1 
ATOM 178 N N7    . DG A 1 9  ? -10.194 1.010   7.351   1.00 110.76 ? 9  DG A N7    1 
ATOM 179 C C5    . DG A 1 9  ? -10.017 -0.355  7.155   1.00 103.10 ? 9  DG A C5    1 
ATOM 180 C C6    . DG A 1 9  ? -8.855  -1.090  6.843   1.00 92.34  ? 9  DG A C6    1 
ATOM 181 O O6    . DG A 1 9  ? -7.703  -0.672  6.670   1.00 89.97  ? 9  DG A O6    1 
ATOM 182 N N1    . DG A 1 9  ? -9.131  -2.457  6.737   1.00 90.77  ? 9  DG A N1    1 
ATOM 183 C C2    . DG A 1 9  ? -10.377 -3.023  6.909   1.00 99.82  ? 9  DG A C2    1 
ATOM 184 N N2    . DG A 1 9  ? -10.468 -4.351  6.772   1.00 98.33  ? 9  DG A N2    1 
ATOM 185 N N3    . DG A 1 9  ? -11.459 -2.339  7.201   1.00 106.04 ? 9  DG A N3    1 
ATOM 186 C C4    . DG A 1 9  ? -11.205 -1.021  7.308   1.00 107.41 ? 9  DG A C4    1 
ATOM 187 P P     . DT A 1 10 ? -15.460 -2.781  9.996   1.00 112.19 ? 10 DT A P     1 
ATOM 188 O OP1   . DT A 1 10 ? -16.466 -3.865  9.915   1.00 110.21 ? 10 DT A OP1   1 
ATOM 189 O OP2   . DT A 1 10 ? -15.112 -2.211  11.316  1.00 105.30 ? 10 DT A OP2   1 
ATOM 190 O "O5'" . DT A 1 10 ? -14.125 -3.321  9.304   1.00 109.47 ? 10 DT A "O5'" 1 
ATOM 191 C "C5'" . DT A 1 10 ? -14.198 -4.389  8.375   1.00 109.32 ? 10 DT A "C5'" 1 
ATOM 192 C "C4'" . DT A 1 10 ? -13.434 -5.599  8.883   1.00 108.15 ? 10 DT A "C4'" 1 
ATOM 193 O "O4'" . DT A 1 10 ? -12.019 -5.424  8.607   1.00 107.24 ? 10 DT A "O4'" 1 
ATOM 194 C "C3'" . DT A 1 10 ? -13.545 -5.859  10.387  1.00 105.02 ? 10 DT A "C3'" 1 
ATOM 195 O "O3'" . DT A 1 10 ? -13.652 -7.256  10.633  1.00 109.68 ? 10 DT A "O3'" 1 
ATOM 196 C "C2'" . DT A 1 10 ? -12.232 -5.302  10.925  1.00 103.06 ? 10 DT A "C2'" 1 
ATOM 197 C "C1'" . DT A 1 10 ? -11.281 -5.632  9.789   1.00 103.91 ? 10 DT A "C1'" 1 
ATOM 198 N N1    . DT A 1 10 ? -10.076 -4.755  9.764   1.00 106.00 ? 10 DT A N1    1 
ATOM 199 C C2    . DT A 1 10 ? -8.871  -5.265  9.331   1.00 93.25  ? 10 DT A C2    1 
ATOM 200 O O2    . DT A 1 10 ? -8.731  -6.412  8.942   1.00 89.25  ? 10 DT A O2    1 
ATOM 201 N N3    . DT A 1 10 ? -7.831  -4.374  9.359   1.00 87.39  ? 10 DT A N3    1 
ATOM 202 C C4    . DT A 1 10 ? -7.872  -3.053  9.775   1.00 90.79  ? 10 DT A C4    1 
ATOM 203 O O4    . DT A 1 10 ? -6.884  -2.329  9.765   1.00 86.72  ? 10 DT A O4    1 
ATOM 204 C C5    . DT A 1 10 ? -9.163  -2.589  10.223  1.00 99.29  ? 10 DT A C5    1 
ATOM 205 C C7    . DT A 1 10 ? -9.334  -1.177  10.696  1.00 100.89 ? 10 DT A C7    1 
ATOM 206 C C6    . DT A 1 10 ? -10.188 -3.452  10.199  1.00 103.13 ? 10 DT A C6    1 
ATOM 207 P P     . DG A 1 11 ? -13.754 -7.815  12.139  1.00 117.35 ? 11 DG A P     1 
ATOM 208 O OP1   . DG A 1 11 ? -14.732 -8.925  12.128  1.00 118.10 ? 11 DG A OP1   1 
ATOM 209 O OP2   . DG A 1 11 ? -13.958 -6.670  13.056  1.00 106.80 ? 11 DG A OP2   1 
ATOM 210 O "O5'" . DG A 1 11 ? -12.304 -8.438  12.421  1.00 95.83  ? 11 DG A "O5'" 1 
ATOM 211 C "C5'" . DG A 1 11 ? -12.177 -9.817  12.784  1.00 90.99  ? 11 DG A "C5'" 1 
ATOM 212 C "C4'" . DG A 1 11 ? -10.772 -10.322 12.507  1.00 89.71  ? 11 DG A "C4'" 1 
ATOM 213 O "O4'" . DG A 1 11 ? -10.093 -9.394  11.626  1.00 97.78  ? 11 DG A "O4'" 1 
ATOM 214 C "C3'" . DG A 1 11 ? -9.881  -10.458 13.734  1.00 85.33  ? 11 DG A "C3'" 1 
ATOM 215 O "O3'" . DG A 1 11 ? -9.977  -11.788 14.246  1.00 82.40  ? 11 DG A "O3'" 1 
ATOM 216 C "C2'" . DG A 1 11 ? -8.488  -10.167 13.177  1.00 82.75  ? 11 DG A "C2'" 1 
ATOM 217 C "C1'" . DG A 1 11 ? -8.775  -9.152  12.085  1.00 90.50  ? 11 DG A "C1'" 1 
ATOM 218 N N9    . DG A 1 11 ? -8.680  -7.762  12.524  1.00 90.87  ? 11 DG A N9    1 
ATOM 219 C C8    . DG A 1 11 ? -9.705  -6.963  12.969  1.00 89.65  ? 11 DG A C8    1 
ATOM 220 N N7    . DG A 1 11 ? -9.327  -5.755  13.278  1.00 86.38  ? 11 DG A N7    1 
ATOM 221 C C5    . DG A 1 11 ? -7.963  -5.749  13.018  1.00 87.38  ? 11 DG A C5    1 
ATOM 222 C C6    . DG A 1 11 ? -7.017  -4.708  13.155  1.00 85.29  ? 11 DG A C6    1 
ATOM 223 O O6    . DG A 1 11 ? -7.202  -3.555  13.565  1.00 85.34  ? 11 DG A O6    1 
ATOM 224 N N1    . DG A 1 11 ? -5.739  -5.121  12.785  1.00 76.41  ? 11 DG A N1    1 
ATOM 225 C C2    . DG A 1 11 ? -5.421  -6.378  12.330  1.00 75.87  ? 11 DG A C2    1 
ATOM 226 N N2    . DG A 1 11 ? -4.135  -6.585  12.015  1.00 76.37  ? 11 DG A N2    1 
ATOM 227 N N3    . DG A 1 11 ? -6.299  -7.362  12.190  1.00 79.83  ? 11 DG A N3    1 
ATOM 228 C C4    . DG A 1 11 ? -7.548  -6.976  12.551  1.00 87.35  ? 11 DG A C4    1 
ATOM 229 P P     . DA A 1 12 ? -8.837  -12.377 15.216  1.00 87.38  ? 12 DA A P     1 
ATOM 230 O OP1   . DA A 1 12 ? -9.352  -13.622 15.832  1.00 72.68  ? 12 DA A OP1   1 
ATOM 231 O OP2   . DA A 1 12 ? -8.402  -11.269 16.100  1.00 70.00  ? 12 DA A OP2   1 
ATOM 232 O "O5'" . DA A 1 12 ? -7.654  -12.775 14.206  1.00 88.26  ? 12 DA A "O5'" 1 
ATOM 233 C "C5'" . DA A 1 12 ? -6.537  -13.513 14.657  1.00 74.58  ? 12 DA A "C5'" 1 
ATOM 234 C "C4'" . DA A 1 12 ? -5.411  -12.596 15.099  1.00 58.88  ? 12 DA A "C4'" 1 
ATOM 235 O "O4'" . DA A 1 12 ? -5.572  -11.275 14.532  1.00 62.93  ? 12 DA A "O4'" 1 
ATOM 236 C "C3'" . DA A 1 12 ? -5.354  -12.323 16.582  1.00 57.94  ? 12 DA A "C3'" 1 
ATOM 237 O "O3'" . DA A 1 12 ? -4.749  -13.413 17.267  1.00 50.97  ? 12 DA A "O3'" 1 
ATOM 238 C "C2'" . DA A 1 12 ? -4.483  -11.070 16.629  1.00 62.32  ? 12 DA A "C2'" 1 
ATOM 239 C "C1'" . DA A 1 12 ? -4.760  -10.388 15.285  1.00 65.40  ? 12 DA A "C1'" 1 
ATOM 240 N N9    . DA A 1 12 ? -5.427  -9.100  15.450  1.00 75.35  ? 12 DA A N9    1 
ATOM 241 C C8    . DA A 1 12 ? -6.758  -8.871  15.670  1.00 80.27  ? 12 DA A C8    1 
ATOM 242 N N7    . DA A 1 12 ? -7.064  -7.602  15.812  1.00 79.78  ? 12 DA A N7    1 
ATOM 243 C C5    . DA A 1 12 ? -5.844  -6.955  15.699  1.00 79.69  ? 12 DA A C5    1 
ATOM 244 C C6    . DA A 1 12 ? -5.480  -5.593  15.768  1.00 79.06  ? 12 DA A C6    1 
ATOM 245 N N6    . DA A 1 12 ? -6.358  -4.605  15.971  1.00 74.96  ? 12 DA A N6    1 
ATOM 246 N N1    . DA A 1 12 ? -4.172  -5.288  15.616  1.00 79.13  ? 12 DA A N1    1 
ATOM 247 C C2    . DA A 1 12 ? -3.297  -6.284  15.414  1.00 78.78  ? 12 DA A C2    1 
ATOM 248 N N3    . DA A 1 12 ? -3.521  -7.596  15.338  1.00 73.14  ? 12 DA A N3    1 
ATOM 249 C C4    . DA A 1 12 ? -4.825  -7.867  15.490  1.00 74.40  ? 12 DA A C4    1 
ATOM 250 P P     . DC B 2 1  ? 17.625  -9.077  16.026  1.00 67.04  ? 12 DC B P     1 
ATOM 251 O OP1   . DC B 2 1  ? 17.260  -10.427 15.535  1.00 64.37  ? 12 DC B OP1   1 
ATOM 252 O OP2   . DC B 2 1  ? 17.149  -8.631  17.357  1.00 75.48  ? 12 DC B OP2   1 
ATOM 253 O "O5'" . DC B 2 1  ? 17.247  -7.941  14.953  1.00 69.84  ? 12 DC B "O5'" 1 
ATOM 254 C "C5'" . DC B 2 1  ? 16.299  -8.204  13.916  1.00 70.04  ? 12 DC B "C5'" 1 
ATOM 255 C "C4'" . DC B 2 1  ? 16.899  -9.084  12.832  1.00 75.73  ? 12 DC B "C4'" 1 
ATOM 256 O "O4'" . DC B 2 1  ? 15.923  -10.064 12.388  1.00 70.35  ? 12 DC B "O4'" 1 
ATOM 257 C "C3'" . DC B 2 1  ? 17.354  -8.335  11.584  1.00 85.69  ? 12 DC B "C3'" 1 
ATOM 258 O "O3'" . DC B 2 1  ? 18.667  -8.730  11.238  1.00 88.01  ? 12 DC B "O3'" 1 
ATOM 259 C "C2'" . DC B 2 1  ? 16.339  -8.746  10.519  1.00 73.86  ? 12 DC B "C2'" 1 
ATOM 260 C "C1'" . DC B 2 1  ? 15.947  -10.135 10.983  1.00 72.25  ? 12 DC B "C1'" 1 
ATOM 261 N N1    . DC B 2 1  ? 14.598  -10.541 10.499  1.00 77.24  ? 12 DC B N1    1 
ATOM 262 C C2    . DC B 2 1  ? 14.480  -11.236 9.291   1.00 77.64  ? 12 DC B C2    1 
ATOM 263 O O2    . DC B 2 1  ? 15.503  -11.520 8.655   1.00 76.18  ? 12 DC B O2    1 
ATOM 264 N N3    . DC B 2 1  ? 13.242  -11.590 8.857   1.00 79.34  ? 12 DC B N3    1 
ATOM 265 C C4    . DC B 2 1  ? 12.163  -11.264 9.573   1.00 75.68  ? 12 DC B C4    1 
ATOM 266 N N4    . DC B 2 1  ? 10.967  -11.635 9.103   1.00 74.33  ? 12 DC B N4    1 
ATOM 267 C C5    . DC B 2 1  ? 12.264  -10.548 10.803  1.00 74.88  ? 12 DC B C5    1 
ATOM 268 C C6    . DC B 2 1  ? 13.488  -10.208 11.223  1.00 77.70  ? 12 DC B C6    1 
ATOM 269 P P     . DG B 2 2  ? 19.533  -7.821  10.239  1.00 88.03  ? 13 DG B P     1 
ATOM 270 O OP1   . DG B 2 2  ? 20.885  -8.414  10.163  1.00 96.36  ? 13 DG B OP1   1 
ATOM 271 O OP2   . DG B 2 2  ? 19.374  -6.402  10.639  1.00 87.14  ? 13 DG B OP2   1 
ATOM 272 O "O5'" . DG B 2 2  ? 18.801  -8.029  8.839   1.00 73.58  ? 13 DG B "O5'" 1 
ATOM 273 C "C5'" . DG B 2 2  ? 19.243  -7.335  7.715   1.00 72.66  ? 13 DG B "C5'" 1 
ATOM 274 C "C4'" . DG B 2 2  ? 19.580  -8.302  6.607   1.00 84.67  ? 13 DG B "C4'" 1 
ATOM 275 O "O4'" . DG B 2 2  ? 18.559  -9.326  6.535   1.00 77.24  ? 13 DG B "O4'" 1 
ATOM 276 C "C3'" . DG B 2 2  ? 19.606  -7.685  5.230   1.00 90.94  ? 13 DG B "C3'" 1 
ATOM 277 O "O3'" . DG B 2 2  ? 20.395  -8.467  4.371   1.00 96.63  ? 13 DG B "O3'" 1 
ATOM 278 C "C2'" . DG B 2 2  ? 18.140  -7.735  4.834   1.00 82.78  ? 13 DG B "C2'" 1 
ATOM 279 C "C1'" . DG B 2 2  ? 17.679  -9.049  5.463   1.00 79.80  ? 13 DG B "C1'" 1 
ATOM 280 N N9    . DG B 2 2  ? 16.327  -8.979  6.001   1.00 79.03  ? 13 DG B N9    1 
ATOM 281 C C8    . DG B 2 2  ? 15.936  -8.363  7.165   1.00 76.37  ? 13 DG B C8    1 
ATOM 282 N N7    . DG B 2 2  ? 14.660  -8.458  7.400   1.00 74.82  ? 13 DG B N7    1 
ATOM 283 C C5    . DG B 2 2  ? 14.170  -9.182  6.319   1.00 76.93  ? 13 DG B C5    1 
ATOM 284 C C6    . DG B 2 2  ? 12.852  -9.597  6.026   1.00 72.90  ? 13 DG B C6    1 
ATOM 285 O O6    . DG B 2 2  ? 11.823  -9.397  6.684   1.00 71.18  ? 13 DG B O6    1 
ATOM 286 N N1    . DG B 2 2  ? 12.788  -10.313 4.831   1.00 70.03  ? 13 DG B N1    1 
ATOM 287 C C2    . DG B 2 2  ? 13.865  -10.591 4.023   1.00 73.40  ? 13 DG B C2    1 
ATOM 288 N N2    . DG B 2 2  ? 13.607  -11.294 2.910   1.00 70.95  ? 13 DG B N2    1 
ATOM 289 N N3    . DG B 2 2  ? 15.108  -10.208 4.288   1.00 79.54  ? 13 DG B N3    1 
ATOM 290 C C4    . DG B 2 2  ? 15.185  -9.511  5.448   1.00 78.05  ? 13 DG B C4    1 
ATOM 291 P P     . DA B 2 3  ? 20.902  -7.846  2.983   1.00 114.69 ? 14 DA B P     1 
ATOM 292 O OP1   . DA B 2 3  ? 21.976  -8.723  2.472   1.00 119.48 ? 14 DA B OP1   1 
ATOM 293 O OP2   . DA B 2 3  ? 21.170  -6.408  3.216   1.00 109.66 ? 14 DA B OP2   1 
ATOM 294 O "O5'" . DA B 2 3  ? 19.626  -7.963  2.023   1.00 91.41  ? 14 DA B "O5'" 1 
ATOM 295 C "C5'" . DA B 2 3  ? 19.009  -9.227  1.808   1.00 88.50  ? 14 DA B "C5'" 1 
ATOM 296 C "C4'" . DA B 2 3  ? 17.813  -9.074  0.893   1.00 88.86  ? 14 DA B "C4'" 1 
ATOM 297 O "O4'" . DA B 2 3  ? 16.588  -9.017  1.679   1.00 83.65  ? 14 DA B "O4'" 1 
ATOM 298 C "C3'" . DA B 2 3  ? 17.829  -7.798  0.054   1.00 82.81  ? 14 DA B "C3'" 1 
ATOM 299 O "O3'" . DA B 2 3  ? 17.364  -8.082  -1.237  1.00 77.78  ? 14 DA B "O3'" 1 
ATOM 300 C "C2'" . DA B 2 3  ? 16.858  -6.893  0.800   1.00 81.93  ? 14 DA B "C2'" 1 
ATOM 301 C "C1'" . DA B 2 3  ? 15.831  -7.911  1.252   1.00 77.50  ? 14 DA B "C1'" 1 
ATOM 302 N N9    . DA B 2 3  ? 14.994  -7.452  2.354   1.00 73.24  ? 14 DA B N9    1 
ATOM 303 C C8    . DA B 2 3  ? 15.393  -6.743  3.448   1.00 75.80  ? 14 DA B C8    1 
ATOM 304 N N7    . DA B 2 3  ? 14.424  -6.463  4.283   1.00 76.89  ? 14 DA B N7    1 
ATOM 305 C C5    . DA B 2 3  ? 13.305  -7.021  3.691   1.00 77.62  ? 14 DA B C5    1 
ATOM 306 C C6    . DA B 2 3  ? 11.950  -7.070  4.079   1.00 71.23  ? 14 DA B C6    1 
ATOM 307 N N6    . DA B 2 3  ? 11.489  -6.522  5.208   1.00 68.20  ? 14 DA B N6    1 
ATOM 308 N N1    . DA B 2 3  ? 11.089  -7.706  3.261   1.00 69.72  ? 14 DA B N1    1 
ATOM 309 C C2    . DA B 2 3  ? 11.558  -8.255  2.132   1.00 72.35  ? 14 DA B C2    1 
ATOM 310 N N3    . DA B 2 3  ? 12.806  -8.276  1.662   1.00 74.37  ? 14 DA B N3    1 
ATOM 311 C C4    . DA B 2 3  ? 13.638  -7.636  2.499   1.00 76.78  ? 14 DA B C4    1 
ATOM 312 P P     . DG B 2 4  ? 17.810  -7.158  -2.468  1.00 86.50  ? 15 DG B P     1 
ATOM 313 O OP1   . DG B 2 4  ? 19.280  -7.293  -2.620  1.00 96.13  ? 15 DG B OP1   1 
ATOM 314 O OP2   . DG B 2 4  ? 17.204  -5.824  -2.256  1.00 75.30  ? 15 DG B OP2   1 
ATOM 315 O "O5'" . DG B 2 4  ? 17.091  -7.839  -3.720  1.00 77.48  ? 15 DG B "O5'" 1 
ATOM 316 C "C5'" . DG B 2 4  ? 16.230  -8.952  -3.512  1.00 84.59  ? 15 DG B "C5'" 1 
ATOM 317 C "C4'" . DG B 2 4  ? 14.782  -8.573  -3.776  1.00 88.59  ? 15 DG B "C4'" 1 
ATOM 318 O "O4'" . DG B 2 4  ? 14.125  -8.202  -2.533  1.00 84.40  ? 15 DG B "O4'" 1 
ATOM 319 C "C3'" . DG B 2 4  ? 14.591  -7.382  -4.720  1.00 80.74  ? 15 DG B "C3'" 1 
ATOM 320 O "O3'" . DG B 2 4  ? 13.577  -7.673  -5.657  1.00 79.61  ? 15 DG B "O3'" 1 
ATOM 321 C "C2'" . DG B 2 4  ? 14.162  -6.262  -3.778  1.00 78.37  ? 15 DG B "C2'" 1 
ATOM 322 C "C1'" . DG B 2 4  ? 13.353  -7.053  -2.774  1.00 77.82  ? 15 DG B "C1'" 1 
ATOM 323 N N9    . DG B 2 4  ? 13.122  -6.354  -1.517  1.00 77.12  ? 15 DG B N9    1 
ATOM 324 C C8    . DG B 2 4  ? 14.067  -5.844  -0.664  1.00 75.61  ? 15 DG B C8    1 
ATOM 325 N N7    . DG B 2 4  ? 13.560  -5.270  0.393   1.00 77.39  ? 15 DG B N7    1 
ATOM 326 C C5    . DG B 2 4  ? 12.186  -5.402  0.225   1.00 82.32  ? 15 DG B C5    1 
ATOM 327 C C6    . DG B 2 4  ? 11.118  -4.969  1.048   1.00 71.02  ? 15 DG B C6    1 
ATOM 328 O O6    . DG B 2 4  ? 11.178  -4.363  2.125   1.00 69.75  ? 15 DG B O6    1 
ATOM 329 N N1    . DG B 2 4  ? 9.881   -5.306  0.507   1.00 64.54  ? 15 DG B N1    1 
ATOM 330 C C2    . DG B 2 4  ? 9.696   -5.975  -0.679  1.00 67.09  ? 15 DG B C2    1 
ATOM 331 N N2    . DG B 2 4  ? 8.427   -6.211  -1.039  1.00 68.69  ? 15 DG B N2    1 
ATOM 332 N N3    . DG B 2 4  ? 10.684  -6.387  -1.460  1.00 77.54  ? 15 DG B N3    1 
ATOM 333 C C4    . DG B 2 4  ? 11.899  -6.066  -0.947  1.00 84.18  ? 15 DG B C4    1 
ATOM 334 P P     . DA B 2 5  ? 13.597  -6.953  -7.090  1.00 85.15  ? 16 DA B P     1 
ATOM 335 O OP1   . DA B 2 5  ? 14.035  -7.947  -8.095  1.00 88.50  ? 16 DA B OP1   1 
ATOM 336 O OP2   . DA B 2 5  ? 14.318  -5.672  -6.913  1.00 82.83  ? 16 DA B OP2   1 
ATOM 337 O "O5'" . DA B 2 5  ? 12.071  -6.588  -7.368  1.00 85.63  ? 16 DA B "O5'" 1 
ATOM 338 C "C5'" . DA B 2 5  ? 11.059  -7.552  -7.168  1.00 81.37  ? 16 DA B "C5'" 1 
ATOM 339 C "C4'" . DA B 2 5  ? 9.768   -6.864  -6.788  1.00 79.99  ? 16 DA B "C4'" 1 
ATOM 340 O "O4'" . DA B 2 5  ? 9.877   -6.363  -5.429  1.00 72.43  ? 16 DA B "O4'" 1 
ATOM 341 C "C3'" . DA B 2 5  ? 9.420   -5.647  -7.648  1.00 84.22  ? 16 DA B "C3'" 1 
ATOM 342 O "O3'" . DA B 2 5  ? 8.019   -5.585  -7.860  1.00 83.77  ? 16 DA B "O3'" 1 
ATOM 343 C "C2'" . DA B 2 5  ? 9.898   -4.484  -6.788  1.00 78.31  ? 16 DA B "C2'" 1 
ATOM 344 C "C1'" . DA B 2 5  ? 9.525   -4.997  -5.417  1.00 78.02  ? 16 DA B "C1'" 1 
ATOM 345 N N9    . DA B 2 5  ? 10.244  -4.343  -4.340  1.00 78.11  ? 16 DA B N9    1 
ATOM 346 C C8    . DA B 2 5  ? 11.597  -4.252  -4.191  1.00 75.95  ? 16 DA B C8    1 
ATOM 347 N N7    . DA B 2 5  ? 11.967  -3.603  -3.114  1.00 77.62  ? 16 DA B N7    1 
ATOM 348 C C5    . DA B 2 5  ? 10.769  -3.241  -2.517  1.00 81.70  ? 16 DA B C5    1 
ATOM 349 C C6    . DA B 2 5  ? 10.472  -2.528  -1.337  1.00 78.79  ? 16 DA B C6    1 
ATOM 350 N N6    . DA B 2 5  ? 11.407  -2.035  -0.519  1.00 80.95  ? 16 DA B N6    1 
ATOM 351 N N1    . DA B 2 5  ? 9.170   -2.342  -1.032  1.00 75.80  ? 16 DA B N1    1 
ATOM 352 C C2    . DA B 2 5  ? 8.236   -2.838  -1.853  1.00 77.32  ? 16 DA B C2    1 
ATOM 353 N N3    . DA B 2 5  ? 8.392   -3.521  -2.986  1.00 74.98  ? 16 DA B N3    1 
ATOM 354 C C4    . DA B 2 5  ? 9.696   -3.692  -3.261  1.00 80.29  ? 16 DA B C4    1 
ATOM 355 P P     . DC B 2 6  ? 7.426   -4.702  -9.062  1.00 93.79  ? 17 DC B P     1 
ATOM 356 O OP1   . DC B 2 6  ? 6.613   -5.589  -9.922  1.00 98.16  ? 17 DC B OP1   1 
ATOM 357 O OP2   . DC B 2 6  ? 8.551   -3.936  -9.646  1.00 89.31  ? 17 DC B OP2   1 
ATOM 358 O "O5'" . DC B 2 6  ? 6.448   -3.672  -8.336  1.00 81.43  ? 17 DC B "O5'" 1 
ATOM 359 C "C5'" . DC B 2 6  ? 6.914   -2.933  -7.238  1.00 75.42  ? 17 DC B "C5'" 1 
ATOM 360 C "C4'" . DC B 2 6  ? 5.767   -2.483  -6.372  1.00 81.93  ? 17 DC B "C4'" 1 
ATOM 361 O "O4'" . DC B 2 6  ? 6.264   -2.211  -5.040  1.00 81.49  ? 17 DC B "O4'" 1 
ATOM 362 C "C3'" . DC B 2 6  ? 5.125   -1.184  -6.809  1.00 82.95  ? 17 DC B "C3'" 1 
ATOM 363 O "O3'" . DC B 2 6  ? 3.831   -1.070  -6.227  1.00 84.58  ? 17 DC B "O3'" 1 
ATOM 364 C "C2'" . DC B 2 6  ? 6.088   -0.176  -6.210  1.00 76.90  ? 17 DC B "C2'" 1 
ATOM 365 C "C1'" . DC B 2 6  ? 6.350   -0.810  -4.848  1.00 76.90  ? 17 DC B "C1'" 1 
ATOM 366 N N1    . DC B 2 6  ? 7.685   -0.501  -4.306  1.00 80.18  ? 17 DC B N1    1 
ATOM 367 C C2    . DC B 2 6  ? 7.797   0.220   -3.117  1.00 80.25  ? 17 DC B C2    1 
ATOM 368 O O2    . DC B 2 6  ? 6.768   0.587   -2.534  1.00 76.64  ? 17 DC B O2    1 
ATOM 369 N N3    . DC B 2 6  ? 9.038   0.497   -2.634  1.00 84.95  ? 17 DC B N3    1 
ATOM 370 C C4    . DC B 2 6  ? 10.122  0.082   -3.297  1.00 80.63  ? 17 DC B C4    1 
ATOM 371 N N4    . DC B 2 6  ? 11.323  0.377   -2.787  1.00 77.73  ? 17 DC B N4    1 
ATOM 372 C C5    . DC B 2 6  ? 10.022  -0.653  -4.514  1.00 79.01  ? 17 DC B C5    1 
ATOM 373 C C6    . DC B 2 6  ? 8.797   -0.921  -4.976  1.00 84.26  ? 17 DC B C6    1 
ATOM 374 P P     . DT B 2 7  ? 2.908   0.208   -6.543  1.00 88.76  ? 18 DT B P     1 
ATOM 375 O OP1   . DT B 2 7  ? 1.557   -0.058  -5.996  1.00 97.31  ? 18 DT B OP1   1 
ATOM 376 O OP2   . DT B 2 7  ? 3.081   0.545   -7.976  1.00 81.76  ? 18 DT B OP2   1 
ATOM 377 O "O5'" . DT B 2 7  ? 3.569   1.378   -5.683  1.00 77.88  ? 18 DT B "O5'" 1 
ATOM 378 C "C5'" . DT B 2 7  ? 2.915   2.610   -5.562  1.00 81.32  ? 18 DT B "C5'" 1 
ATOM 379 C "C4'" . DT B 2 7  ? 2.454   2.822   -4.140  1.00 87.25  ? 18 DT B "C4'" 1 
ATOM 380 O "O4'" . DT B 2 7  ? 3.547   2.555   -3.230  1.00 82.98  ? 18 DT B "O4'" 1 
ATOM 381 C "C3'" . DT B 2 7  ? 2.045   4.237   -3.821  1.00 95.26  ? 18 DT B "C3'" 1 
ATOM 382 O "O3'" . DT B 2 7  ? 1.247   4.231   -2.669  1.00 100.71 ? 18 DT B "O3'" 1 
ATOM 383 C "C2'" . DT B 2 7  ? 3.396   4.889   -3.558  1.00 97.11  ? 18 DT B "C2'" 1 
ATOM 384 C "C1'" . DT B 2 7  ? 4.116   3.782   -2.797  1.00 93.10  ? 18 DT B "C1'" 1 
ATOM 385 N N1    . DT B 2 7  ? 5.577   3.709   -3.048  1.00 88.04  ? 18 DT B N1    1 
ATOM 386 C C2    . DT B 2 7  ? 6.444   3.901   -2.005  1.00 90.23  ? 18 DT B C2    1 
ATOM 387 O O2    . DT B 2 7  ? 6.078   4.156   -0.871  1.00 91.04  ? 18 DT B O2    1 
ATOM 388 N N3    . DT B 2 7  ? 7.769   3.780   -2.331  1.00 91.10  ? 18 DT B N3    1 
ATOM 389 C C4    . DT B 2 7  ? 8.299   3.492   -3.575  1.00 86.44  ? 18 DT B C4    1 
ATOM 390 O O4    . DT B 2 7  ? 9.507   3.410   -3.769  1.00 84.71  ? 18 DT B O4    1 
ATOM 391 C C5    . DT B 2 7  ? 7.331   3.296   -4.625  1.00 83.66  ? 18 DT B C5    1 
ATOM 392 C C7    . DT B 2 7  ? 7.784   2.979   -6.018  1.00 79.93  ? 18 DT B C7    1 
ATOM 393 C C6    . DT B 2 7  ? 6.032   3.407   -4.314  1.00 85.88  ? 18 DT B C6    1 
ATOM 394 P P     . DC B 2 8  ? 0.157   5.383   -2.451  1.00 118.55 ? 19 DC B P     1 
ATOM 395 O OP1   . DC B 2 8  ? -0.829  4.874   -1.471  1.00 118.06 ? 19 DC B OP1   1 
ATOM 396 O OP2   . DC B 2 8  ? -0.294  5.833   -3.789  1.00 118.67 ? 19 DC B OP2   1 
ATOM 397 O "O5'" . DC B 2 8  ? 0.999   6.574   -1.798  1.00 115.97 ? 19 DC B "O5'" 1 
ATOM 398 C "C5'" . DC B 2 8  ? 1.820   6.320   -0.664  1.00 114.69 ? 19 DC B "C5'" 1 
ATOM 399 C "C4'" . DC B 2 8  ? 2.652   7.539   -0.325  1.00 110.28 ? 19 DC B "C4'" 1 
ATOM 400 O "O4'" . DC B 2 8  ? 4.003   7.361   -0.823  1.00 103.91 ? 19 DC B "O4'" 1 
ATOM 401 C "C3'" . DC B 2 8  ? 2.151   8.849   -0.931  1.00 114.09 ? 19 DC B "C3'" 1 
ATOM 402 O "O3'" . DC B 2 8  ? 2.328   9.898   -0.002  1.00 117.95 ? 19 DC B "O3'" 1 
ATOM 403 C "C2'" . DC B 2 8  ? 3.057   9.026   -2.144  1.00 112.13 ? 19 DC B "C2'" 1 
ATOM 404 C "C1'" . DC B 2 8  ? 4.363   8.480   -1.596  1.00 108.27 ? 19 DC B "C1'" 1 
ATOM 405 N N1    . DC B 2 8  ? 5.321   8.040   -2.640  1.00 105.24 ? 19 DC B N1    1 
ATOM 406 C C2    . DC B 2 8  ? 6.654   7.791   -2.292  1.00 102.11 ? 19 DC B C2    1 
ATOM 407 O O2    . DC B 2 8  ? 7.008   7.941   -1.116  1.00 103.84 ? 19 DC B O2    1 
ATOM 408 N N3    . DC B 2 8  ? 7.519   7.391   -3.253  1.00 99.13  ? 19 DC B N3    1 
ATOM 409 C C4    . DC B 2 8  ? 7.098   7.242   -4.507  1.00 100.46 ? 19 DC B C4    1 
ATOM 410 N N4    . DC B 2 8  ? 7.990   6.846   -5.422  1.00 99.44  ? 19 DC B N4    1 
ATOM 411 C C5    . DC B 2 8  ? 5.744   7.492   -4.882  1.00 101.34 ? 19 DC B C5    1 
ATOM 412 C C6    . DC B 2 8  ? 4.898   7.888   -3.926  1.00 99.80  ? 19 DC B C6    1 
ATOM 413 P P     . DA B 2 9  ? 1.074   10.783  0.465   1.00 119.27 ? 20 DA B P     1 
ATOM 414 O OP1   . DA B 2 9  ? 0.157   9.888   1.207   1.00 125.51 ? 20 DA B OP1   1 
ATOM 415 O OP2   . DA B 2 9  ? 0.586   11.521  -0.724  1.00 111.50 ? 20 DA B OP2   1 
ATOM 416 O "O5'" . DA B 2 9  ? 1.711   11.828  1.499   1.00 126.49 ? 20 DA B "O5'" 1 
ATOM 417 C "C5'" . DA B 2 9  ? 2.262   11.366  2.736   1.00 127.99 ? 20 DA B "C5'" 1 
ATOM 418 C "C4'" . DA B 2 9  ? 3.670   11.908  2.947   1.00 132.64 ? 20 DA B "C4'" 1 
ATOM 419 O "O4'" . DA B 2 9  ? 4.590   11.218  2.061   1.00 127.07 ? 20 DA B "O4'" 1 
ATOM 420 C "C3'" . DA B 2 9  ? 3.839   13.396  2.657   1.00 131.04 ? 20 DA B "C3'" 1 
ATOM 421 O "O3'" . DA B 2 9  ? 3.682   14.149  3.858   1.00 133.08 ? 20 DA B "O3'" 1 
ATOM 422 C "C2'" . DA B 2 9  ? 5.270   13.485  2.125   1.00 126.70 ? 20 DA B "C2'" 1 
ATOM 423 C "C1'" . DA B 2 9  ? 5.439   12.144  1.414   1.00 117.61 ? 20 DA B "C1'" 1 
ATOM 424 N N9    . DA B 2 9  ? 5.095   12.168  -0.007  1.00 115.67 ? 20 DA B N9    1 
ATOM 425 C C8    . DA B 2 9  ? 3.886   12.480  -0.566  1.00 120.28 ? 20 DA B C8    1 
ATOM 426 N N7    . DA B 2 9  ? 3.869   12.399  -1.875  1.00 118.00 ? 20 DA B N7    1 
ATOM 427 C C5    . DA B 2 9  ? 5.152   12.000  -2.198  1.00 116.35 ? 20 DA B C5    1 
ATOM 428 C C6    . DA B 2 9  ? 5.782   11.732  -3.427  1.00 113.65 ? 20 DA B C6    1 
ATOM 429 N N6    . DA B 2 9  ? 5.168   11.841  -4.611  1.00 109.26 ? 20 DA B N6    1 
ATOM 430 N N1    . DA B 2 9  ? 7.074   11.358  -3.393  1.00 113.52 ? 20 DA B N1    1 
ATOM 431 C C2    . DA B 2 9  ? 7.684   11.256  -2.203  1.00 114.78 ? 20 DA B C2    1 
ATOM 432 N N3    . DA B 2 9  ? 7.201   11.478  -0.989  1.00 118.20 ? 20 DA B N3    1 
ATOM 433 C C4    . DA B 2 9  ? 5.919   11.850  -1.055  1.00 118.07 ? 20 DA B C4    1 
ATOM 434 P P     . DT C 3 1  ? -0.122  4.866   15.553  1.00 76.70  ? 0  DT C P     1 
ATOM 435 O OP1   . DT C 3 1  ? -0.578  6.276   15.508  1.00 74.87  ? 0  DT C OP1   1 
ATOM 436 O OP2   . DT C 3 1  ? -0.092  4.111   16.831  1.00 69.41  ? 0  DT C OP2   1 
ATOM 437 O "O5'" . DT C 3 1  ? -0.986  4.010   14.519  1.00 72.77  ? 0  DT C "O5'" 1 
ATOM 438 C "C5'" . DT C 3 1  ? -0.334  3.280   13.495  1.00 73.11  ? 0  DT C "C5'" 1 
ATOM 439 C "C4'" . DT C 3 1  ? 0.744   2.378   14.072  1.00 68.41  ? 0  DT C "C4'" 1 
ATOM 440 O "O4'" . DT C 3 1  ? 0.140   1.436   14.998  1.00 65.04  ? 0  DT C "O4'" 1 
ATOM 441 C "C3'" . DT C 3 1  ? 1.437   1.506   13.044  1.00 72.23  ? 0  DT C "C3'" 1 
ATOM 442 O "O3'" . DT C 3 1  ? 2.705   1.080   13.532  1.00 73.65  ? 0  DT C "O3'" 1 
ATOM 443 C "C2'" . DT C 3 1  ? 0.468   0.345   12.950  1.00 62.29  ? 0  DT C "C2'" 1 
ATOM 444 C "C1'" . DT C 3 1  ? 0.134   0.143   14.414  1.00 63.24  ? 0  DT C "C1'" 1 
ATOM 445 N N1    . DT C 3 1  ? -1.193  -0.479  14.646  1.00 74.18  ? 0  DT C N1    1 
ATOM 446 C C2    . DT C 3 1  ? -1.276  -1.844  14.779  1.00 73.06  ? 0  DT C C2    1 
ATOM 447 O O2    . DT C 3 1  ? -0.308  -2.580  14.706  1.00 67.24  ? 0  DT C O2    1 
ATOM 448 N N3    . DT C 3 1  ? -2.543  -2.322  15.000  1.00 76.73  ? 0  DT C N3    1 
ATOM 449 C C4    . DT C 3 1  ? -3.708  -1.582  15.099  1.00 73.83  ? 0  DT C C4    1 
ATOM 450 O O4    . DT C 3 1  ? -4.802  -2.103  15.299  1.00 74.33  ? 0  DT C O4    1 
ATOM 451 C C5    . DT C 3 1  ? -3.548  -0.154  14.949  1.00 70.22  ? 0  DT C C5    1 
ATOM 452 C C7    . DT C 3 1  ? -4.737  0.749   15.033  1.00 74.10  ? 0  DT C C7    1 
ATOM 453 C C6    . DT C 3 1  ? -2.313  0.323   14.735  1.00 74.02  ? 0  DT C C6    1 
ATOM 454 P P     . DC C 3 2  ? 3.778   0.432   12.522  1.00 69.69  ? 1  DC C P     1 
ATOM 455 O OP1   . DC C 3 2  ? 5.116   0.560   13.139  1.00 85.32  ? 1  DC C OP1   1 
ATOM 456 O OP2   . DC C 3 2  ? 3.530   0.992   11.170  1.00 57.48  ? 1  DC C OP2   1 
ATOM 457 O "O5'" . DC C 3 2  ? 3.379   -1.116  12.472  1.00 61.94  ? 1  DC C "O5'" 1 
ATOM 458 C "C5'" . DC C 3 2  ? 2.694   -1.631  11.342  1.00 57.90  ? 1  DC C "C5'" 1 
ATOM 459 C "C4'" . DC C 3 2  ? 2.663   -3.141  11.383  1.00 58.46  ? 1  DC C "C4'" 1 
ATOM 460 O "O4'" . DC C 3 2  ? 1.444   -3.592  12.022  1.00 54.52  ? 1  DC C "O4'" 1 
ATOM 461 C "C3'" . DC C 3 2  ? 2.653   -3.794  10.025  1.00 61.01  ? 1  DC C "C3'" 1 
ATOM 462 O "O3'" . DC C 3 2  ? 3.185   -5.078  10.129  1.00 62.44  ? 1  DC C "O3'" 1 
ATOM 463 C "C2'" . DC C 3 2  ? 1.168   -3.824  9.694   1.00 63.45  ? 1  DC C "C2'" 1 
ATOM 464 C "C1'" . DC C 3 2  ? 0.549   -4.112  11.052  1.00 62.32  ? 1  DC C "C1'" 1 
ATOM 465 N N1    . DC C 3 2  ? -0.774  -3.458  11.279  1.00 65.15  ? 1  DC C N1    1 
ATOM 466 C C2    . DC C 3 2  ? -1.879  -4.234  11.653  1.00 70.86  ? 1  DC C C2    1 
ATOM 467 O O2    . DC C 3 2  ? -1.752  -5.460  11.750  1.00 75.19  ? 1  DC C O2    1 
ATOM 468 N N3    . DC C 3 2  ? -3.064  -3.618  11.891  1.00 70.97  ? 1  DC C N3    1 
ATOM 469 C C4    . DC C 3 2  ? -3.160  -2.293  11.777  1.00 72.36  ? 1  DC C C4    1 
ATOM 470 N N4    . DC C 3 2  ? -4.347  -1.728  12.020  1.00 71.00  ? 1  DC C N4    1 
ATOM 471 C C5    . DC C 3 2  ? -2.043  -1.488  11.406  1.00 70.70  ? 1  DC C C5    1 
ATOM 472 C C6    . DC C 3 2  ? -0.882  -2.107  11.174  1.00 64.88  ? 1  DC C C6    1 
ATOM 473 P P     . DA C 3 3  ? 4.269   -5.560  9.053   1.00 79.12  ? 2  DA C P     1 
ATOM 474 O OP1   . DA C 3 3  ? 5.261   -6.412  9.754   1.00 83.93  ? 2  DA C OP1   1 
ATOM 475 O OP2   . DA C 3 3  ? 4.721   -4.346  8.332   1.00 63.30  ? 2  DA C OP2   1 
ATOM 476 O "O5'" . DA C 3 3  ? 3.406   -6.455  8.050   1.00 66.32  ? 2  DA C "O5'" 1 
ATOM 477 C "C5'" . DA C 3 3  ? 2.476   -7.381  8.580   1.00 65.12  ? 2  DA C "C5'" 1 
ATOM 478 C "C4'" . DA C 3 3  ? 1.205   -7.408  7.756   1.00 61.44  ? 2  DA C "C4'" 1 
ATOM 479 O "O4'" . DA C 3 3  ? 0.256   -6.430  8.248   1.00 62.44  ? 2  DA C "O4'" 1 
ATOM 480 C "C3'" . DA C 3 3  ? 1.388   -7.099  6.263   1.00 57.07  ? 2  DA C "C3'" 1 
ATOM 481 O "O3'" . DA C 3 3  ? 0.846   -8.154  5.498   1.00 50.72  ? 2  DA C "O3'" 1 
ATOM 482 C "C2'" . DA C 3 3  ? 0.581   -5.811  6.070   1.00 59.28  ? 2  DA C "C2'" 1 
ATOM 483 C "C1'" . DA C 3 3  ? -0.471  -5.997  7.139   1.00 61.89  ? 2  DA C "C1'" 1 
ATOM 484 N N9    . DA C 3 3  ? -1.236  -4.797  7.461   1.00 65.37  ? 2  DA C N9    1 
ATOM 485 C C8    . DA C 3 3  ? -0.874  -3.495  7.256   1.00 67.82  ? 2  DA C C8    1 
ATOM 486 N N7    . DA C 3 3  ? -1.788  -2.626  7.627   1.00 67.01  ? 2  DA C N7    1 
ATOM 487 C C5    . DA C 3 3  ? -2.829  -3.416  8.082   1.00 70.00  ? 2  DA C C5    1 
ATOM 488 C C6    . DA C 3 3  ? -4.098  -3.106  8.608   1.00 73.67  ? 2  DA C C6    1 
ATOM 489 N N6    . DA C 3 3  ? -4.544  -1.857  8.767   1.00 80.53  ? 2  DA C N6    1 
ATOM 490 N N1    . DA C 3 3  ? -4.894  -4.135  8.963   1.00 74.60  ? 2  DA C N1    1 
ATOM 491 C C2    . DA C 3 3  ? -4.446  -5.383  8.802   1.00 73.77  ? 2  DA C C2    1 
ATOM 492 N N3    . DA C 3 3  ? -3.278  -5.796  8.320   1.00 72.85  ? 2  DA C N3    1 
ATOM 493 C C4    . DA C 3 3  ? -2.508  -4.754  7.977   1.00 70.49  ? 2  DA C C4    1 
ATOM 494 P P     . DT C 3 4  ? 1.746   -9.429  5.128   1.00 59.39  ? 3  DT C P     1 
ATOM 495 O OP1   . DT C 3 4  ? 0.856   -10.468 4.557   1.00 60.06  ? 3  DT C OP1   1 
ATOM 496 O OP2   . DT C 3 4  ? 2.592   -9.741  6.301   1.00 67.73  ? 3  DT C OP2   1 
ATOM 497 O "O5'" . DT C 3 4  ? 2.676   -8.913  3.935   1.00 68.84  ? 3  DT C "O5'" 1 
ATOM 498 C "C5'" . DT C 3 4  ? 2.219   -9.009  2.590   1.00 66.64  ? 3  DT C "C5'" 1 
ATOM 499 C "C4'" . DT C 3 4  ? 3.374   -9.305  1.660   1.00 65.69  ? 3  DT C "C4'" 1 
ATOM 500 O "O4'" . DT C 3 4  ? 4.349   -8.260  1.794   1.00 61.95  ? 3  DT C "O4'" 1 
ATOM 501 C "C3'" . DT C 3 4  ? 4.108   -10.597 1.969   1.00 63.80  ? 3  DT C "C3'" 1 
ATOM 502 O "O3'" . DT C 3 4  ? 3.595   -11.642 1.150   1.00 62.91  ? 3  DT C "O3'" 1 
ATOM 503 C "C2'" . DT C 3 4  ? 5.564   -10.289 1.618   1.00 67.09  ? 3  DT C "C2'" 1 
ATOM 504 C "C1'" . DT C 3 4  ? 5.646   -8.768  1.622   1.00 62.48  ? 3  DT C "C1'" 1 
ATOM 505 N N1    . DT C 3 4  ? 6.490   -8.226  2.699   1.00 58.53  ? 3  DT C N1    1 
ATOM 506 C C2    . DT C 3 4  ? 7.847   -8.245  2.549   1.00 60.82  ? 3  DT C C2    1 
ATOM 507 O O2    . DT C 3 4  ? 8.397   -8.702  1.568   1.00 63.55  ? 3  DT C O2    1 
ATOM 508 N N3    . DT C 3 4  ? 8.547   -7.714  3.595   1.00 62.96  ? 3  DT C N3    1 
ATOM 509 C C4    . DT C 3 4  ? 8.027   -7.178  4.753   1.00 62.05  ? 3  DT C C4    1 
ATOM 510 O O4    . DT C 3 4  ? 8.739   -6.719  5.639   1.00 61.01  ? 3  DT C O4    1 
ATOM 511 C C5    . DT C 3 4  ? 6.588   -7.181  4.841   1.00 69.05  ? 3  DT C C5    1 
ATOM 512 C C7    . DT C 3 4  ? 5.906   -6.620  6.049   1.00 74.45  ? 3  DT C C7    1 
ATOM 513 C C6    . DT C 3 4  ? 5.896   -7.702  3.821   1.00 62.79  ? 3  DT C C6    1 
ATOM 514 P P     . DC C 3 5  ? 3.859   -13.179 1.538   1.00 64.80  ? 4  DC C P     1 
ATOM 515 O OP1   . DC C 3 5  ? 2.545   -13.848 1.647   1.00 89.43  ? 4  DC C OP1   1 
ATOM 516 O OP2   . DC C 3 5  ? 4.792   -13.199 2.686   1.00 73.74  ? 4  DC C OP2   1 
ATOM 517 O "O5'" . DC C 3 5  ? 4.620   -13.776 0.267   1.00 70.16  ? 4  DC C "O5'" 1 
ATOM 518 C "C5'" . DC C 3 5  ? 5.481   -12.946 -0.501  1.00 75.29  ? 4  DC C "C5'" 1 
ATOM 519 C "C4'" . DC C 3 5  ? 6.938   -13.348 -0.325  1.00 65.47  ? 4  DC C "C4'" 1 
ATOM 520 O "O4'" . DC C 3 5  ? 7.619   -12.424 0.561   1.00 54.45  ? 4  DC C "O4'" 1 
ATOM 521 C "C3'" . DC C 3 5  ? 7.171   -14.740 0.267   1.00 63.91  ? 4  DC C "C3'" 1 
ATOM 522 O "O3'" . DC C 3 5  ? 8.120   -15.411 -0.516  1.00 68.56  ? 4  DC C "O3'" 1 
ATOM 523 C "C2'" . DC C 3 5  ? 7.727   -14.437 1.659   1.00 62.53  ? 4  DC C "C2'" 1 
ATOM 524 C "C1'" . DC C 3 5  ? 8.494   -13.170 1.363   1.00 64.46  ? 4  DC C "C1'" 1 
ATOM 525 N N1    . DC C 3 5  ? 8.846   -12.372 2.559   1.00 66.11  ? 4  DC C N1    1 
ATOM 526 C C2    . DC C 3 5  ? 10.190  -12.063 2.816   1.00 70.91  ? 4  DC C C2    1 
ATOM 527 O O2    . DC C 3 5  ? 11.067  -12.471 2.038   1.00 71.09  ? 4  DC C O2    1 
ATOM 528 N N3    . DC C 3 5  ? 10.491  -11.321 3.911   1.00 70.41  ? 4  DC C N3    1 
ATOM 529 C C4    . DC C 3 5  ? 9.516   -10.902 4.720   1.00 72.02  ? 4  DC C C4    1 
ATOM 530 N N4    . DC C 3 5  ? 9.858   -10.175 5.787   1.00 78.54  ? 4  DC C N4    1 
ATOM 531 C C5    . DC C 3 5  ? 8.148   -11.209 4.473   1.00 73.15  ? 4  DC C C5    1 
ATOM 532 C C6    . DC C 3 5  ? 7.863   -11.940 3.393   1.00 67.96  ? 4  DC C C6    1 
ATOM 533 P P     . DG C 3 6  ? 8.209   -17.009 -0.475  1.00 86.05  ? 5  DG C P     1 
ATOM 534 O OP1   . DG C 3 6  ? 7.258   -17.527 -1.485  1.00 85.75  ? 5  DG C OP1   1 
ATOM 535 O OP2   . DG C 3 6  ? 8.078   -17.429 0.943   1.00 67.09  ? 5  DG C OP2   1 
ATOM 536 O "O5'" . DG C 3 6  ? 9.701   -17.314 -0.973  1.00 72.22  ? 5  DG C "O5'" 1 
ATOM 537 C "C5'" . DG C 3 6  ? 10.709  -16.328 -0.822  1.00 59.29  ? 5  DG C "C5'" 1 
ATOM 538 C "C4'" . DG C 3 6  ? 11.734  -16.751 0.217   1.00 56.04  ? 5  DG C "C4'" 1 
ATOM 539 O "O4'" . DG C 3 6  ? 11.961  -15.660 1.125   1.00 61.15  ? 5  DG C "O4'" 1 
ATOM 540 C "C3'" . DG C 3 6  ? 11.318  -17.896 1.120   1.00 59.32  ? 5  DG C "C3'" 1 
ATOM 541 O "O3'" . DG C 3 6  ? 11.596  -19.134 0.497   1.00 65.95  ? 5  DG C "O3'" 1 
ATOM 542 C "C2'" . DG C 3 6  ? 12.212  -17.690 2.338   1.00 59.02  ? 5  DG C "C2'" 1 
ATOM 543 C "C1'" . DG C 3 6  ? 12.395  -16.171 2.372   1.00 63.14  ? 5  DG C "C1'" 1 
ATOM 544 N N9    . DG C 3 6  ? 11.622  -15.533 3.422   1.00 68.16  ? 5  DG C N9    1 
ATOM 545 C C8    . DG C 3 6  ? 10.259  -15.574 3.585   1.00 69.71  ? 5  DG C C8    1 
ATOM 546 N N7    . DG C 3 6  ? 9.841   -14.908 4.624   1.00 70.87  ? 5  DG C N7    1 
ATOM 547 C C5    . DG C 3 6  ? 11.003  -14.398 5.188   1.00 71.44  ? 5  DG C C5    1 
ATOM 548 C C6    . DG C 3 6  ? 11.179  -13.593 6.336   1.00 72.22  ? 5  DG C C6    1 
ATOM 549 O O6    . DG C 3 6  ? 10.313  -13.158 7.108   1.00 69.96  ? 5  DG C O6    1 
ATOM 550 N N1    . DG C 3 6  ? 12.525  -13.296 6.553   1.00 75.00  ? 5  DG C N1    1 
ATOM 551 C C2    . DG C 3 6  ? 13.566  -13.728 5.758   1.00 73.33  ? 5  DG C C2    1 
ATOM 552 N N2    . DG C 3 6  ? 14.795  -13.344 6.126   1.00 73.98  ? 5  DG C N2    1 
ATOM 553 N N3    . DG C 3 6  ? 13.411  -14.484 4.680   1.00 68.66  ? 5  DG C N3    1 
ATOM 554 C C4    . DG C 3 6  ? 12.109  -14.776 4.456   1.00 71.07  ? 5  DG C C4    1 
ATOM 555 O "O5'" . DT D 4 1  ? 7.573   13.913  -16.596 1.00 132.39 ? 2  DT D "O5'" 1 
ATOM 556 C "C5'" . DT D 4 1  ? 8.273   12.830  -16.010 1.00 131.59 ? 2  DT D "C5'" 1 
ATOM 557 C "C4'" . DT D 4 1  ? 9.656   13.264  -15.566 1.00 127.93 ? 2  DT D "C4'" 1 
ATOM 558 O "O4'" . DT D 4 1  ? 9.536   14.354  -14.611 1.00 124.02 ? 2  DT D "O4'" 1 
ATOM 559 C "C3'" . DT D 4 1  ? 10.462  12.193  -14.848 1.00 123.55 ? 2  DT D "C3'" 1 
ATOM 560 O "O3'" . DT D 4 1  ? 11.849  12.440  -15.020 1.00 128.61 ? 2  DT D "O3'" 1 
ATOM 561 C "C2'" . DT D 4 1  ? 10.043  12.413  -13.407 1.00 119.74 ? 2  DT D "C2'" 1 
ATOM 562 C "C1'" . DT D 4 1  ? 10.021  13.931  -13.353 1.00 120.64 ? 2  DT D "C1'" 1 
ATOM 563 N N1    . DT D 4 1  ? 9.136   14.465  -12.303 1.00 128.82 ? 2  DT D N1    1 
ATOM 564 C C2    . DT D 4 1  ? 9.695   14.977  -11.160 1.00 131.93 ? 2  DT D C2    1 
ATOM 565 O O2    . DT D 4 1  ? 10.899  15.020  -10.969 1.00 130.15 ? 2  DT D O2    1 
ATOM 566 N N3    . DT D 4 1  ? 8.792   15.444  -10.242 1.00 135.90 ? 2  DT D N3    1 
ATOM 567 C C4    . DT D 4 1  ? 7.411   15.448  -10.354 1.00 136.37 ? 2  DT D C4    1 
ATOM 568 O O4    . DT D 4 1  ? 6.682   15.892  -9.472  1.00 134.83 ? 2  DT D O4    1 
ATOM 569 C C5    . DT D 4 1  ? 6.890   14.892  -11.582 1.00 134.75 ? 2  DT D C5    1 
ATOM 570 C C7    . DT D 4 1  ? 5.409   14.839  -11.820 1.00 135.10 ? 2  DT D C7    1 
ATOM 571 C C6    . DT D 4 1  ? 7.768   14.432  -12.486 1.00 132.35 ? 2  DT D C6    1 
ATOM 572 P P     . DC D 4 2  ? 12.925  11.295  -14.680 1.00 138.69 ? 3  DC D P     1 
ATOM 573 O OP1   . DC D 4 2  ? 13.831  11.152  -15.842 1.00 137.81 ? 3  DC D OP1   1 
ATOM 574 O OP2   . DC D 4 2  ? 12.171  10.118  -14.196 1.00 141.20 ? 3  DC D OP2   1 
ATOM 575 O "O5'" . DC D 4 2  ? 13.777  11.907  -13.472 1.00 125.08 ? 3  DC D "O5'" 1 
ATOM 576 C "C5'" . DC D 4 2  ? 14.966  11.253  -13.052 1.00 124.55 ? 3  DC D "C5'" 1 
ATOM 577 C "C4'" . DC D 4 2  ? 15.457  11.806  -11.727 1.00 125.26 ? 3  DC D "C4'" 1 
ATOM 578 O "O4'" . DC D 4 2  ? 14.411  12.601  -11.106 1.00 123.06 ? 3  DC D "O4'" 1 
ATOM 579 C "C3'" . DC D 4 2  ? 15.851  10.741  -10.703 1.00 124.37 ? 3  DC D "C3'" 1 
ATOM 580 O "O3'" . DC D 4 2  ? 17.077  11.087  -10.086 1.00 132.02 ? 3  DC D "O3'" 1 
ATOM 581 C "C2'" . DC D 4 2  ? 14.699  10.761  -9.706  1.00 124.81 ? 3  DC D "C2'" 1 
ATOM 582 C "C1'" . DC D 4 2  ? 14.275  12.215  -9.759  1.00 121.02 ? 3  DC D "C1'" 1 
ATOM 583 N N1    . DC D 4 2  ? 12.868  12.433  -9.329  1.00 119.03 ? 3  DC D N1    1 
ATOM 584 C C2    . DC D 4 2  ? 11.809  12.085  -10.182 1.00 124.57 ? 3  DC D C2    1 
ATOM 585 O O2    . DC D 4 2  ? 12.058  11.603  -11.291 1.00 122.93 ? 3  DC D O2    1 
ATOM 586 N N3    . DC D 4 2  ? 10.536  12.286  -9.763  1.00 127.61 ? 3  DC D N3    1 
ATOM 587 C C4    . DC D 4 2  ? 10.306  12.806  -8.555  1.00 125.97 ? 3  DC D C4    1 
ATOM 588 N N4    . DC D 4 2  ? 9.035   12.988  -8.185  1.00 124.40 ? 3  DC D N4    1 
ATOM 589 C C5    . DC D 4 2  ? 11.371  13.161  -7.674  1.00 123.42 ? 3  DC D C5    1 
ATOM 590 C C6    . DC D 4 2  ? 12.621  12.958  -8.097  1.00 121.50 ? 3  DC D C6    1 
ATOM 591 P P     . DT D 4 3  ? 17.888  9.982   -9.248  1.00 154.89 ? 4  DT D P     1 
ATOM 592 O OP1   . DT D 4 3  ? 19.324  10.343  -9.272  1.00 158.58 ? 4  DT D OP1   1 
ATOM 593 O OP2   . DT D 4 3  ? 17.448  8.657   -9.739  1.00 154.80 ? 4  DT D OP2   1 
ATOM 594 O "O5'" . DT D 4 3  ? 17.350  10.156  -7.753  1.00 133.71 ? 4  DT D "O5'" 1 
ATOM 595 C "C5'" . DT D 4 3  ? 17.715  11.297  -6.999  1.00 130.41 ? 4  DT D "C5'" 1 
ATOM 596 C "C4'" . DT D 4 3  ? 17.143  11.214  -5.601  1.00 125.47 ? 4  DT D "C4'" 1 
ATOM 597 O "O4'" . DT D 4 3  ? 15.703  11.349  -5.659  1.00 123.57 ? 4  DT D "O4'" 1 
ATOM 598 C "C3'" . DT D 4 3  ? 17.427  9.901   -4.866  1.00 119.35 ? 4  DT D "C3'" 1 
ATOM 599 O "O3'" . DT D 4 3  ? 17.979  10.180  -3.602  1.00 116.46 ? 4  DT D "O3'" 1 
ATOM 600 C "C2'" . DT D 4 3  ? 16.053  9.234   -4.740  1.00 119.62 ? 4  DT D "C2'" 1 
ATOM 601 C "C1'" . DT D 4 3  ? 15.110  10.425  -4.784  1.00 119.55 ? 4  DT D "C1'" 1 
ATOM 602 N N1    . DT D 4 3  ? 13.730  10.116  -5.298  1.00 118.43 ? 4  DT D N1    1 
ATOM 603 C C2    . DT D 4 3  ? 13.569  9.436   -6.496  1.00 121.21 ? 4  DT D C2    1 
ATOM 604 O O2    . DT D 4 3  ? 14.496  9.031   -7.179  1.00 126.97 ? 4  DT D O2    1 
ATOM 605 N N3    . DT D 4 3  ? 12.265  9.233   -6.866  1.00 122.22 ? 4  DT D N3    1 
ATOM 606 C C4    . DT D 4 3  ? 11.129  9.636   -6.190  1.00 118.78 ? 4  DT D C4    1 
ATOM 607 O O4    . DT D 4 3  ? 9.996   9.405   -6.610  1.00 111.92 ? 4  DT D O4    1 
ATOM 608 C C5    . DT D 4 3  ? 11.364  10.345  -4.960  1.00 115.98 ? 4  DT D C5    1 
ATOM 609 C C7    . DT D 4 3  ? 10.210  10.820  -4.149  1.00 109.47 ? 4  DT D C7    1 
ATOM 610 C C6    . DT D 4 3  ? 12.636  10.554  -4.577  1.00 116.62 ? 4  DT D C6    1 
ATOM 611 P P     . DG D 4 4  ? 18.754  9.037   -2.783  1.00 128.06 ? 5  DG D P     1 
ATOM 612 O OP1   . DG D 4 4  ? 20.197  9.174   -3.088  1.00 136.92 ? 5  DG D OP1   1 
ATOM 613 O OP2   . DG D 4 4  ? 18.081  7.742   -3.026  1.00 120.11 ? 5  DG D OP2   1 
ATOM 614 O "O5'" . DG D 4 4  ? 18.498  9.447   -1.262  1.00 123.02 ? 5  DG D "O5'" 1 
ATOM 615 C "C5'" . DG D 4 4  ? 17.567  10.483  -0.960  1.00 117.53 ? 5  DG D "C5'" 1 
ATOM 616 C "C4'" . DG D 4 4  ? 16.466  9.964   -0.057  1.00 110.45 ? 5  DG D "C4'" 1 
ATOM 617 O "O4'" . DG D 4 4  ? 15.293  9.639   -0.849  1.00 104.93 ? 5  DG D "O4'" 1 
ATOM 618 C "C3'" . DG D 4 4  ? 16.820  8.695   0.722   1.00 106.27 ? 5  DG D "C3'" 1 
ATOM 619 O "O3'" . DG D 4 4  ? 16.355  8.813   2.052   1.00 106.59 ? 5  DG D "O3'" 1 
ATOM 620 C "C2'" . DG D 4 4  ? 16.067  7.606   -0.036  1.00 105.87 ? 5  DG D "C2'" 1 
ATOM 621 C "C1'" . DG D 4 4  ? 14.828  8.367   -0.474  1.00 104.10 ? 5  DG D "C1'" 1 
ATOM 622 N N9    . DG D 4 4  ? 14.146  7.766   -1.612  1.00 102.49 ? 5  DG D N9    1 
ATOM 623 C C8    . DG D 4 4  ? 14.718  7.047   -2.630  1.00 103.18 ? 5  DG D C8    1 
ATOM 624 N N7    . DG D 4 4  ? 13.861  6.630   -3.517  1.00 103.69 ? 5  DG D N7    1 
ATOM 625 C C5    . DG D 4 4  ? 12.637  7.098   -3.052  1.00 105.20 ? 5  DG D C5    1 
ATOM 626 C C6    . DG D 4 4  ? 11.341  6.952   -3.598  1.00 102.12 ? 5  DG D C6    1 
ATOM 627 O O6    . DG D 4 4  ? 11.008  6.362   -4.634  1.00 104.96 ? 5  DG D O6    1 
ATOM 628 N N1    . DG D 4 4  ? 10.377  7.580   -2.813  1.00 99.11  ? 5  DG D N1    1 
ATOM 629 C C2    . DG D 4 4  ? 10.634  8.260   -1.648  1.00 100.02 ? 5  DG D C2    1 
ATOM 630 N N2    . DG D 4 4  ? 9.573   8.800   -1.029  1.00 103.94 ? 5  DG D N2    1 
ATOM 631 N N3    . DG D 4 4  ? 11.846  8.404   -1.124  1.00 99.63  ? 5  DG D N3    1 
ATOM 632 C C4    . DG D 4 4  ? 12.796  7.798   -1.878  1.00 103.59 ? 5  DG D C4    1 
ATOM 633 P P     . DA D 4 5  ? 17.052  7.992   3.242   1.00 111.05 ? 6  DA D P     1 
ATOM 634 O OP1   . DA D 4 5  ? 18.168  8.812   3.765   1.00 108.94 ? 6  DA D OP1   1 
ATOM 635 O OP2   . DA D 4 5  ? 17.306  6.613   2.768   1.00 109.55 ? 6  DA D OP2   1 
ATOM 636 O "O5'" . DA D 4 5  ? 15.905  7.917   4.351   1.00 111.47 ? 6  DA D "O5'" 1 
ATOM 637 C "C5'" . DA D 4 5  ? 14.926  8.948   4.419   1.00 105.17 ? 6  DA D "C5'" 1 
ATOM 638 C "C4'" . DA D 4 5  ? 13.523  8.366   4.419   1.00 98.99  ? 6  DA D "C4'" 1 
ATOM 639 O "O4'" . DA D 4 5  ? 13.164  7.911   3.080   1.00 99.12  ? 6  DA D "O4'" 1 
ATOM 640 C "C3'" . DA D 4 5  ? 13.324  7.150   5.331   1.00 96.98  ? 6  DA D "C3'" 1 
ATOM 641 O "O3'" . DA D 4 5  ? 12.047  7.232   5.950   1.00 94.17  ? 6  DA D "O3'" 1 
ATOM 642 C "C2'" . DA D 4 5  ? 13.367  5.996   4.340   1.00 96.50  ? 6  DA D "C2'" 1 
ATOM 643 C "C1'" . DA D 4 5  ? 12.602  6.625   3.198   1.00 95.35  ? 6  DA D "C1'" 1 
ATOM 644 N N9    . DA D 4 5  ? 12.715  5.907   1.931   1.00 96.16  ? 6  DA D N9    1 
ATOM 645 C C8    . DA D 4 5  ? 13.855  5.432   1.342   1.00 98.05  ? 6  DA D C8    1 
ATOM 646 N N7    . DA D 4 5  ? 13.645  4.816   0.202   1.00 93.84  ? 6  DA D N7    1 
ATOM 647 C C5    . DA D 4 5  ? 12.269  4.886   0.036   1.00 95.13  ? 6  DA D C5    1 
ATOM 648 C C6    . DA D 4 5  ? 11.410  4.417   -0.978  1.00 93.95  ? 6  DA D C6    1 
ATOM 649 N N6    . DA D 4 5  ? 11.840  3.758   -2.060  1.00 99.77  ? 6  DA D N6    1 
ATOM 650 N N1    . DA D 4 5  ? 10.089  4.653   -0.837  1.00 86.96  ? 6  DA D N1    1 
ATOM 651 C C2    . DA D 4 5  ? 9.663   5.315   0.247   1.00 88.24  ? 6  DA D C2    1 
ATOM 652 N N3    . DA D 4 5  ? 10.371  5.801   1.263   1.00 86.03  ? 6  DA D N3    1 
ATOM 653 C C4    . DA D 4 5  ? 11.681  5.551   1.094   1.00 92.08  ? 6  DA D C4    1 
ATOM 654 P P     . DG D 4 6  ? 11.884  6.931   7.518   1.00 100.33 ? 7  DG D P     1 
ATOM 655 O OP1   . DG D 4 6  ? 10.723  7.705   8.012   1.00 97.46  ? 7  DG D OP1   1 
ATOM 656 O OP2   . DG D 4 6  ? 13.219  7.120   8.129   1.00 114.00 ? 7  DG D OP2   1 
ATOM 657 O "O5'" . DG D 4 6  ? 11.543  5.367   7.585   1.00 96.86  ? 7  DG D "O5'" 1 
ATOM 658 C "C5'" . DG D 4 6  ? 11.033  4.696   6.438   1.00 91.01  ? 7  DG D "C5'" 1 
ATOM 659 C "C4'" . DG D 4 6  ? 9.570   5.026   6.214   1.00 85.64  ? 7  DG D "C4'" 1 
ATOM 660 O "O4'" . DG D 4 6  ? 9.304   5.149   4.798   1.00 86.31  ? 7  DG D "O4'" 1 
ATOM 661 C "C3'" . DG D 4 6  ? 8.608   3.973   6.722   1.00 81.80  ? 7  DG D "C3'" 1 
ATOM 662 O "O3'" . DG D 4 6  ? 7.418   4.577   7.180   1.00 86.58  ? 7  DG D "O3'" 1 
ATOM 663 C "C2'" . DG D 4 6  ? 8.362   3.076   5.503   1.00 74.49  ? 7  DG D "C2'" 1 
ATOM 664 C "C1'" . DG D 4 6  ? 8.697   3.971   4.307   1.00 78.90  ? 7  DG D "C1'" 1 
ATOM 665 N N9    . DG D 4 6  ? 9.613   3.333   3.364   1.00 84.62  ? 7  DG D N9    1 
ATOM 666 C C8    . DG D 4 6  ? 10.980  3.220   3.480   1.00 84.58  ? 7  DG D C8    1 
ATOM 667 N N7    . DG D 4 6  ? 11.536  2.584   2.489   1.00 78.36  ? 7  DG D N7    1 
ATOM 668 C C5    . DG D 4 6  ? 10.472  2.245   1.666   1.00 81.18  ? 7  DG D C5    1 
ATOM 669 C C6    . DG D 4 6  ? 10.461  1.545   0.441   1.00 81.17  ? 7  DG D C6    1 
ATOM 670 O O6    . DG D 4 6  ? 11.424  1.071   -0.178  1.00 77.27  ? 7  DG D O6    1 
ATOM 671 N N1    . DG D 4 6  ? 9.168   1.416   -0.066  1.00 84.67  ? 7  DG D N1    1 
ATOM 672 C C2    . DG D 4 6  ? 8.031   1.904   0.539   1.00 85.08  ? 7  DG D C2    1 
ATOM 673 N N2    . DG D 4 6  ? 6.873   1.679   -0.098  1.00 81.73  ? 7  DG D N2    1 
ATOM 674 N N3    . DG D 4 6  ? 8.030   2.564   1.690   1.00 84.05  ? 7  DG D N3    1 
ATOM 675 C C4    . DG D 4 6  ? 9.280   2.695   2.196   1.00 83.03  ? 7  DG D C4    1 
ATOM 676 P P     . DT D 4 7  ? 6.272   3.665   7.835   1.00 85.91  ? 8  DT D P     1 
ATOM 677 O OP1   . DT D 4 7  ? 5.424   4.519   8.701   1.00 98.77  ? 8  DT D OP1   1 
ATOM 678 O OP2   . DT D 4 7  ? 6.922   2.447   8.377   1.00 67.53  ? 8  DT D OP2   1 
ATOM 679 O "O5'" . DT D 4 7  ? 5.416   3.205   6.581   1.00 65.99  ? 8  DT D "O5'" 1 
ATOM 680 C "C5'" . DT D 4 7  ? 4.906   1.914   6.553   1.00 61.30  ? 8  DT D "C5'" 1 
ATOM 681 C "C4'" . DT D 4 7  ? 4.429   1.572   5.170   1.00 63.37  ? 8  DT D "C4'" 1 
ATOM 682 O "O4'" . DT D 4 7  ? 5.564   1.386   4.299   1.00 62.26  ? 8  DT D "O4'" 1 
ATOM 683 C "C3'" . DT D 4 7  ? 3.626   0.285   5.108   1.00 66.70  ? 8  DT D "C3'" 1 
ATOM 684 O "O3'" . DT D 4 7  ? 2.338   0.546   4.614   1.00 56.83  ? 8  DT D "O3'" 1 
ATOM 685 C "C2'" . DT D 4 7  ? 4.427   -0.633  4.176   1.00 55.90  ? 8  DT D "C2'" 1 
ATOM 686 C "C1'" . DT D 4 7  ? 5.277   0.351   3.403   1.00 57.62  ? 8  DT D "C1'" 1 
ATOM 687 N N1    . DT D 4 7  ? 6.547   -0.224  2.947   1.00 76.38  ? 8  DT D N1    1 
ATOM 688 C C2    . DT D 4 7  ? 6.582   -0.907  1.755   1.00 80.15  ? 8  DT D C2    1 
ATOM 689 O O2    . DT D 4 7  ? 5.602   -1.065  1.047   1.00 76.70  ? 8  DT D O2    1 
ATOM 690 N N3    . DT D 4 7  ? 7.816   -1.402  1.416   1.00 77.27  ? 8  DT D N3    1 
ATOM 691 C C4    . DT D 4 7  ? 8.990   -1.284  2.140   1.00 73.49  ? 8  DT D C4    1 
ATOM 692 O O4    . DT D 4 7  ? 10.049  -1.766  1.754   1.00 76.51  ? 8  DT D O4    1 
ATOM 693 C C5    . DT D 4 7  ? 8.879   -0.554  3.383   1.00 71.31  ? 8  DT D C5    1 
ATOM 694 C C7    . DT D 4 7  ? 10.082  -0.360  4.255   1.00 79.97  ? 8  DT D C7    1 
ATOM 695 C C6    . DT D 4 7  ? 7.677   -0.065  3.722   1.00 76.24  ? 8  DT D C6    1 
ATOM 696 P P     . DC D 4 8  ? 1.243   -0.616  4.708   1.00 58.46  ? 9  DC D P     1 
ATOM 697 O OP1   . DC D 4 8  ? -0.104  0.007   4.749   1.00 91.70  ? 9  DC D OP1   1 
ATOM 698 O OP2   . DC D 4 8  ? 1.688   -1.514  5.801   1.00 47.59  ? 9  DC D OP2   1 
ATOM 699 O "O5'" . DC D 4 8  ? 1.430   -1.418  3.336   1.00 56.42  ? 9  DC D "O5'" 1 
ATOM 700 C "C5'" . DC D 4 8  ? 1.300   -2.825  3.325   1.00 57.77  ? 9  DC D "C5'" 1 
ATOM 701 C "C4'" . DC D 4 8  ? 2.118   -3.428  2.205   1.00 51.22  ? 9  DC D "C4'" 1 
ATOM 702 O "O4'" . DC D 4 8  ? 3.513   -3.186  2.448   1.00 58.63  ? 9  DC D "O4'" 1 
ATOM 703 C "C3'" . DC D 4 8  ? 1.980   -4.942  2.063   1.00 56.54  ? 9  DC D "C3'" 1 
ATOM 704 O "O3'" . DC D 4 8  ? 1.338   -5.263  0.841   1.00 70.96  ? 9  DC D "O3'" 1 
ATOM 705 C "C2'" . DC D 4 8  ? 3.416   -5.473  2.109   1.00 54.42  ? 9  DC D "C2'" 1 
ATOM 706 C "C1'" . DC D 4 8  ? 4.237   -4.226  1.858   1.00 67.17  ? 9  DC D "C1'" 1 
ATOM 707 N N1    . DC D 4 8  ? 5.586   -4.265  2.472   1.00 69.47  ? 9  DC D N1    1 
ATOM 708 C C2    . DC D 4 8  ? 6.639   -4.894  1.799   1.00 62.74  ? 9  DC D C2    1 
ATOM 709 O O2    . DC D 4 8  ? 6.425   -5.424  0.703   1.00 64.94  ? 9  DC D O2    1 
ATOM 710 N N3    . DC D 4 8  ? 7.865   -4.907  2.370   1.00 66.94  ? 9  DC D N3    1 
ATOM 711 C C4    . DC D 4 8  ? 8.055   -4.319  3.551   1.00 69.72  ? 9  DC D C4    1 
ATOM 712 N N4    . DC D 4 8  ? 9.281   -4.358  4.077   1.00 73.27  ? 9  DC D N4    1 
ATOM 713 C C5    . DC D 4 8  ? 6.995   -3.674  4.251   1.00 72.77  ? 9  DC D C5    1 
ATOM 714 C C6    . DC D 4 8  ? 5.789   -3.672  3.679   1.00 69.93  ? 9  DC D C6    1 
ATOM 715 P P     . DG D 4 9  ? -0.257  -5.483  0.795   1.00 70.07  ? 10 DG D P     1 
ATOM 716 O OP1   . DG D 4 9  ? -0.665  -5.651  -0.618  1.00 67.05  ? 10 DG D OP1   1 
ATOM 717 O OP2   . DG D 4 9  ? -0.881  -4.422  1.620   1.00 60.72  ? 10 DG D OP2   1 
ATOM 718 O "O5'" . DG D 4 9  ? -0.486  -6.882  1.534   1.00 60.93  ? 10 DG D "O5'" 1 
ATOM 719 C "C5'" . DG D 4 9  ? -0.645  -6.917  2.938   1.00 63.20  ? 10 DG D "C5'" 1 
ATOM 720 C "C4'" . DG D 4 9  ? -1.872  -7.709  3.334   1.00 73.33  ? 10 DG D "C4'" 1 
ATOM 721 O "O4'" . DG D 4 9  ? -2.176  -7.422  4.725   1.00 75.19  ? 10 DG D "O4'" 1 
ATOM 722 C "C3'" . DG D 4 9  ? -3.147  -7.354  2.566   1.00 71.45  ? 10 DG D "C3'" 1 
ATOM 723 O "O3'" . DG D 4 9  ? -3.316  -8.209  1.457   1.00 72.49  ? 10 DG D "O3'" 1 
ATOM 724 C "C2'" . DG D 4 9  ? -4.219  -7.601  3.608   1.00 71.50  ? 10 DG D "C2'" 1 
ATOM 725 C "C1'" . DG D 4 9  ? -3.531  -7.046  4.837   1.00 74.83  ? 10 DG D "C1'" 1 
ATOM 726 N N9    . DG D 4 9  ? -3.622  -5.594  4.909   1.00 68.22  ? 10 DG D N9    1 
ATOM 727 C C8    . DG D 4 9  ? -2.613  -4.673  4.797   1.00 68.33  ? 10 DG D C8    1 
ATOM 728 N N7    . DG D 4 9  ? -3.027  -3.438  4.903   1.00 70.06  ? 10 DG D N7    1 
ATOM 729 C C5    . DG D 4 9  ? -4.397  -3.561  5.081   1.00 76.27  ? 10 DG D C5    1 
ATOM 730 C C6    . DG D 4 9  ? -5.396  -2.572  5.248   1.00 77.99  ? 10 DG D C6    1 
ATOM 731 O O6    . DG D 4 9  ? -5.264  -1.343  5.278   1.00 85.57  ? 10 DG D O6    1 
ATOM 732 N N1    . DG D 4 9  ? -6.655  -3.140  5.396   1.00 81.82  ? 10 DG D N1    1 
ATOM 733 C C2    . DG D 4 9  ? -6.914  -4.491  5.377   1.00 83.69  ? 10 DG D C2    1 
ATOM 734 N N2    . DG D 4 9  ? -8.181  -4.861  5.524   1.00 92.38  ? 10 DG D N2    1 
ATOM 735 N N3    . DG D 4 9  ? -5.996  -5.415  5.222   1.00 78.52  ? 10 DG D N3    1 
ATOM 736 C C4    . DG D 4 9  ? -4.770  -4.883  5.080   1.00 76.13  ? 10 DG D C4    1 
ATOM 737 P P     . DG D 4 10 ? -4.463  -7.887  0.380   1.00 73.60  ? 11 DG D P     1 
ATOM 738 O OP1   . DG D 4 10 ? -4.167  -8.686  -0.831  1.00 62.47  ? 11 DG D OP1   1 
ATOM 739 O OP2   . DG D 4 10 ? -4.623  -6.413  0.317   1.00 60.38  ? 11 DG D OP2   1 
ATOM 740 O "O5'" . DG D 4 10 ? -5.797  -8.463  1.037   1.00 71.95  ? 11 DG D "O5'" 1 
ATOM 741 C "C5'" . DG D 4 10 ? -7.005  -8.371  0.325   1.00 63.23  ? 11 DG D "C5'" 1 
ATOM 742 C "C4'" . DG D 4 10 ? -8.043  -7.619  1.124   1.00 66.72  ? 11 DG D "C4'" 1 
ATOM 743 O "O4'" . DG D 4 10 ? -7.436  -6.528  1.823   1.00 65.01  ? 11 DG D "O4'" 1 
ATOM 744 C "C3'" . DG D 4 10 ? -9.113  -6.951  0.292   1.00 87.67  ? 11 DG D "C3'" 1 
ATOM 745 O "O3'" . DG D 4 10 ? -10.142 -7.867  0.023   1.00 98.31  ? 11 DG D "O3'" 1 
ATOM 746 C "C2'" . DG D 4 10 ? -9.603  -5.813  1.197   1.00 88.37  ? 11 DG D "C2'" 1 
ATOM 747 C "C1'" . DG D 4 10 ? -8.473  -5.660  2.220   1.00 75.20  ? 11 DG D "C1'" 1 
ATOM 748 N N9    . DG D 4 10 ? -7.950  -4.304  2.331   1.00 79.93  ? 11 DG D N9    1 
ATOM 749 C C8    . DG D 4 10 ? -6.686  -3.875  2.010   1.00 82.35  ? 11 DG D C8    1 
ATOM 750 N N7    . DG D 4 10 ? -6.497  -2.604  2.234   1.00 82.10  ? 11 DG D N7    1 
ATOM 751 C C5    . DG D 4 10 ? -7.716  -2.162  2.735   1.00 90.90  ? 11 DG D C5    1 
ATOM 752 C C6    . DG D 4 10 ? -8.110  -0.870  3.158   1.00 97.33  ? 11 DG D C6    1 
ATOM 753 O O6    . DG D 4 10 ? -7.438  0.169   3.167   1.00 102.17 ? 11 DG D O6    1 
ATOM 754 N N1    . DG D 4 10 ? -9.431  -0.853  3.602   1.00 93.70  ? 11 DG D N1    1 
ATOM 755 C C2    . DG D 4 10 ? -10.265 -1.948  3.633   1.00 93.06  ? 11 DG D C2    1 
ATOM 756 N N2    . DG D 4 10 ? -11.506 -1.737  4.094   1.00 100.21 ? 11 DG D N2    1 
ATOM 757 N N3    . DG D 4 10 ? -9.907  -3.165  3.241   1.00 90.96  ? 11 DG D N3    1 
ATOM 758 C C4    . DG D 4 10 ? -8.620  -3.197  2.806   1.00 88.89  ? 11 DG D C4    1 
ATOM 759 P P     . DT D 4 11 ? -11.127 -7.605  -1.212  1.00 95.52  ? 12 DT D P     1 
ATOM 760 O OP1   . DT D 4 11 ? -11.911 -8.845  -1.423  1.00 99.40  ? 12 DT D OP1   1 
ATOM 761 O OP2   . DT D 4 11 ? -10.306 -7.035  -2.305  1.00 90.20  ? 12 DT D OP2   1 
ATOM 762 O "O5'" . DT D 4 11 ? -12.098 -6.455  -0.679  1.00 88.33  ? 12 DT D "O5'" 1 
ATOM 763 C "C5'" . DT D 4 11 ? -13.070 -6.753  0.311   1.00 95.27  ? 12 DT D "C5'" 1 
ATOM 764 C "C4'" . DT D 4 11 ? -14.002 -5.577  0.509   1.00 103.29 ? 12 DT D "C4'" 1 
ATOM 765 O "O4'" . DT D 4 11 ? -13.233 -4.433  0.964   1.00 100.39 ? 12 DT D "O4'" 1 
ATOM 766 C "C3'" . DT D 4 11 ? -14.725 -5.114  -0.756  1.00 107.92 ? 12 DT D "C3'" 1 
ATOM 767 O "O3'" . DT D 4 11 ? -16.021 -4.605  -0.432  1.00 114.81 ? 12 DT D "O3'" 1 
ATOM 768 C "C2'" . DT D 4 11 ? -13.813 -4.008  -1.260  1.00 103.91 ? 12 DT D "C2'" 1 
ATOM 769 C "C1'" . DT D 4 11 ? -13.380 -3.371  0.049   1.00 101.09 ? 12 DT D "C1'" 1 
ATOM 770 N N1    . DT D 4 11 ? -12.094 -2.664  -0.052  1.00 101.37 ? 12 DT D N1    1 
ATOM 771 C C2    . DT D 4 11 ? -11.998 -1.375  0.414   1.00 105.31 ? 12 DT D C2    1 
ATOM 772 O O2    . DT D 4 11 ? -12.932 -0.777  0.922   1.00 106.78 ? 12 DT D O2    1 
ATOM 773 N N3    . DT D 4 11 ? -10.762 -0.806  0.268   1.00 106.10 ? 12 DT D N3    1 
ATOM 774 C C4    . DT D 4 11 ? -9.637  -1.388  -0.289  1.00 99.19  ? 12 DT D C4    1 
ATOM 775 O O4    . DT D 4 11 ? -8.569  -0.792  -0.377  1.00 99.07  ? 12 DT D O4    1 
ATOM 776 C C5    . DT D 4 11 ? -9.812  -2.743  -0.761  1.00 94.51  ? 12 DT D C5    1 
ATOM 777 C C7    . DT D 4 11 ? -8.666  -3.480  -1.386  1.00 93.36  ? 12 DT D C7    1 
ATOM 778 C C6    . DT D 4 11 ? -11.017 -3.306  -0.622  1.00 96.31  ? 12 DT D C6    1 
ATOM 779 P P     . DC D 4 12 ? -17.336 -5.165  -1.177  1.00 122.03 ? 13 DC D P     1 
ATOM 780 O OP1   . DC D 4 12 ? -18.513 -4.840  -0.339  1.00 118.68 ? 13 DC D OP1   1 
ATOM 781 O OP2   . DC D 4 12 ? -17.077 -6.572  -1.555  1.00 122.17 ? 13 DC D OP2   1 
ATOM 782 O "O5'" . DC D 4 12 ? -17.430 -4.316  -2.532  1.00 117.03 ? 13 DC D "O5'" 1 
ATOM 783 C "C5'" . DC D 4 12 ? -16.829 -3.025  -2.629  1.00 112.80 ? 13 DC D "C5'" 1 
ATOM 784 C "C4'" . DC D 4 12 ? -17.487 -2.033  -1.688  1.00 117.99 ? 13 DC D "C4'" 1 
ATOM 785 O "O4'" . DC D 4 12 ? -16.464 -1.326  -0.945  1.00 107.40 ? 13 DC D "O4'" 1 
ATOM 786 C "C3'" . DC D 4 12 ? -18.299 -0.951  -2.375  1.00 131.04 ? 13 DC D "C3'" 1 
ATOM 787 O "O3'" . DC D 4 12 ? -19.327 -0.480  -1.512  1.00 143.51 ? 13 DC D "O3'" 1 
ATOM 788 C "C2'" . DC D 4 12 ? -17.254 0.126   -2.652  1.00 124.39 ? 13 DC D "C2'" 1 
ATOM 789 C "C1'" . DC D 4 12 ? -16.297 -0.020  -1.469  1.00 113.42 ? 13 DC D "C1'" 1 
ATOM 790 N N1    . DC D 4 12 ? -14.875 0.143   -1.852  1.00 111.27 ? 13 DC D N1    1 
ATOM 791 C C2    . DC D 4 12 ? -14.221 1.351   -1.602  1.00 117.21 ? 13 DC D C2    1 
ATOM 792 O O2    . DC D 4 12 ? -14.842 2.271   -1.054  1.00 115.12 ? 13 DC D O2    1 
ATOM 793 N N3    . DC D 4 12 ? -12.917 1.477   -1.966  1.00 121.81 ? 13 DC D N3    1 
ATOM 794 C C4    . DC D 4 12 ? -12.286 0.456   -2.556  1.00 118.22 ? 13 DC D C4    1 
ATOM 795 N N4    . DC D 4 12 ? -11.006 0.620   -2.900  1.00 115.10 ? 13 DC D N4    1 
ATOM 796 C C5    . DC D 4 12 ? -12.944 -0.780  -2.820  1.00 114.88 ? 13 DC D C5    1 
ATOM 797 C C6    . DC D 4 12 ? -14.222 -0.887  -2.458  1.00 111.45 ? 13 DC D C6    1 
ATOM 798 P P     . DT D 4 13 ? -20.522 0.421   -2.098  1.00 154.89 ? 14 DT D P     1 
ATOM 799 O OP1   . DT D 4 13 ? -21.633 0.394   -1.119  1.00 153.03 ? 14 DT D OP1   1 
ATOM 800 O OP2   . DT D 4 13 ? -20.765 0.001   -3.498  1.00 143.94 ? 14 DT D OP2   1 
ATOM 801 O "O5'" . DT D 4 13 ? -19.899 1.893   -2.137  1.00 143.89 ? 14 DT D "O5'" 1 
ATOM 802 C "C5'" . DT D 4 13 ? -20.018 2.682   -3.310  1.00 141.25 ? 14 DT D "C5'" 1 
ATOM 803 C "C4'" . DT D 4 13 ? -19.092 3.883   -3.249  1.00 141.12 ? 14 DT D "C4'" 1 
ATOM 804 O "O4'" . DT D 4 13 ? -17.725 3.437   -3.215  1.00 129.30 ? 14 DT D "O4'" 1 
ATOM 805 C "C3'" . DT D 4 13 ? -19.187 4.819   -4.449  1.00 147.04 ? 14 DT D "C3'" 1 
ATOM 806 O "O3'" . DT D 4 13 ? -19.933 5.974   -4.100  1.00 156.67 ? 14 DT D "O3'" 1 
ATOM 807 C "C2'" . DT D 4 13 ? -17.728 5.169   -4.797  1.00 140.17 ? 14 DT D "C2'" 1 
ATOM 808 C "C1'" . DT D 4 13 ? -16.912 4.459   -3.721  1.00 131.76 ? 14 DT D "C1'" 1 
ATOM 809 N N1    . DT D 4 13 ? -15.656 3.843   -4.232  1.00 132.76 ? 14 DT D N1    1 
ATOM 810 C C2    . DT D 4 13 ? -14.478 4.549   -4.149  1.00 137.05 ? 14 DT D C2    1 
ATOM 811 O O2    . DT D 4 13 ? -14.405 5.672   -3.678  1.00 139.88 ? 14 DT D O2    1 
ATOM 812 N N3    . DT D 4 13 ? -13.379 3.891   -4.642  1.00 134.81 ? 14 DT D N3    1 
ATOM 813 C C4    . DT D 4 13 ? -13.343 2.623   -5.198  1.00 131.28 ? 14 DT D C4    1 
ATOM 814 O O4    . DT D 4 13 ? -12.303 2.118   -5.614  1.00 127.62 ? 14 DT D O4    1 
ATOM 815 C C5    . DT D 4 13 ? -14.614 1.937   -5.252  1.00 127.97 ? 14 DT D C5    1 
ATOM 816 C C7    . DT D 4 13 ? -14.703 0.556   -5.831  1.00 121.00 ? 14 DT D C7    1 
ATOM 817 C C6    . DT D 4 13 ? -15.695 2.572   -4.772  1.00 127.77 ? 14 DT D C6    1 
ATOM 818 P P     . DG D 4 14 ? -20.659 6.841   -5.241  1.00 165.83 ? 15 DG D P     1 
ATOM 819 O OP1   . DG D 4 14 ? -21.699 7.670   -4.591  1.00 168.83 ? 15 DG D OP1   1 
ATOM 820 O OP2   . DG D 4 14 ? -21.025 5.917   -6.340  1.00 166.64 ? 15 DG D OP2   1 
ATOM 821 O "O5'" . DG D 4 14 ? -19.510 7.824   -5.755  1.00 155.60 ? 15 DG D "O5'" 1 
ATOM 822 C "C5'" . DG D 4 14 ? -18.800 8.635   -4.825  1.00 153.80 ? 15 DG D "C5'" 1 
ATOM 823 C "C4'" . DG D 4 14 ? -17.537 9.179   -5.456  1.00 148.03 ? 15 DG D "C4'" 1 
ATOM 824 O "O4'" . DG D 4 14 ? -16.616 8.083   -5.707  1.00 143.54 ? 15 DG D "O4'" 1 
ATOM 825 C "C3'" . DG D 4 14 ? -17.755 9.871   -6.806  1.00 148.89 ? 15 DG D "C3'" 1 
ATOM 826 O "O3'" . DG D 4 14 ? -17.066 11.114  -6.848  1.00 154.35 ? 15 DG D "O3'" 1 
ATOM 827 C "C2'" . DG D 4 14 ? -17.182 8.882   -7.814  1.00 143.70 ? 15 DG D "C2'" 1 
ATOM 828 C "C1'" . DG D 4 14 ? -16.087 8.218   -7.001  1.00 142.67 ? 15 DG D "C1'" 1 
ATOM 829 N N9    . DG D 4 14 ? -15.724 6.904   -7.514  1.00 141.21 ? 15 DG D N9    1 
ATOM 830 C C8    . DG D 4 14 ? -16.577 5.875   -7.831  1.00 136.96 ? 15 DG D C8    1 
ATOM 831 N N7    . DG D 4 14 ? -15.968 4.819   -8.292  1.00 136.59 ? 15 DG D N7    1 
ATOM 832 C C5    . DG D 4 14 ? -14.624 5.177   -8.295  1.00 139.56 ? 15 DG D C5    1 
ATOM 833 C C6    . DG D 4 14 ? -13.485 4.437   -8.692  1.00 136.10 ? 15 DG D C6    1 
ATOM 834 O O6    . DG D 4 14 ? -13.435 3.282   -9.134  1.00 135.29 ? 15 DG D O6    1 
ATOM 835 N N1    . DG D 4 14 ? -12.312 5.173   -8.532  1.00 133.83 ? 15 DG D N1    1 
ATOM 836 C C2    . DG D 4 14 ? -12.249 6.461   -8.051  1.00 135.16 ? 15 DG D C2    1 
ATOM 837 N N2    . DG D 4 14 ? -11.028 7.006   -7.970  1.00 135.48 ? 15 DG D N2    1 
ATOM 838 N N3    . DG D 4 14 ? -13.310 7.163   -7.676  1.00 137.27 ? 15 DG D N3    1 
ATOM 839 C C4    . DG D 4 14 ? -14.459 6.460   -7.823  1.00 141.43 ? 15 DG D C4    1 
ATOM 840 P P     . DC D 4 15 ? -17.378 12.162  -8.026  1.00 165.66 ? 16 DC D P     1 
ATOM 841 O OP1   . DC D 4 15 ? -16.881 13.494  -7.608  1.00 162.07 ? 16 DC D OP1   1 
ATOM 842 O OP2   . DC D 4 15 ? -18.802 11.986  -8.396  1.00 161.97 ? 16 DC D OP2   1 
ATOM 843 O "O5'" . DC D 4 15 ? -16.488 11.644  -9.251  1.00 146.86 ? 16 DC D "O5'" 1 
ATOM 844 C "C5'" . DC D 4 15 ? -15.650 12.550  -9.955  1.00 141.87 ? 16 DC D "C5'" 1 
ATOM 845 C "C4'" . DC D 4 15 ? -14.269 12.595  -9.329  1.00 136.89 ? 16 DC D "C4'" 1 
ATOM 846 O "O4'" . DC D 4 15 ? -13.866 11.253  -8.966  1.00 138.46 ? 16 DC D "O4'" 1 
ATOM 847 C "C3'" . DC D 4 15 ? -13.172 13.102  -10.243 1.00 134.07 ? 16 DC D "C3'" 1 
ATOM 848 O "O3'" . DC D 4 15 ? -12.099 13.627  -9.469  1.00 134.92 ? 16 DC D "O3'" 1 
ATOM 849 C "C2'" . DC D 4 15 ? -12.765 11.832  -10.980 1.00 133.46 ? 16 DC D "C2'" 1 
ATOM 850 C "C1'" . DC D 4 15 ? -12.907 10.769  -9.890  1.00 137.23 ? 16 DC D "C1'" 1 
ATOM 851 N N1    . DC D 4 15 ? -13.374 9.445   -10.403 1.00 141.46 ? 16 DC D N1    1 
ATOM 852 C C2    . DC D 4 15 ? -12.453 8.548   -10.960 1.00 137.42 ? 16 DC D C2    1 
ATOM 853 O O2    . DC D 4 15 ? -11.258 8.868   -11.021 1.00 134.10 ? 16 DC D O2    1 
ATOM 854 N N3    . DC D 4 15 ? -12.900 7.351   -11.419 1.00 137.92 ? 16 DC D N3    1 
ATOM 855 C C4    . DC D 4 15 ? -14.198 7.042   -11.336 1.00 139.29 ? 16 DC D C4    1 
ATOM 856 N N4    . DC D 4 15 ? -14.592 5.851   -11.803 1.00 136.61 ? 16 DC D N4    1 
ATOM 857 C C5    . DC D 4 15 ? -15.149 7.943   -10.773 1.00 138.13 ? 16 DC D C5    1 
ATOM 858 C C6    . DC D 4 15 ? -14.698 9.119   -10.323 1.00 141.15 ? 16 DC D C6    1 
# 
loop_
_pdbx_poly_seq_scheme.asym_id 
_pdbx_poly_seq_scheme.entity_id 
_pdbx_poly_seq_scheme.seq_id 
_pdbx_poly_seq_scheme.mon_id 
_pdbx_poly_seq_scheme.ndb_seq_num 
_pdbx_poly_seq_scheme.pdb_seq_num 
_pdbx_poly_seq_scheme.auth_seq_num 
_pdbx_poly_seq_scheme.pdb_mon_id 
_pdbx_poly_seq_scheme.auth_mon_id 
_pdbx_poly_seq_scheme.pdb_strand_id 
_pdbx_poly_seq_scheme.pdb_ins_code 
_pdbx_poly_seq_scheme.hetero 
A 1 1  DG 1  1  1  DG DG A . n 
A 1 2  DA 2  2  2  DA DA A . n 
A 1 3  DG 3  3  3  DG DG A . n 
A 1 4  DC 4  4  4  DC DC A . n 
A 1 5  DA 5  5  5  DA DA A . n 
A 1 6  DG 6  6  6  DG DG A . n 
A 1 7  DA 7  7  7  DA DA A . n 
A 1 8  DC 8  8  8  DC DC A . n 
A 1 9  DG 9  9  9  DG DG A . n 
A 1 10 DT 10 10 10 DT DT A . n 
A 1 11 DG 11 11 11 DG DG A . n 
A 1 12 DA 12 12 12 DA DA A . n 
B 2 1  DC 1  12 12 DC DC B . n 
B 2 2  DG 2  13 13 DG DG B . n 
B 2 3  DA 3  14 14 DA DA B . n 
B 2 4  DG 4  15 15 DG DG B . n 
B 2 5  DA 5  16 16 DA DA B . n 
B 2 6  DC 6  17 17 DC DC B . n 
B 2 7  DT 7  18 18 DT DT B . n 
B 2 8  DC 8  19 19 DC DC B . n 
B 2 9  DA 9  20 20 DA DA B . n 
C 3 1  DT 1  0  0  DT DT C . n 
C 3 2  DC 2  1  1  DC DC C . n 
C 3 3  DA 3  2  2  DA DA C . n 
C 3 4  DT 4  3  3  DT DT C . n 
C 3 5  DC 5  4  4  DC DC C . n 
C 3 6  DG 6  5  5  DG DG C . n 
D 4 1  DT 1  2  2  DT DT D . n 
D 4 2  DC 2  3  3  DC DC D . n 
D 4 3  DT 3  4  4  DT DT D . n 
D 4 4  DG 4  5  5  DG DG D . n 
D 4 5  DA 5  6  6  DA DA D . n 
D 4 6  DG 6  7  7  DG DG D . n 
D 4 7  DT 7  8  8  DT DT D . n 
D 4 8  DC 8  9  9  DC DC D . n 
D 4 9  DG 9  10 10 DG DG D . n 
D 4 10 DG 10 11 11 DG DG D . n 
D 4 11 DT 11 12 12 DT DT D . n 
D 4 12 DC 12 13 13 DC DC D . n 
D 4 13 DT 13 14 14 DT DT D . n 
D 4 14 DG 14 15 15 DG DG D . n 
D 4 15 DC 15 16 16 DC DC D . n 
# 
_pdbx_struct_assembly.id                   1 
_pdbx_struct_assembly.details              author_defined_assembly 
_pdbx_struct_assembly.method_details       ? 
_pdbx_struct_assembly.oligomeric_details   tetrameric 
_pdbx_struct_assembly.oligomeric_count     4 
# 
_pdbx_struct_assembly_gen.assembly_id       1 
_pdbx_struct_assembly_gen.oper_expression   1 
_pdbx_struct_assembly_gen.asym_id_list      A,B,C,D 
# 
_pdbx_struct_oper_list.id                   1 
_pdbx_struct_oper_list.type                 'identity operation' 
_pdbx_struct_oper_list.name                 1_555 
_pdbx_struct_oper_list.symmetry_operation   x,y,z 
_pdbx_struct_oper_list.matrix[1][1]         1.0000000000 
_pdbx_struct_oper_list.matrix[1][2]         0.0000000000 
_pdbx_struct_oper_list.matrix[1][3]         0.0000000000 
_pdbx_struct_oper_list.vector[1]            0.0000000000 
_pdbx_struct_oper_list.matrix[2][1]         0.0000000000 
_pdbx_struct_oper_list.matrix[2][2]         1.0000000000 
_pdbx_struct_oper_list.matrix[2][3]         0.0000000000 
_pdbx_struct_oper_list.vector[2]            0.0000000000 
_pdbx_struct_oper_list.matrix[3][1]         0.0000000000 
_pdbx_struct_oper_list.matrix[3][2]         0.0000000000 
_pdbx_struct_oper_list.matrix[3][3]         1.0000000000 
_pdbx_struct_oper_list.vector[3]            0.0000000000 
# 
loop_
_pdbx_audit_revision_history.ordinal 
_pdbx_audit_revision_history.data_content_type 
_pdbx_audit_revision_history.major_revision 
_pdbx_audit_revision_history.minor_revision 
_pdbx_audit_revision_history.revision_date 
1 'Structure model' 1 0 2021-07-14 
2 'Structure model' 1 1 2022-07-06 
3 'Structure model' 1 2 2023-10-18 
# 
_pdbx_audit_revision_details.ordinal             1 
_pdbx_audit_revision_details.revision_ordinal    1 
_pdbx_audit_revision_details.data_content_type   'Structure model' 
_pdbx_audit_revision_details.provider            repository 
_pdbx_audit_revision_details.type                'Initial release' 
_pdbx_audit_revision_details.description         ? 
_pdbx_audit_revision_details.details             ? 
# 
loop_
_pdbx_audit_revision_group.ordinal 
_pdbx_audit_revision_group.revision_ordinal 
_pdbx_audit_revision_group.data_content_type 
_pdbx_audit_revision_group.group 
1 2 'Structure model' 'Database references'    
2 3 'Structure model' 'Data collection'        
3 3 'Structure model' 'Refinement description' 
# 
loop_
_pdbx_audit_revision_category.ordinal 
_pdbx_audit_revision_category.revision_ordinal 
_pdbx_audit_revision_category.data_content_type 
_pdbx_audit_revision_category.category 
1 2 'Structure model' citation                      
2 2 'Structure model' citation_author               
3 2 'Structure model' database_2                    
4 3 'Structure model' chem_comp_atom                
5 3 'Structure model' chem_comp_bond                
6 3 'Structure model' pdbx_initial_refinement_model 
# 
loop_
_pdbx_audit_revision_item.ordinal 
_pdbx_audit_revision_item.revision_ordinal 
_pdbx_audit_revision_item.data_content_type 
_pdbx_audit_revision_item.item 
1  2 'Structure model' '_citation.country'                   
2  2 'Structure model' '_citation.journal_abbrev'            
3  2 'Structure model' '_citation.journal_id_CSD'            
4  2 'Structure model' '_citation.journal_id_ISSN'           
5  2 'Structure model' '_citation.journal_volume'            
6  2 'Structure model' '_citation.page_first'                
7  2 'Structure model' '_citation.page_last'                 
8  2 'Structure model' '_citation.pdbx_database_id_DOI'      
9  2 'Structure model' '_citation.pdbx_database_id_PubMed'   
10 2 'Structure model' '_citation.title'                     
11 2 'Structure model' '_citation.year'                      
12 2 'Structure model' '_database_2.pdbx_DOI'                
13 2 'Structure model' '_database_2.pdbx_database_accession' 
# 
loop_
_software.citation_id 
_software.classification 
_software.compiler_name 
_software.compiler_version 
_software.contact_author 
_software.contact_author_email 
_software.date 
_software.description 
_software.dependencies 
_software.hardware 
_software.language 
_software.location 
_software.mods 
_software.name 
_software.os 
_software.os_version 
_software.type 
_software.version 
_software.pdbx_ordinal 
? 'data reduction'  ? ? ? ? ? ? ? ? ? ? ? HKL-2000    ? ? ? .           1 
? 'data scaling'    ? ? ? ? ? ? ? ? ? ? ? HKL-2000    ? ? ? .           2 
? refinement        ? ? ? ? ? ? ? ? ? ? ? PHENIX      ? ? ? 1.11.1_2575 3 
? 'data extraction' ? ? ? ? ? ? ? ? ? ? ? PDB_EXTRACT ? ? ? 3.25        4 
? phasing           ? ? ? ? ? ? ? ? ? ? ? PHASER      ? ? ? .           5 
# 
loop_
_pdbx_validate_rmsd_angle.id 
_pdbx_validate_rmsd_angle.PDB_model_num 
_pdbx_validate_rmsd_angle.auth_atom_id_1 
_pdbx_validate_rmsd_angle.auth_asym_id_1 
_pdbx_validate_rmsd_angle.auth_comp_id_1 
_pdbx_validate_rmsd_angle.auth_seq_id_1 
_pdbx_validate_rmsd_angle.PDB_ins_code_1 
_pdbx_validate_rmsd_angle.label_alt_id_1 
_pdbx_validate_rmsd_angle.auth_atom_id_2 
_pdbx_validate_rmsd_angle.auth_asym_id_2 
_pdbx_validate_rmsd_angle.auth_comp_id_2 
_pdbx_validate_rmsd_angle.auth_seq_id_2 
_pdbx_validate_rmsd_angle.PDB_ins_code_2 
_pdbx_validate_rmsd_angle.label_alt_id_2 
_pdbx_validate_rmsd_angle.auth_atom_id_3 
_pdbx_validate_rmsd_angle.auth_asym_id_3 
_pdbx_validate_rmsd_angle.auth_comp_id_3 
_pdbx_validate_rmsd_angle.auth_seq_id_3 
_pdbx_validate_rmsd_angle.PDB_ins_code_3 
_pdbx_validate_rmsd_angle.label_alt_id_3 
_pdbx_validate_rmsd_angle.angle_value 
_pdbx_validate_rmsd_angle.angle_target_value 
_pdbx_validate_rmsd_angle.angle_deviation 
_pdbx_validate_rmsd_angle.angle_standard_deviation 
_pdbx_validate_rmsd_angle.linker_flag 
1 1 "O4'" A DG 9  ? ? "C1'" A DG 9  ? ? N9 A DG 9  ? ? 110.70 108.30 2.40 0.30 N 
2 1 "O4'" A DA 12 ? ? "C1'" A DA 12 ? ? N9 A DA 12 ? ? 110.52 108.30 2.22 0.30 N 
3 1 "O4'" C DA 2  ? ? "C1'" C DA 2  ? ? N9 C DA 2  ? ? 110.67 108.30 2.37 0.30 N 
4 1 "O4'" D DA 6  ? ? "C1'" D DA 6  ? ? N9 D DA 6  ? ? 110.19 108.30 1.89 0.30 N 
# 
loop_
_chem_comp_atom.comp_id 
_chem_comp_atom.atom_id 
_chem_comp_atom.type_symbol 
_chem_comp_atom.pdbx_aromatic_flag 
_chem_comp_atom.pdbx_stereo_config 
_chem_comp_atom.pdbx_ordinal 
DA OP3    O N N 1   
DA P      P N N 2   
DA OP1    O N N 3   
DA OP2    O N N 4   
DA "O5'"  O N N 5   
DA "C5'"  C N N 6   
DA "C4'"  C N R 7   
DA "O4'"  O N N 8   
DA "C3'"  C N S 9   
DA "O3'"  O N N 10  
DA "C2'"  C N N 11  
DA "C1'"  C N R 12  
DA N9     N Y N 13  
DA C8     C Y N 14  
DA N7     N Y N 15  
DA C5     C Y N 16  
DA C6     C Y N 17  
DA N6     N N N 18  
DA N1     N Y N 19  
DA C2     C Y N 20  
DA N3     N Y N 21  
DA C4     C Y N 22  
DA HOP3   H N N 23  
DA HOP2   H N N 24  
DA "H5'"  H N N 25  
DA "H5''" H N N 26  
DA "H4'"  H N N 27  
DA "H3'"  H N N 28  
DA "HO3'" H N N 29  
DA "H2'"  H N N 30  
DA "H2''" H N N 31  
DA "H1'"  H N N 32  
DA H8     H N N 33  
DA H61    H N N 34  
DA H62    H N N 35  
DA H2     H N N 36  
DC OP3    O N N 37  
DC P      P N N 38  
DC OP1    O N N 39  
DC OP2    O N N 40  
DC "O5'"  O N N 41  
DC "C5'"  C N N 42  
DC "C4'"  C N R 43  
DC "O4'"  O N N 44  
DC "C3'"  C N S 45  
DC "O3'"  O N N 46  
DC "C2'"  C N N 47  
DC "C1'"  C N R 48  
DC N1     N N N 49  
DC C2     C N N 50  
DC O2     O N N 51  
DC N3     N N N 52  
DC C4     C N N 53  
DC N4     N N N 54  
DC C5     C N N 55  
DC C6     C N N 56  
DC HOP3   H N N 57  
DC HOP2   H N N 58  
DC "H5'"  H N N 59  
DC "H5''" H N N 60  
DC "H4'"  H N N 61  
DC "H3'"  H N N 62  
DC "HO3'" H N N 63  
DC "H2'"  H N N 64  
DC "H2''" H N N 65  
DC "H1'"  H N N 66  
DC H41    H N N 67  
DC H42    H N N 68  
DC H5     H N N 69  
DC H6     H N N 70  
DG OP3    O N N 71  
DG P      P N N 72  
DG OP1    O N N 73  
DG OP2    O N N 74  
DG "O5'"  O N N 75  
DG "C5'"  C N N 76  
DG "C4'"  C N R 77  
DG "O4'"  O N N 78  
DG "C3'"  C N S 79  
DG "O3'"  O N N 80  
DG "C2'"  C N N 81  
DG "C1'"  C N R 82  
DG N9     N Y N 83  
DG C8     C Y N 84  
DG N7     N Y N 85  
DG C5     C Y N 86  
DG C6     C N N 87  
DG O6     O N N 88  
DG N1     N N N 89  
DG C2     C N N 90  
DG N2     N N N 91  
DG N3     N N N 92  
DG C4     C Y N 93  
DG HOP3   H N N 94  
DG HOP2   H N N 95  
DG "H5'"  H N N 96  
DG "H5''" H N N 97  
DG "H4'"  H N N 98  
DG "H3'"  H N N 99  
DG "HO3'" H N N 100 
DG "H2'"  H N N 101 
DG "H2''" H N N 102 
DG "H1'"  H N N 103 
DG H8     H N N 104 
DG H1     H N N 105 
DG H21    H N N 106 
DG H22    H N N 107 
DT OP3    O N N 108 
DT P      P N N 109 
DT OP1    O N N 110 
DT OP2    O N N 111 
DT "O5'"  O N N 112 
DT "C5'"  C N N 113 
DT "C4'"  C N R 114 
DT "O4'"  O N N 115 
DT "C3'"  C N S 116 
DT "O3'"  O N N 117 
DT "C2'"  C N N 118 
DT "C1'"  C N R 119 
DT N1     N N N 120 
DT C2     C N N 121 
DT O2     O N N 122 
DT N3     N N N 123 
DT C4     C N N 124 
DT O4     O N N 125 
DT C5     C N N 126 
DT C7     C N N 127 
DT C6     C N N 128 
DT HOP3   H N N 129 
DT HOP2   H N N 130 
DT "H5'"  H N N 131 
DT "H5''" H N N 132 
DT "H4'"  H N N 133 
DT "H3'"  H N N 134 
DT "HO3'" H N N 135 
DT "H2'"  H N N 136 
DT "H2''" H N N 137 
DT "H1'"  H N N 138 
DT H3     H N N 139 
DT H71    H N N 140 
DT H72    H N N 141 
DT H73    H N N 142 
DT H6     H N N 143 
# 
loop_
_chem_comp_bond.comp_id 
_chem_comp_bond.atom_id_1 
_chem_comp_bond.atom_id_2 
_chem_comp_bond.value_order 
_chem_comp_bond.pdbx_aromatic_flag 
_chem_comp_bond.pdbx_stereo_config 
_chem_comp_bond.pdbx_ordinal 
DA OP3   P      sing N N 1   
DA OP3   HOP3   sing N N 2   
DA P     OP1    doub N N 3   
DA P     OP2    sing N N 4   
DA P     "O5'"  sing N N 5   
DA OP2   HOP2   sing N N 6   
DA "O5'" "C5'"  sing N N 7   
DA "C5'" "C4'"  sing N N 8   
DA "C5'" "H5'"  sing N N 9   
DA "C5'" "H5''" sing N N 10  
DA "C4'" "O4'"  sing N N 11  
DA "C4'" "C3'"  sing N N 12  
DA "C4'" "H4'"  sing N N 13  
DA "O4'" "C1'"  sing N N 14  
DA "C3'" "O3'"  sing N N 15  
DA "C3'" "C2'"  sing N N 16  
DA "C3'" "H3'"  sing N N 17  
DA "O3'" "HO3'" sing N N 18  
DA "C2'" "C1'"  sing N N 19  
DA "C2'" "H2'"  sing N N 20  
DA "C2'" "H2''" sing N N 21  
DA "C1'" N9     sing N N 22  
DA "C1'" "H1'"  sing N N 23  
DA N9    C8     sing Y N 24  
DA N9    C4     sing Y N 25  
DA C8    N7     doub Y N 26  
DA C8    H8     sing N N 27  
DA N7    C5     sing Y N 28  
DA C5    C6     sing Y N 29  
DA C5    C4     doub Y N 30  
DA C6    N6     sing N N 31  
DA C6    N1     doub Y N 32  
DA N6    H61    sing N N 33  
DA N6    H62    sing N N 34  
DA N1    C2     sing Y N 35  
DA C2    N3     doub Y N 36  
DA C2    H2     sing N N 37  
DA N3    C4     sing Y N 38  
DC OP3   P      sing N N 39  
DC OP3   HOP3   sing N N 40  
DC P     OP1    doub N N 41  
DC P     OP2    sing N N 42  
DC P     "O5'"  sing N N 43  
DC OP2   HOP2   sing N N 44  
DC "O5'" "C5'"  sing N N 45  
DC "C5'" "C4'"  sing N N 46  
DC "C5'" "H5'"  sing N N 47  
DC "C5'" "H5''" sing N N 48  
DC "C4'" "O4'"  sing N N 49  
DC "C4'" "C3'"  sing N N 50  
DC "C4'" "H4'"  sing N N 51  
DC "O4'" "C1'"  sing N N 52  
DC "C3'" "O3'"  sing N N 53  
DC "C3'" "C2'"  sing N N 54  
DC "C3'" "H3'"  sing N N 55  
DC "O3'" "HO3'" sing N N 56  
DC "C2'" "C1'"  sing N N 57  
DC "C2'" "H2'"  sing N N 58  
DC "C2'" "H2''" sing N N 59  
DC "C1'" N1     sing N N 60  
DC "C1'" "H1'"  sing N N 61  
DC N1    C2     sing N N 62  
DC N1    C6     sing N N 63  
DC C2    O2     doub N N 64  
DC C2    N3     sing N N 65  
DC N3    C4     doub N N 66  
DC C4    N4     sing N N 67  
DC C4    C5     sing N N 68  
DC N4    H41    sing N N 69  
DC N4    H42    sing N N 70  
DC C5    C6     doub N N 71  
DC C5    H5     sing N N 72  
DC C6    H6     sing N N 73  
DG OP3   P      sing N N 74  
DG OP3   HOP3   sing N N 75  
DG P     OP1    doub N N 76  
DG P     OP2    sing N N 77  
DG P     "O5'"  sing N N 78  
DG OP2   HOP2   sing N N 79  
DG "O5'" "C5'"  sing N N 80  
DG "C5'" "C4'"  sing N N 81  
DG "C5'" "H5'"  sing N N 82  
DG "C5'" "H5''" sing N N 83  
DG "C4'" "O4'"  sing N N 84  
DG "C4'" "C3'"  sing N N 85  
DG "C4'" "H4'"  sing N N 86  
DG "O4'" "C1'"  sing N N 87  
DG "C3'" "O3'"  sing N N 88  
DG "C3'" "C2'"  sing N N 89  
DG "C3'" "H3'"  sing N N 90  
DG "O3'" "HO3'" sing N N 91  
DG "C2'" "C1'"  sing N N 92  
DG "C2'" "H2'"  sing N N 93  
DG "C2'" "H2''" sing N N 94  
DG "C1'" N9     sing N N 95  
DG "C1'" "H1'"  sing N N 96  
DG N9    C8     sing Y N 97  
DG N9    C4     sing Y N 98  
DG C8    N7     doub Y N 99  
DG C8    H8     sing N N 100 
DG N7    C5     sing Y N 101 
DG C5    C6     sing N N 102 
DG C5    C4     doub Y N 103 
DG C6    O6     doub N N 104 
DG C6    N1     sing N N 105 
DG N1    C2     sing N N 106 
DG N1    H1     sing N N 107 
DG C2    N2     sing N N 108 
DG C2    N3     doub N N 109 
DG N2    H21    sing N N 110 
DG N2    H22    sing N N 111 
DG N3    C4     sing N N 112 
DT OP3   P      sing N N 113 
DT OP3   HOP3   sing N N 114 
DT P     OP1    doub N N 115 
DT P     OP2    sing N N 116 
DT P     "O5'"  sing N N 117 
DT OP2   HOP2   sing N N 118 
DT "O5'" "C5'"  sing N N 119 
DT "C5'" "C4'"  sing N N 120 
DT "C5'" "H5'"  sing N N 121 
DT "C5'" "H5''" sing N N 122 
DT "C4'" "O4'"  sing N N 123 
DT "C4'" "C3'"  sing N N 124 
DT "C4'" "H4'"  sing N N 125 
DT "O4'" "C1'"  sing N N 126 
DT "C3'" "O3'"  sing N N 127 
DT "C3'" "C2'"  sing N N 128 
DT "C3'" "H3'"  sing N N 129 
DT "O3'" "HO3'" sing N N 130 
DT "C2'" "C1'"  sing N N 131 
DT "C2'" "H2'"  sing N N 132 
DT "C2'" "H2''" sing N N 133 
DT "C1'" N1     sing N N 134 
DT "C1'" "H1'"  sing N N 135 
DT N1    C2     sing N N 136 
DT N1    C6     sing N N 137 
DT C2    O2     doub N N 138 
DT C2    N3     sing N N 139 
DT N3    C4     sing N N 140 
DT N3    H3     sing N N 141 
DT C4    O4     doub N N 142 
DT C4    C5     sing N N 143 
DT C5    C7     sing N N 144 
DT C5    C6     doub N N 145 
DT C7    H71    sing N N 146 
DT C7    H72    sing N N 147 
DT C7    H73    sing N N 148 
DT C6    H6     sing N N 149 
# 
loop_
_ndb_struct_conf_na.entry_id 
_ndb_struct_conf_na.feature 
7JH8 'double helix'        
7JH8 'a-form double helix' 
7JH8 'b-form double helix' 
# 
loop_
_ndb_struct_na_base_pair.model_number 
_ndb_struct_na_base_pair.i_label_asym_id 
_ndb_struct_na_base_pair.i_label_comp_id 
_ndb_struct_na_base_pair.i_label_seq_id 
_ndb_struct_na_base_pair.i_symmetry 
_ndb_struct_na_base_pair.j_label_asym_id 
_ndb_struct_na_base_pair.j_label_comp_id 
_ndb_struct_na_base_pair.j_label_seq_id 
_ndb_struct_na_base_pair.j_symmetry 
_ndb_struct_na_base_pair.shear 
_ndb_struct_na_base_pair.stretch 
_ndb_struct_na_base_pair.stagger 
_ndb_struct_na_base_pair.buckle 
_ndb_struct_na_base_pair.propeller 
_ndb_struct_na_base_pair.opening 
_ndb_struct_na_base_pair.pair_number 
_ndb_struct_na_base_pair.pair_name 
_ndb_struct_na_base_pair.i_auth_asym_id 
_ndb_struct_na_base_pair.i_auth_seq_id 
_ndb_struct_na_base_pair.i_PDB_ins_code 
_ndb_struct_na_base_pair.j_auth_asym_id 
_ndb_struct_na_base_pair.j_auth_seq_id 
_ndb_struct_na_base_pair.j_PDB_ins_code 
_ndb_struct_na_base_pair.hbond_type_28 
_ndb_struct_na_base_pair.hbond_type_12 
1 A DG 3  1_555 D DC 15 1_555 0.048  0.187  0.811  8.415   -14.432 -4.422  1  A_DG3:DC16_D A 3  ? D 16 ? 19 1 
1 A DC 4  1_555 D DG 14 1_555 0.126  0.022  0.403  -2.154  -13.292 1.340   2  A_DC4:DG15_D A 4  ? D 15 ? 19 1 
1 A DA 5  1_555 D DT 13 1_555 1.074  0.757  -0.295 -4.495  -12.049 -9.219  3  A_DA5:DT14_D A 5  ? D 14 ? ?  ? 
1 A DG 6  1_555 D DC 12 1_555 1.190  -0.084 -0.161 0.929   -8.155  -12.500 4  A_DG6:DC13_D A 6  ? D 13 ? 19 1 
1 A DA 7  1_555 D DT 11 1_555 -0.321 0.326  -0.523 0.267   -5.581  -6.991  5  A_DA7:DT12_D A 7  ? D 12 ? 20 1 
1 A DC 8  1_555 D DG 10 1_555 0.989  -0.603 -0.755 12.288  -11.579 -7.778  6  A_DC8:DG11_D A 8  ? D 11 ? 19 1 
1 A DG 9  1_555 D DG 9  1_555 -1.049 1.075  0.888  5.468   -1.518  -16.517 7  A_DG9:DG10_D A 9  ? D 10 ? ?  ? 
1 A DT 10 1_555 C DA 3  1_555 -1.279 -0.182 -0.283 -6.895  -19.076 -13.311 8  A_DT10:DA2_C A 10 ? C 2  ? 20 1 
1 A DG 11 1_555 C DC 2  1_555 0.312  0.311  0.415  -14.753 -17.782 10.086  9  A_DG11:DC1_C A 11 ? C 1  ? 19 1 
1 A DA 12 1_555 C DT 1  1_555 1.240  0.333  0.250  -9.397  -2.920  -14.996 10 A_DA12:DT0_C A 12 ? C 0  ? 20 1 
1 B DC 1  1_555 C DG 6  1_555 -0.291 -0.114 0.232  -4.608  0.195   -9.406  11 B_DC12:DG5_C B 12 ? C 5  ? 19 1 
1 B DG 2  1_555 C DC 5  1_555 0.483  -0.396 0.093  2.142   3.929   -10.106 12 B_DG13:DC4_C B 13 ? C 4  ? 19 1 
1 B DA 3  1_555 C DT 4  1_555 0.023  -0.371 0.070  7.931   -3.799  2.398   13 B_DA14:DT3_C B 14 ? C 3  ? 20 1 
1 B DG 4  1_555 D DC 8  1_555 -0.254 -0.422 0.979  11.805  -7.825  -5.120  14 B_DG15:DC9_D B 15 ? D 9  ? 19 1 
1 B DA 5  1_555 D DT 7  1_555 1.124  -0.190 0.655  1.881   -12.070 -15.548 15 B_DA16:DT8_D B 16 ? D 8  ? 20 1 
1 B DC 6  1_555 D DG 6  1_555 0.145  -0.370 0.592  -2.696  -5.130  -2.517  16 B_DC17:DG7_D B 17 ? D 7  ? 19 1 
1 B DT 7  1_555 D DA 5  1_555 -0.643 -0.100 -0.459 8.461   -15.267 -2.091  17 B_DT18:DA6_D B 18 ? D 6  ? 20 1 
1 B DC 8  1_555 D DG 4  1_555 0.019  -0.056 -0.434 8.090   -19.359 7.386   18 B_DC19:DG5_D B 19 ? D 5  ? 19 1 
# 
loop_
_ndb_struct_na_base_pair_step.model_number 
_ndb_struct_na_base_pair_step.i_label_asym_id_1 
_ndb_struct_na_base_pair_step.i_label_comp_id_1 
_ndb_struct_na_base_pair_step.i_label_seq_id_1 
_ndb_struct_na_base_pair_step.i_symmetry_1 
_ndb_struct_na_base_pair_step.j_label_asym_id_1 
_ndb_struct_na_base_pair_step.j_label_comp_id_1 
_ndb_struct_na_base_pair_step.j_label_seq_id_1 
_ndb_struct_na_base_pair_step.j_symmetry_1 
_ndb_struct_na_base_pair_step.i_label_asym_id_2 
_ndb_struct_na_base_pair_step.i_label_comp_id_2 
_ndb_struct_na_base_pair_step.i_label_seq_id_2 
_ndb_struct_na_base_pair_step.i_symmetry_2 
_ndb_struct_na_base_pair_step.j_label_asym_id_2 
_ndb_struct_na_base_pair_step.j_label_comp_id_2 
_ndb_struct_na_base_pair_step.j_label_seq_id_2 
_ndb_struct_na_base_pair_step.j_symmetry_2 
_ndb_struct_na_base_pair_step.shift 
_ndb_struct_na_base_pair_step.slide 
_ndb_struct_na_base_pair_step.rise 
_ndb_struct_na_base_pair_step.tilt 
_ndb_struct_na_base_pair_step.roll 
_ndb_struct_na_base_pair_step.twist 
_ndb_struct_na_base_pair_step.x_displacement 
_ndb_struct_na_base_pair_step.y_displacement 
_ndb_struct_na_base_pair_step.helical_rise 
_ndb_struct_na_base_pair_step.inclination 
_ndb_struct_na_base_pair_step.tip 
_ndb_struct_na_base_pair_step.helical_twist 
_ndb_struct_na_base_pair_step.step_number 
_ndb_struct_na_base_pair_step.step_name 
_ndb_struct_na_base_pair_step.i_auth_asym_id_1 
_ndb_struct_na_base_pair_step.i_auth_seq_id_1 
_ndb_struct_na_base_pair_step.i_PDB_ins_code_1 
_ndb_struct_na_base_pair_step.j_auth_asym_id_1 
_ndb_struct_na_base_pair_step.j_auth_seq_id_1 
_ndb_struct_na_base_pair_step.j_PDB_ins_code_1 
_ndb_struct_na_base_pair_step.i_auth_asym_id_2 
_ndb_struct_na_base_pair_step.i_auth_seq_id_2 
_ndb_struct_na_base_pair_step.i_PDB_ins_code_2 
_ndb_struct_na_base_pair_step.j_auth_asym_id_2 
_ndb_struct_na_base_pair_step.j_auth_seq_id_2 
_ndb_struct_na_base_pair_step.j_PDB_ins_code_2 
1 A DG 3  1_555 D DC 15 1_555 A DC 4  1_555 D DG 14 1_555 0.521  -0.602 3.444 3.959   1.191  36.731 -1.120 -0.257 3.459 1.883  
-6.258  36.955 1  AA_DG3DC4:DG15DC16_DD A 3  ? D 16 ? A 4  ? D 15 ? 
1 A DC 4  1_555 D DG 14 1_555 A DA 5  1_555 D DT 13 1_555 -1.079 0.779  3.621 -1.314  1.831  39.170 0.916  1.432  3.685 2.728  
1.959   39.232 2  AA_DC4DA5:DT14DG15_DD A 4  ? D 15 ? A 5  ? D 14 ? 
1 A DA 5  1_555 D DT 13 1_555 A DG 6  1_555 D DC 12 1_555 -0.051 -1.107 3.147 -1.772  2.947  28.484 -2.863 -0.274 3.017 5.962  
3.585   28.687 3  AA_DA5DG6:DC13DT14_DD A 5  ? D 14 ? A 6  ? D 13 ? 
1 A DG 6  1_555 D DC 12 1_555 A DA 7  1_555 D DT 11 1_555 0.037  -0.097 3.190 2.032   0.569  28.447 -0.324 0.377  3.182 1.157  
-4.127  28.524 4  AA_DG6DA7:DT12DC13_DD A 6  ? D 13 ? A 7  ? D 12 ? 
1 A DA 7  1_555 D DT 11 1_555 A DC 8  1_555 D DG 10 1_555 0.657  -0.586 3.101 0.851   2.758  40.547 -1.133 -0.856 3.069 3.973  
-1.226  40.645 5  AA_DA7DC8:DG11DT12_DD A 7  ? D 12 ? A 8  ? D 11 ? 
1 A DC 8  1_555 D DG 10 1_555 A DG 9  1_555 D DG 9  1_555 -0.773 -1.727 3.453 -16.717 5.152  22.158 -4.859 -2.665 2.868 11.393 
36.967  28.163 6  AA_DC8DG9:DG10DG11_DD A 8  ? D 11 ? A 9  ? D 10 ? 
1 A DG 9  1_555 D DG 9  1_555 A DT 10 1_555 C DA 3  1_555 -0.768 -1.765 3.501 9.397   0.271  29.689 -3.344 3.292  3.103 0.512  
-17.786 31.110 7  AA_DG9DT10:DA2DG10_CD A 9  ? D 10 ? A 10 ? C 2  ? 
1 A DT 10 1_555 C DA 3  1_555 A DG 11 1_555 C DC 2  1_555 0.455  0.909  3.713 -4.756  3.119  39.112 0.928  -1.309 3.694 4.629  
7.058   39.507 8  AA_DT10DG11:DC1DA2_CC A 10 ? C 2  ? A 11 ? C 1  ? 
1 A DG 11 1_555 C DC 2  1_555 A DA 12 1_555 C DT 1  1_555 -0.876 -0.503 2.977 1.408   7.393  40.156 -1.447 1.395  2.813 10.654 
-2.029  40.826 9  AA_DG11DA12:DT0DC1_CC A 11 ? C 1  ? A 12 ? C 0  ? 
1 B DC 1  1_555 C DG 6  1_555 B DG 2  1_555 C DC 5  1_555 -0.541 -0.251 3.151 1.279   2.175  43.729 -0.535 0.843  3.120 2.917  
-1.716  43.799 10 BB_DC12DG13:DC4DG5_CC B 12 ? C 5  ? B 13 ? C 4  ? 
1 B DG 2  1_555 C DC 5  1_555 B DA 3  1_555 C DT 4  1_555 0.729  -0.903 3.230 -2.185  3.533  28.087 -2.624 -1.970 3.032 7.229  
4.471   28.386 11 BB_DG13DA14:DT3DC4_CC B 13 ? C 4  ? B 14 ? C 3  ? 
1 B DA 3  1_555 C DT 4  1_555 B DG 4  1_555 D DC 8  1_555 -1.231 -0.654 3.005 -11.399 1.875  29.412 -1.547 0.178  3.203 3.526  
21.438  31.553 12 BB_DA14DG15:DC9DT3_DC B 14 ? C 3  ? B 15 ? D 9  ? 
1 B DG 4  1_555 D DC 8  1_555 B DA 5  1_555 D DT 7  1_555 -1.083 -0.514 3.504 -1.482  -0.679 44.123 -0.616 1.291  3.544 -0.903 
1.972   44.151 13 BB_DG15DA16:DT8DC9_DD B 15 ? D 9  ? B 16 ? D 8  ? 
1 B DA 5  1_555 D DT 7  1_555 B DC 6  1_555 D DG 6  1_555 0.551  -1.575 3.308 -0.154  -2.697 30.567 -2.428 -1.072 3.428 -5.103 
0.291   30.683 14 BB_DA16DC17:DG7DT8_DD B 16 ? D 8  ? B 17 ? D 7  ? 
1 B DC 6  1_555 D DG 6  1_555 B DT 7  1_555 D DA 5  1_555 -0.451 -0.627 2.768 8.590   -4.451 34.859 -0.481 1.749  2.644 -7.258 
-14.007 36.136 15 BB_DC17DT18:DA6DG7_DD B 17 ? D 7  ? B 18 ? D 6  ? 
1 B DT 7  1_555 D DA 5  1_555 B DC 8  1_555 D DG 4  1_555 0.697  0.879  3.454 5.532   3.220  36.002 0.920  -0.284 3.580 5.160  
-8.864  36.548 16 BB_DT18DC19:DG5DA6_DD B 18 ? D 6  ? B 19 ? D 5  ? 
# 
loop_
_pdbx_audit_support.funding_organization 
_pdbx_audit_support.country 
_pdbx_audit_support.grant_number 
_pdbx_audit_support.ordinal 
'National Science Foundation (NSF, United States)'                                         'United States' 1360635     1 
'National Institutes of Health/National Institute of General Medical Sciences (NIH/NIGMS)' 'United States' R01GM104960 2 
'National Science Foundation (NSF, United States)'                                         'United States' NSF2004250  3 
# 
_pdbx_initial_refinement_model.id               1 
_pdbx_initial_refinement_model.entity_id_list   ? 
_pdbx_initial_refinement_model.type             'experimental model' 
_pdbx_initial_refinement_model.source_name      PDB 
_pdbx_initial_refinement_model.accession_code   6XNA 
_pdbx_initial_refinement_model.details          ? 
# 
_pdbx_struct_assembly_auth_evidence.id                     1 
_pdbx_struct_assembly_auth_evidence.assembly_id            1 
_pdbx_struct_assembly_auth_evidence.experimental_support   none 
_pdbx_struct_assembly_auth_evidence.details                ? 
# 
